data_8A7D
#
_entry.id   8A7D
#
_cell.length_a   1.00
_cell.length_b   1.00
_cell.length_c   1.00
_cell.angle_alpha   90.00
_cell.angle_beta   90.00
_cell.angle_gamma   90.00
#
_symmetry.space_group_name_H-M   'P 1'
#
loop_
_entity.id
_entity.type
_entity.pdbx_description
1 polymer Pappalysin-1
2 polymer Stanniocalcin-2
3 non-polymer 2-acetamido-2-deoxy-beta-D-glucopyranose
4 non-polymer 'ZINC ION'
5 non-polymer 'CALCIUM ION'
#
loop_
_entity_poly.entity_id
_entity_poly.type
_entity_poly.pdbx_seq_one_letter_code
_entity_poly.pdbx_strand_id
1 'polypeptide(L)'
;EARGATEEPSPPSRALYFSGRGEQLRLRADLELPRDAFTLQVWLRAEGGQRSPAVITGLYDKCSYISRDRGWVVGIHTIS
DQDNKDPRYFFSLKTDRARQVTTINAHRSYLPGQWVYLAATYDGQFMKLYVNGAQVATSGEQVGGIFSPLTQKCKVLMLG
GSALNHNYRGYIEHFSLWKVARTQREILSDMETHGAHTALPQLLLQENWDNVKHAWSPMKDGSSPKVEFSNAHGFLLDTS
LEPPLCGQTLCDNTEVIASYNQLSSFRQPKVVRYRVVNLYEDDHKNPTVTREQVDFQHHQLAEAFKQYNISWELDVLEVS
NSSLRRRLILANCDISKIGDENCDPECNHTLTGHDGGDCRHLRHPAFVKKQHNGVCDMDCNYERFNFDGGECCDPEITNV
TQTCFDPDSPHRAYLDVNELKNILKLDGSTHLNIFFAKSSEEELAGVATWPWDKEALMHLGGIVLNPSFYGMPGHTHTMI
HQIGHSLGLYHVFRGISEIQSCSDPCMETEPSFETGDLCNDTNPAPKHKSCGDPGPGNDTCGFHSFFNTPYNNFMSYADD
DCTDSFTPNQVARMHCYLDLVYQGWQPSRKPAPVALAPQVLGHTTDSVTLEWFPPIDGHFFERELGSACHLCLEGRILVQ
YASNASSPMPCSPSGHWSPREAEGHPDVEQPCKSSVRTWSPNSAVNPHTVPPACPEPQGCYLELEFLYPLVPESLTIWVT
FVSTDWDSSGAVNDIKLLAVSGKNISLGPQNVFCDVPLTIRLWDVGEEVYGIQIYTLDEHLEIDAAMLTSTADTPLCLQC
KPLKYKVVRDPPLQMDVASILHLNRKFVDMDLNLGSVYQYWVITISGTEESEPSPAVTYIHGSGYCGDGIIQKDQGEQCD
DMNKINGDGCSLFCRQEVSFNCIDEPSRCYFHDGDGVCEEFEQKTSIKDCGVYTPQGFLDQWASNASVSHQDQQCPGWVI
IGQPAASQVCRTKVIDLSEGISQHAWYPCTISYPYSQLAQTTFWLRAYFSQPMVAAAVIVHLVTDGTYYGDQKQETISVQ
LLDTKDQSHDLGLHVLSCRNNPLIIPVVHDLSQPFYHSQAVRVSFSSPLVAISGVALRSFDNFDPVTLSSCQRGETYSPA
EQSCVHFACEKTDCPELAVENASLNCSSSDRYHGAQCTVSCRTGYVLQIRRDDELIKSQTGPSVTVTCTEGKWNKQVACE
PVDCSIPDHHQVYAASFSCPEGTTFGSQCSFQCRHPAQLKGNNSLLTCMEDGLWSFPEALCELMCLAPPPVPNADLQTAR
CRENKHKVGSFCKYKCKPGYHVPGSSRKSKKRAFKTQCTQDGSWQEGACVPVTCDPPPPKFHGLYQCTNGFQFNSECRIK
CEDSDASQGLGSNVIHCRKDGTWNGSFHVCQEMQGQCSVPNELNSNLKLQCPDGYAIGSECATSCLDHNSESIILPMNVT
VRDIPHWLNPTRVERVVCTAGLKWYPHPALIHCVKGCEPFMGDNYCDAINNRAFCNYDGGDCCTSTVKTKKVTPFPMSCD
LQGDCACRDPQAQEHS
;
C,Q
2 'polypeptide(L)'
;RLSLQNTAEIQHCLVNAGDVGCGVFECFENNSCEIRGLHGICMTFLHNAGKFDAQGKSFIKDALKCKAHALRHRFGCISR
KCPAIREMVSQLQRECYLKHDLCAAAQENTRVIVEMIHFKDLLLHEPYVDLVNLLLTCGEEVKEAITHSVQVQCEQNWGS
LCSILSF
;
P
#
loop_
_chem_comp.id
_chem_comp.type
_chem_comp.name
_chem_comp.formula
CA non-polymer 'CALCIUM ION' 'Ca 2'
NAG D-saccharide, beta linking 2-acetamido-2-deoxy-beta-D-glucopyranose 'C8 H15 N O6'
ZN non-polymer 'ZINC ION' 'Zn 2'
#
# COMPACT_ATOMS: atom_id res chain seq x y z
N SER A 13 -28.12 13.87 18.53
CA SER A 13 -27.31 12.66 18.55
C SER A 13 -25.84 12.98 18.39
N ARG A 14 -25.01 12.32 19.18
CA ARG A 14 -23.57 12.54 19.16
C ARG A 14 -22.85 11.26 18.77
N ALA A 15 -21.65 11.41 18.23
CA ALA A 15 -20.85 10.30 17.74
C ALA A 15 -19.42 10.43 18.24
N LEU A 16 -18.81 9.30 18.57
CA LEU A 16 -17.41 9.26 18.95
C LEU A 16 -16.54 9.19 17.70
N TYR A 17 -15.43 9.92 17.74
CA TYR A 17 -14.37 9.77 16.77
C TYR A 17 -13.16 9.17 17.47
N PHE A 18 -12.76 7.99 17.00
CA PHE A 18 -11.55 7.30 17.43
C PHE A 18 -10.45 7.61 16.44
N SER A 19 -9.41 8.31 16.91
CA SER A 19 -8.34 8.78 16.03
C SER A 19 -7.39 7.66 15.60
N GLY A 20 -7.51 6.48 16.17
CA GLY A 20 -6.67 5.36 15.79
C GLY A 20 -5.29 5.35 16.41
N ARG A 21 -5.01 6.25 17.36
CA ARG A 21 -3.70 6.35 17.98
C ARG A 21 -3.63 5.76 19.39
N GLY A 22 -4.75 5.31 19.94
CA GLY A 22 -4.72 4.76 21.28
C GLY A 22 -5.94 5.06 22.13
N GLU A 23 -6.89 5.82 21.59
CA GLU A 23 -8.13 6.08 22.32
C GLU A 23 -8.99 4.81 22.32
N GLN A 24 -9.22 4.27 23.51
CA GLN A 24 -10.08 3.11 23.67
C GLN A 24 -10.96 3.33 24.89
N LEU A 25 -12.10 2.65 24.91
CA LEU A 25 -13.01 2.69 26.04
C LEU A 25 -13.19 1.29 26.59
N ARG A 26 -13.70 1.22 27.81
CA ARG A 26 -13.93 -0.05 28.49
C ARG A 26 -15.18 0.09 29.32
N LEU A 27 -16.17 -0.76 29.05
CA LEU A 27 -17.43 -0.70 29.77
C LEU A 27 -17.21 -1.00 31.25
N ARG A 28 -17.86 -0.20 32.10
CA ARG A 28 -17.70 -0.37 33.55
C ARG A 28 -18.28 -1.71 33.99
N ALA A 29 -17.63 -2.32 34.98
CA ALA A 29 -17.95 -3.67 35.42
C ALA A 29 -19.32 -3.78 36.08
N ASP A 30 -20.07 -2.69 36.20
CA ASP A 30 -21.38 -2.74 36.84
C ASP A 30 -22.43 -3.48 36.02
N LEU A 31 -22.18 -3.72 34.73
CA LEU A 31 -23.17 -4.29 33.83
C LEU A 31 -22.96 -5.78 33.66
N GLU A 32 -24.06 -6.52 33.65
CA GLU A 32 -24.03 -7.98 33.47
C GLU A 32 -23.96 -8.28 31.98
N LEU A 33 -22.77 -8.66 31.52
CA LEU A 33 -22.57 -8.96 30.12
C LEU A 33 -23.33 -10.22 29.72
N PRO A 34 -23.75 -10.32 28.46
CA PRO A 34 -24.57 -11.47 28.04
C PRO A 34 -23.75 -12.73 27.87
N ARG A 35 -24.33 -13.85 28.32
CA ARG A 35 -23.65 -15.15 28.29
C ARG A 35 -24.11 -16.02 27.13
N ASP A 36 -25.40 -16.31 27.05
CA ASP A 36 -25.90 -17.32 26.11
C ASP A 36 -26.18 -16.75 24.73
N ALA A 37 -26.76 -15.56 24.65
CA ALA A 37 -27.09 -14.95 23.36
C ALA A 37 -26.86 -13.45 23.45
N PHE A 38 -26.50 -12.84 22.33
CA PHE A 38 -26.27 -11.40 22.35
C PHE A 38 -26.51 -10.81 20.97
N THR A 39 -26.67 -9.48 20.95
CA THR A 39 -26.90 -8.72 19.73
C THR A 39 -26.21 -7.37 19.85
N LEU A 40 -25.17 -7.17 19.04
CA LEU A 40 -24.50 -5.90 18.90
C LEU A 40 -25.10 -5.10 17.74
N GLN A 41 -25.31 -3.81 17.96
CA GLN A 41 -25.84 -2.91 16.94
C GLN A 41 -25.09 -1.59 17.05
N VAL A 42 -24.29 -1.26 16.03
CA VAL A 42 -23.51 -0.03 16.07
C VAL A 42 -23.54 0.63 14.70
N TRP A 43 -23.89 1.92 14.66
CA TRP A 43 -23.65 2.72 13.48
C TRP A 43 -22.18 3.13 13.47
N LEU A 44 -21.56 3.10 12.30
CA LEU A 44 -20.17 3.52 12.28
C LEU A 44 -19.81 4.04 10.90
N ARG A 45 -18.91 5.01 10.89
CA ARG A 45 -18.37 5.55 9.64
C ARG A 45 -16.87 5.33 9.70
N ALA A 46 -16.44 4.17 9.22
CA ALA A 46 -15.03 3.84 9.22
C ALA A 46 -14.30 4.63 8.14
N GLU A 47 -13.06 5.00 8.43
CA GLU A 47 -12.24 5.68 7.44
C GLU A 47 -11.41 4.66 6.66
N GLY A 48 -10.84 5.12 5.55
CA GLY A 48 -9.95 4.28 4.80
C GLY A 48 -8.65 4.03 5.53
N GLY A 49 -7.98 2.94 5.16
CA GLY A 49 -6.68 2.64 5.73
C GLY A 49 -6.70 2.40 7.22
N GLN A 50 -7.28 1.28 7.64
CA GLN A 50 -7.27 0.86 9.03
C GLN A 50 -6.05 -0.02 9.32
N ARG A 51 -5.69 -0.08 10.59
CA ARG A 51 -4.78 -1.12 11.04
C ARG A 51 -5.47 -2.47 10.93
N SER A 52 -4.75 -3.46 10.39
CA SER A 52 -5.32 -4.78 10.20
C SER A 52 -4.83 -5.71 11.29
N PRO A 53 -5.71 -6.24 12.16
CA PRO A 53 -7.16 -5.99 12.27
C PRO A 53 -7.44 -4.74 13.09
N ALA A 54 -8.67 -4.21 12.98
CA ALA A 54 -9.10 -3.00 13.66
C ALA A 54 -10.37 -3.36 14.42
N VAL A 55 -10.24 -3.61 15.72
CA VAL A 55 -11.36 -4.03 16.54
C VAL A 55 -12.26 -2.84 16.81
N ILE A 56 -13.48 -2.88 16.27
CA ILE A 56 -14.49 -1.89 16.62
C ILE A 56 -14.95 -2.07 18.07
N THR A 57 -15.25 -3.30 18.45
CA THR A 57 -15.66 -3.64 19.81
C THR A 57 -15.53 -5.14 20.00
N GLY A 58 -15.31 -5.53 21.24
CA GLY A 58 -15.15 -6.95 21.53
C GLY A 58 -15.36 -7.26 22.99
N LEU A 59 -15.63 -8.55 23.23
CA LEU A 59 -15.66 -9.13 24.57
C LEU A 59 -14.34 -9.86 24.78
N TYR A 60 -13.69 -9.59 25.90
CA TYR A 60 -12.38 -10.17 26.17
C TYR A 60 -12.34 -10.80 27.55
N ASP A 61 -11.46 -11.79 27.69
CA ASP A 61 -11.21 -12.46 28.95
C ASP A 61 -9.92 -11.88 29.55
N LYS A 62 -10.05 -11.21 30.69
CA LYS A 62 -8.90 -10.62 31.36
C LYS A 62 -8.21 -11.59 32.32
N CYS A 63 -8.82 -12.76 32.58
CA CYS A 63 -8.25 -13.72 33.51
C CYS A 63 -7.54 -14.89 32.84
N SER A 64 -7.90 -15.20 31.60
CA SER A 64 -7.29 -16.31 30.89
C SER A 64 -5.86 -15.92 30.53
N TYR A 65 -4.90 -16.41 31.33
CA TYR A 65 -3.50 -16.08 31.09
C TYR A 65 -2.95 -16.72 29.81
N ILE A 66 -3.59 -17.79 29.33
CA ILE A 66 -3.05 -18.60 28.25
C ILE A 66 -3.81 -18.35 26.94
N SER A 67 -5.13 -18.45 26.98
CA SER A 67 -5.96 -18.35 25.79
C SER A 67 -6.75 -17.04 25.87
N ARG A 68 -6.21 -15.99 25.26
CA ARG A 68 -6.91 -14.71 25.16
C ARG A 68 -7.95 -14.69 24.04
N ASP A 69 -7.95 -15.68 23.16
CA ASP A 69 -8.89 -15.70 22.05
C ASP A 69 -10.32 -15.99 22.48
N ARG A 70 -10.54 -16.35 23.75
CA ARG A 70 -11.90 -16.51 24.24
C ARG A 70 -12.63 -15.18 24.23
N GLY A 71 -13.94 -15.26 24.03
CA GLY A 71 -14.74 -14.07 23.82
C GLY A 71 -14.94 -13.81 22.34
N TRP A 72 -15.51 -12.65 22.04
CA TRP A 72 -15.83 -12.30 20.67
C TRP A 72 -15.33 -10.91 20.35
N VAL A 73 -15.32 -10.60 19.06
CA VAL A 73 -14.69 -9.40 18.52
C VAL A 73 -15.42 -9.02 17.24
N VAL A 74 -15.78 -7.76 17.10
CA VAL A 74 -16.33 -7.24 15.85
C VAL A 74 -15.40 -6.15 15.36
N GLY A 75 -15.02 -6.22 14.09
CA GLY A 75 -14.08 -5.23 13.58
C GLY A 75 -13.88 -5.24 12.09
N ILE A 76 -12.71 -4.80 11.65
CA ILE A 76 -12.36 -4.71 10.23
C ILE A 76 -11.01 -5.38 10.04
N HIS A 77 -10.96 -6.43 9.24
CA HIS A 77 -9.67 -7.06 8.96
C HIS A 77 -9.61 -7.47 7.50
N THR A 78 -8.38 -7.66 7.02
CA THR A 78 -8.15 -7.95 5.61
C THR A 78 -8.31 -9.44 5.34
N ILE A 79 -9.15 -9.76 4.38
CA ILE A 79 -9.21 -11.10 3.82
C ILE A 79 -8.03 -11.24 2.86
N SER A 80 -7.57 -12.48 2.65
CA SER A 80 -6.32 -12.75 1.94
C SER A 80 -5.17 -12.04 2.65
N ASP A 81 -4.88 -12.54 3.87
CA ASP A 81 -3.93 -11.90 4.76
C ASP A 81 -2.58 -11.65 4.09
N GLN A 82 -2.16 -12.55 3.20
CA GLN A 82 -0.99 -12.30 2.38
C GLN A 82 -1.27 -11.12 1.45
N ASP A 83 -0.45 -10.08 1.51
CA ASP A 83 -0.70 -8.86 0.75
C ASP A 83 -2.05 -8.26 1.14
N ASN A 84 -2.08 -7.71 2.36
CA ASN A 84 -3.34 -7.25 2.92
C ASN A 84 -4.03 -6.30 1.95
N LYS A 85 -5.13 -6.76 1.39
CA LYS A 85 -5.72 -6.12 0.23
C LYS A 85 -7.21 -5.84 0.37
N ASP A 86 -7.94 -6.72 1.05
CA ASP A 86 -9.41 -6.74 1.00
C ASP A 86 -9.96 -6.55 2.41
N PRO A 87 -10.08 -5.30 2.88
CA PRO A 87 -10.52 -5.05 4.25
C PRO A 87 -12.03 -5.17 4.39
N ARG A 88 -12.48 -6.12 5.19
CA ARG A 88 -13.89 -6.40 5.38
C ARG A 88 -14.26 -6.38 6.84
N TYR A 89 -15.53 -6.06 7.10
CA TYR A 89 -16.07 -6.23 8.44
C TYR A 89 -16.07 -7.70 8.82
N PHE A 90 -15.82 -7.98 10.09
CA PHE A 90 -15.72 -9.36 10.54
C PHE A 90 -16.24 -9.48 11.97
N PHE A 91 -16.69 -10.70 12.26
CA PHE A 91 -17.25 -11.10 13.54
C PHE A 91 -16.56 -12.39 13.95
N SER A 92 -15.70 -12.31 14.96
CA SER A 92 -15.01 -13.45 15.53
C SER A 92 -15.65 -13.80 16.87
N LEU A 93 -15.68 -15.09 17.17
CA LEU A 93 -16.21 -15.55 18.44
C LEU A 93 -15.57 -16.88 18.78
N LYS A 94 -15.25 -17.05 20.06
CA LYS A 94 -14.76 -18.32 20.59
C LYS A 94 -15.37 -18.48 21.98
N THR A 95 -16.34 -19.38 22.08
CA THR A 95 -16.97 -19.66 23.37
C THR A 95 -15.97 -20.37 24.29
N ASP A 96 -16.28 -20.36 25.59
CA ASP A 96 -15.41 -21.00 26.56
C ASP A 96 -15.25 -22.49 26.28
N ARG A 97 -16.25 -23.11 25.64
CA ARG A 97 -16.26 -24.55 25.44
C ARG A 97 -15.74 -24.98 24.07
N ALA A 98 -15.65 -24.06 23.11
CA ALA A 98 -15.22 -24.42 21.78
C ALA A 98 -13.71 -24.61 21.71
N ARG A 99 -13.24 -25.20 20.61
CA ARG A 99 -11.83 -25.47 20.40
C ARG A 99 -11.11 -24.38 19.64
N GLN A 100 -11.75 -23.79 18.63
CA GLN A 100 -11.11 -22.80 17.77
C GLN A 100 -12.00 -21.57 17.67
N VAL A 101 -11.36 -20.46 17.33
CA VAL A 101 -12.07 -19.21 17.10
C VAL A 101 -12.70 -19.25 15.72
N THR A 102 -13.88 -18.64 15.61
CA THR A 102 -14.67 -18.65 14.37
C THR A 102 -14.85 -17.23 13.89
N THR A 103 -14.47 -16.96 12.65
CA THR A 103 -14.50 -15.63 12.07
C THR A 103 -15.36 -15.64 10.81
N ILE A 104 -16.31 -14.71 10.73
CA ILE A 104 -17.11 -14.52 9.53
C ILE A 104 -16.92 -13.09 9.03
N ASN A 105 -17.12 -12.91 7.74
CA ASN A 105 -16.78 -11.66 7.07
C ASN A 105 -17.97 -11.12 6.29
N ALA A 106 -17.87 -9.85 5.92
CA ALA A 106 -18.85 -9.26 5.04
C ALA A 106 -18.63 -9.73 3.61
N HIS A 107 -19.58 -9.37 2.73
CA HIS A 107 -19.51 -9.83 1.35
C HIS A 107 -18.52 -9.04 0.51
N ARG A 108 -18.31 -7.76 0.81
CA ARG A 108 -17.44 -6.90 0.02
C ARG A 108 -16.54 -6.09 0.94
N SER A 109 -15.44 -5.60 0.38
CA SER A 109 -14.57 -4.70 1.11
C SER A 109 -15.34 -3.48 1.57
N TYR A 110 -15.11 -3.08 2.82
CA TYR A 110 -15.88 -2.00 3.41
C TYR A 110 -15.71 -0.71 2.62
N LEU A 111 -16.69 0.18 2.77
CA LEU A 111 -16.66 1.47 2.09
C LEU A 111 -16.30 2.56 3.09
N PRO A 112 -15.15 3.20 2.97
CA PRO A 112 -14.78 4.26 3.90
C PRO A 112 -15.66 5.48 3.73
N GLY A 113 -15.82 6.23 4.81
CA GLY A 113 -16.55 7.47 4.77
C GLY A 113 -18.05 7.35 4.63
N GLN A 114 -18.59 6.14 4.76
CA GLN A 114 -20.03 5.92 4.65
C GLN A 114 -20.56 5.30 5.93
N TRP A 115 -21.70 5.82 6.40
CA TRP A 115 -22.31 5.29 7.60
C TRP A 115 -22.88 3.90 7.31
N VAL A 116 -22.51 2.96 8.15
CA VAL A 116 -22.89 1.55 8.00
C VAL A 116 -23.47 1.07 9.33
N TYR A 117 -24.60 0.39 9.25
CA TYR A 117 -25.24 -0.20 10.42
C TYR A 117 -24.72 -1.63 10.57
N LEU A 118 -23.69 -1.79 11.39
CA LEU A 118 -23.10 -3.10 11.62
C LEU A 118 -23.79 -3.75 12.82
N ALA A 119 -24.47 -4.86 12.57
CA ALA A 119 -25.14 -5.60 13.63
C ALA A 119 -24.69 -7.04 13.60
N ALA A 120 -24.30 -7.58 14.76
CA ALA A 120 -23.86 -8.96 14.83
C ALA A 120 -24.60 -9.66 15.96
N THR A 121 -25.06 -10.88 15.72
CA THR A 121 -25.85 -11.58 16.72
C THR A 121 -25.34 -13.01 16.88
N TYR A 122 -25.69 -13.59 18.03
CA TYR A 122 -25.37 -14.98 18.30
C TYR A 122 -26.43 -15.55 19.24
N ASP A 123 -27.20 -16.53 18.74
CA ASP A 123 -28.32 -17.12 19.46
C ASP A 123 -27.97 -18.40 20.20
N GLY A 124 -26.70 -18.81 20.18
CA GLY A 124 -26.28 -20.05 20.80
C GLY A 124 -26.05 -21.20 19.83
N GLN A 125 -26.53 -21.07 18.60
CA GLN A 125 -26.22 -22.04 17.54
C GLN A 125 -25.83 -21.40 16.22
N PHE A 126 -26.17 -20.14 15.98
CA PHE A 126 -25.91 -19.46 14.72
C PHE A 126 -25.38 -18.06 15.02
N MET A 127 -24.16 -17.77 14.58
CA MET A 127 -23.65 -16.41 14.64
C MET A 127 -23.84 -15.76 13.28
N LYS A 128 -24.37 -14.54 13.28
CA LYS A 128 -24.75 -13.86 12.05
C LYS A 128 -24.22 -12.44 12.05
N LEU A 129 -23.88 -11.97 10.86
CA LEU A 129 -23.39 -10.61 10.65
C LEU A 129 -24.22 -9.92 9.59
N TYR A 130 -24.76 -8.75 9.94
CA TYR A 130 -25.62 -7.92 9.12
C TYR A 130 -24.93 -6.60 8.86
N VAL A 131 -24.89 -6.20 7.59
CA VAL A 131 -24.34 -4.93 7.16
C VAL A 131 -25.47 -4.16 6.48
N ASN A 132 -25.88 -3.05 7.09
CA ASN A 132 -27.03 -2.28 6.62
C ASN A 132 -28.28 -3.12 6.53
N GLY A 133 -28.43 -4.09 7.45
CA GLY A 133 -29.64 -4.87 7.57
C GLY A 133 -29.76 -6.08 6.67
N ALA A 134 -28.79 -6.31 5.79
CA ALA A 134 -28.78 -7.46 4.91
C ALA A 134 -27.79 -8.47 5.46
N GLN A 135 -28.29 -9.68 5.76
CA GLN A 135 -27.45 -10.71 6.36
C GLN A 135 -26.31 -11.08 5.42
N VAL A 136 -25.08 -10.69 5.77
CA VAL A 136 -23.92 -10.94 4.93
C VAL A 136 -23.12 -12.15 5.38
N ALA A 137 -23.29 -12.61 6.62
CA ALA A 137 -22.56 -13.81 7.01
C ALA A 137 -23.33 -14.60 8.05
N THR A 138 -23.06 -15.90 8.09
CA THR A 138 -23.71 -16.82 9.00
C THR A 138 -22.82 -18.04 9.19
N SER A 139 -22.65 -18.46 10.44
CA SER A 139 -21.82 -19.61 10.77
C SER A 139 -22.44 -20.38 11.92
N GLY A 140 -22.52 -21.70 11.77
CA GLY A 140 -23.04 -22.58 12.80
C GLY A 140 -22.00 -23.35 13.59
N GLU A 141 -20.72 -22.99 13.46
CA GLU A 141 -19.67 -23.76 14.14
C GLU A 141 -19.72 -23.57 15.65
N GLN A 142 -19.97 -22.35 16.11
CA GLN A 142 -19.95 -22.05 17.54
C GLN A 142 -21.28 -22.43 18.17
N VAL A 143 -21.22 -23.39 19.09
CA VAL A 143 -22.40 -23.88 19.80
C VAL A 143 -22.18 -23.67 21.29
N GLY A 144 -23.28 -23.45 22.01
CA GLY A 144 -23.24 -23.29 23.45
C GLY A 144 -23.13 -21.85 23.87
N GLY A 145 -23.10 -21.65 25.18
CA GLY A 145 -22.96 -20.32 25.74
C GLY A 145 -21.56 -19.77 25.56
N ILE A 146 -21.46 -18.44 25.63
CA ILE A 146 -20.15 -17.80 25.49
C ILE A 146 -19.28 -18.08 26.71
N PHE A 147 -19.84 -17.96 27.92
CA PHE A 147 -19.06 -18.16 29.12
C PHE A 147 -19.96 -18.51 30.29
N SER A 148 -19.44 -19.35 31.16
CA SER A 148 -20.17 -19.78 32.35
C SER A 148 -20.34 -18.61 33.31
N PRO A 149 -21.41 -18.61 34.12
CA PRO A 149 -21.58 -17.54 35.11
C PRO A 149 -20.41 -17.41 36.07
N LEU A 150 -19.73 -18.51 36.39
CA LEU A 150 -18.58 -18.46 37.29
C LEU A 150 -17.54 -17.46 36.81
N THR A 151 -17.26 -17.43 35.50
CA THR A 151 -16.28 -16.52 34.93
C THR A 151 -16.90 -15.21 34.48
N GLN A 152 -17.99 -14.76 35.11
CA GLN A 152 -18.63 -13.53 34.66
C GLN A 152 -17.81 -12.29 35.00
N LYS A 153 -17.10 -12.28 36.11
CA LYS A 153 -16.31 -11.11 36.50
C LYS A 153 -15.03 -10.97 35.67
N CYS A 154 -14.67 -11.97 34.87
CA CYS A 154 -13.45 -11.96 34.09
C CYS A 154 -13.66 -11.51 32.65
N LYS A 155 -14.85 -11.01 32.31
CA LYS A 155 -15.17 -10.56 30.97
C LYS A 155 -15.25 -9.04 30.96
N VAL A 156 -14.59 -8.43 29.99
CA VAL A 156 -14.61 -6.98 29.83
C VAL A 156 -14.97 -6.65 28.39
N LEU A 157 -15.90 -5.71 28.22
CA LEU A 157 -16.36 -5.27 26.91
C LEU A 157 -15.65 -3.97 26.56
N MET A 158 -14.85 -4.00 25.49
CA MET A 158 -14.01 -2.87 25.13
C MET A 158 -14.34 -2.39 23.72
N LEU A 159 -14.42 -1.08 23.59
CA LEU A 159 -14.86 -0.41 22.36
C LEU A 159 -13.72 0.43 21.80
N GLY A 160 -13.58 0.41 20.48
CA GLY A 160 -12.56 1.17 19.80
C GLY A 160 -11.25 0.44 19.59
N GLY A 161 -11.08 -0.74 20.16
CA GLY A 161 -9.88 -1.52 19.94
C GLY A 161 -9.63 -2.46 21.09
N SER A 162 -8.75 -3.43 20.83
CA SER A 162 -8.30 -4.33 21.88
C SER A 162 -7.20 -3.68 22.70
N ALA A 163 -6.86 -4.32 23.82
CA ALA A 163 -5.73 -3.86 24.61
C ALA A 163 -4.41 -4.10 23.90
N LEU A 164 -4.41 -4.90 22.84
CA LEU A 164 -3.24 -5.16 22.02
C LEU A 164 -3.05 -4.14 20.91
N ASN A 165 -3.66 -2.96 21.05
CA ASN A 165 -3.56 -1.88 20.07
C ASN A 165 -4.01 -2.33 18.68
N HIS A 166 -5.14 -3.05 18.63
CA HIS A 166 -5.87 -3.26 17.37
C HIS A 166 -6.87 -2.13 17.16
N ASN A 167 -6.33 -0.92 17.05
CA ASN A 167 -7.14 0.27 17.13
C ASN A 167 -7.95 0.47 15.85
N TYR A 168 -9.03 1.24 16.00
CA TYR A 168 -9.99 1.53 14.95
C TYR A 168 -10.06 3.03 14.76
N ARG A 169 -10.00 3.48 13.50
CA ARG A 169 -10.01 4.90 13.19
C ARG A 169 -11.28 5.24 12.43
N GLY A 170 -12.10 6.11 13.02
CA GLY A 170 -13.35 6.52 12.41
C GLY A 170 -14.40 6.82 13.45
N TYR A 171 -15.64 6.93 13.00
CA TYR A 171 -16.77 7.26 13.85
C TYR A 171 -17.52 6.03 14.34
N ILE A 172 -18.00 6.11 15.57
CA ILE A 172 -18.96 5.16 16.14
C ILE A 172 -20.12 5.95 16.74
N GLU A 173 -21.35 5.55 16.38
CA GLU A 173 -22.55 6.25 16.79
C GLU A 173 -23.61 5.22 17.20
N HIS A 174 -24.29 5.51 18.30
CA HIS A 174 -25.38 4.69 18.84
C HIS A 174 -24.99 3.21 18.93
N PHE A 175 -24.03 2.96 19.80
CA PHE A 175 -23.73 1.60 20.23
C PHE A 175 -24.91 1.04 21.01
N SER A 176 -25.26 -0.23 20.75
CA SER A 176 -26.34 -0.89 21.47
C SER A 176 -26.04 -2.38 21.56
N LEU A 177 -26.41 -2.98 22.69
CA LEU A 177 -26.08 -4.36 22.98
C LEU A 177 -27.25 -5.01 23.73
N TRP A 178 -27.77 -6.08 23.13
CA TRP A 178 -28.88 -6.90 23.63
C TRP A 178 -28.35 -8.23 24.18
N LYS A 179 -29.11 -8.80 25.11
CA LYS A 179 -28.81 -10.13 25.65
C LYS A 179 -29.58 -11.24 24.96
N VAL A 180 -30.28 -10.94 23.86
CA VAL A 180 -30.96 -11.93 23.04
C VAL A 180 -30.49 -11.73 21.60
N ALA A 181 -30.75 -12.74 20.78
CA ALA A 181 -30.47 -12.64 19.35
C ALA A 181 -31.69 -12.08 18.64
N ARG A 182 -31.46 -11.09 17.78
CA ARG A 182 -32.52 -10.40 17.08
C ARG A 182 -32.64 -10.93 15.67
N THR A 183 -33.85 -11.34 15.29
CA THR A 183 -34.08 -11.75 13.91
C THR A 183 -33.96 -10.54 12.99
N GLN A 184 -33.78 -10.84 11.70
CA GLN A 184 -33.46 -9.78 10.74
C GLN A 184 -34.52 -8.69 10.70
N ARG A 185 -35.79 -9.07 10.87
CA ARG A 185 -36.85 -8.06 10.94
C ARG A 185 -36.65 -7.15 12.15
N GLU A 186 -36.23 -7.69 13.28
CA GLU A 186 -36.00 -6.88 14.47
C GLU A 186 -34.81 -5.93 14.29
N ILE A 187 -33.73 -6.40 13.67
CA ILE A 187 -32.59 -5.53 13.40
C ILE A 187 -32.97 -4.43 12.40
N LEU A 188 -33.73 -4.77 11.37
CA LEU A 188 -34.15 -3.76 10.39
C LEU A 188 -35.03 -2.70 11.03
N SER A 189 -35.96 -3.12 11.90
CA SER A 189 -36.78 -2.16 12.64
C SER A 189 -35.90 -1.24 13.47
N ASP A 190 -34.93 -1.82 14.21
CA ASP A 190 -34.03 -1.00 15.01
C ASP A 190 -33.20 -0.05 14.15
N MET A 191 -32.84 -0.47 12.93
CA MET A 191 -32.12 0.43 12.04
C MET A 191 -32.99 1.62 11.66
N GLU A 192 -34.26 1.36 11.34
CA GLU A 192 -35.12 2.46 10.91
C GLU A 192 -35.40 3.45 12.03
N THR A 193 -35.32 3.03 13.31
CA THR A 193 -35.51 4.02 14.37
C THR A 193 -34.44 5.12 14.34
N HIS A 194 -33.25 4.81 13.84
CA HIS A 194 -32.14 5.77 13.73
C HIS A 194 -31.83 6.46 15.05
N GLY A 195 -31.50 5.64 16.06
CA GLY A 195 -31.03 6.14 17.32
C GLY A 195 -32.09 6.56 18.31
N ALA A 196 -33.38 6.34 17.99
CA ALA A 196 -34.43 6.64 18.95
C ALA A 196 -34.29 5.77 20.19
N HIS A 197 -34.46 6.38 21.36
CA HIS A 197 -34.19 5.72 22.62
C HIS A 197 -35.46 5.24 23.30
N THR A 198 -35.41 4.00 23.80
CA THR A 198 -36.49 3.40 24.57
C THR A 198 -35.91 2.24 25.35
N ALA A 199 -36.45 2.03 26.55
CA ALA A 199 -35.95 0.97 27.43
C ALA A 199 -36.72 -0.32 27.19
N LEU A 200 -35.98 -1.40 26.97
CA LEU A 200 -36.56 -2.71 26.74
C LEU A 200 -35.91 -3.72 27.69
N PRO A 201 -36.63 -4.78 28.07
CA PRO A 201 -36.06 -5.75 29.01
C PRO A 201 -34.81 -6.44 28.49
N GLN A 202 -34.66 -6.58 27.18
CA GLN A 202 -33.50 -7.26 26.61
C GLN A 202 -32.38 -6.29 26.25
N LEU A 203 -32.51 -5.03 26.64
CA LEU A 203 -31.50 -4.03 26.34
C LEU A 203 -30.52 -3.95 27.51
N LEU A 204 -29.27 -4.33 27.27
CA LEU A 204 -28.20 -4.10 28.23
C LEU A 204 -27.65 -2.70 28.08
N LEU A 205 -27.18 -2.37 26.88
CA LEU A 205 -26.60 -1.05 26.64
C LEU A 205 -27.30 -0.37 25.48
N GLN A 206 -27.59 0.91 25.64
CA GLN A 206 -27.98 1.78 24.54
C GLN A 206 -27.26 3.11 24.75
N GLU A 207 -26.39 3.48 23.82
CA GLU A 207 -25.48 4.60 24.00
C GLU A 207 -25.80 5.69 22.99
N ASN A 208 -26.14 6.87 23.51
CA ASN A 208 -26.23 8.08 22.71
C ASN A 208 -25.06 9.03 22.97
N TRP A 209 -24.09 8.60 23.76
CA TRP A 209 -22.87 9.34 24.04
C TRP A 209 -23.15 10.70 24.67
N ASP A 210 -24.27 10.81 25.39
CA ASP A 210 -24.52 12.03 26.15
C ASP A 210 -23.59 12.15 27.35
N ASN A 211 -23.21 11.02 27.95
CA ASN A 211 -22.29 11.04 29.09
C ASN A 211 -21.44 9.77 28.99
N VAL A 212 -20.26 9.91 28.39
CA VAL A 212 -19.38 8.75 28.21
C VAL A 212 -18.83 8.27 29.54
N LYS A 213 -18.45 9.19 30.42
CA LYS A 213 -17.88 8.82 31.71
C LYS A 213 -18.87 8.04 32.56
N HIS A 214 -20.17 8.22 32.34
CA HIS A 214 -21.17 7.55 33.16
C HIS A 214 -21.11 6.03 32.99
N ALA A 215 -20.92 5.56 31.75
CA ALA A 215 -20.96 4.14 31.46
C ALA A 215 -19.63 3.54 31.05
N TRP A 216 -18.78 4.31 30.37
CA TRP A 216 -17.53 3.81 29.82
C TRP A 216 -16.36 4.53 30.48
N SER A 217 -15.40 3.76 30.99
CA SER A 217 -14.18 4.36 31.48
C SER A 217 -13.07 4.15 30.46
N PRO A 218 -12.31 5.20 30.12
CA PRO A 218 -11.24 5.03 29.15
C PRO A 218 -10.20 4.04 29.63
N MET A 219 -9.63 3.30 28.67
CA MET A 219 -8.55 2.38 28.98
C MET A 219 -7.37 3.15 29.56
N LYS A 220 -6.39 2.40 30.06
CA LYS A 220 -5.21 3.03 30.65
C LYS A 220 -4.51 3.90 29.60
N ASP A 221 -3.56 4.71 30.09
CA ASP A 221 -2.85 5.78 29.41
C ASP A 221 -3.73 7.03 29.27
N GLY A 222 -5.00 6.97 29.66
CA GLY A 222 -5.83 8.16 29.75
C GLY A 222 -6.07 8.91 28.46
N SER A 223 -6.32 8.18 27.37
CA SER A 223 -6.64 8.78 26.08
C SER A 223 -8.06 8.39 25.72
N SER A 224 -8.95 9.40 25.68
CA SER A 224 -10.37 9.18 25.44
C SER A 224 -10.79 9.78 24.10
N PRO A 225 -11.58 9.07 23.31
CA PRO A 225 -11.93 9.54 21.97
C PRO A 225 -12.83 10.77 22.02
N LYS A 226 -12.84 11.52 20.92
CA LYS A 226 -13.53 12.81 20.96
C LYS A 226 -15.02 12.63 20.62
N VAL A 227 -15.84 13.54 21.14
CA VAL A 227 -17.30 13.43 21.00
C VAL A 227 -17.78 14.57 20.12
N GLU A 228 -18.18 14.24 18.89
CA GLU A 228 -18.70 15.20 17.93
C GLU A 228 -20.21 15.08 17.84
N PHE A 229 -20.80 15.95 17.04
CA PHE A 229 -22.21 15.84 16.67
C PHE A 229 -22.30 15.09 15.36
N SER A 230 -23.00 13.96 15.37
CA SER A 230 -23.12 13.14 14.16
C SER A 230 -23.83 13.94 13.07
N ASN A 231 -23.21 13.97 11.89
CA ASN A 231 -23.81 14.71 10.78
C ASN A 231 -25.18 14.17 10.44
N ALA A 232 -25.31 12.85 10.34
CA ALA A 232 -26.57 12.18 10.08
C ALA A 232 -26.35 10.68 10.20
N HIS A 233 -27.45 9.96 10.43
CA HIS A 233 -27.39 8.51 10.32
C HIS A 233 -27.36 8.06 8.87
N GLY A 234 -28.04 8.77 7.99
CA GLY A 234 -28.05 8.43 6.58
C GLY A 234 -28.85 9.45 5.80
N PHE A 235 -28.90 9.23 4.49
CA PHE A 235 -29.60 10.11 3.57
C PHE A 235 -30.55 9.28 2.73
N LEU A 236 -31.81 9.68 2.68
CA LEU A 236 -32.78 9.00 1.84
C LEU A 236 -32.40 9.18 0.37
N LEU A 237 -32.83 8.22 -0.45
CA LEU A 237 -32.59 8.26 -1.90
C LEU A 237 -31.08 8.30 -2.20
N ASP A 238 -30.43 7.18 -1.90
CA ASP A 238 -29.00 7.07 -2.16
C ASP A 238 -28.70 7.38 -3.63
N THR A 239 -28.05 8.52 -3.88
CA THR A 239 -27.80 8.99 -5.23
C THR A 239 -26.56 8.38 -5.86
N SER A 240 -25.79 7.59 -5.10
CA SER A 240 -24.58 6.97 -5.61
C SER A 240 -24.95 5.86 -6.59
N LEU A 241 -24.76 6.10 -7.88
CA LEU A 241 -25.08 5.13 -8.92
C LEU A 241 -23.77 4.65 -9.54
N GLU A 242 -23.36 3.44 -9.20
CA GLU A 242 -22.12 2.90 -9.73
C GLU A 242 -22.31 2.45 -11.18
N PRO A 243 -21.32 2.65 -12.04
CA PRO A 243 -21.39 2.14 -13.40
C PRO A 243 -21.28 0.63 -13.42
N PRO A 244 -21.66 -0.01 -14.52
CA PRO A 244 -21.56 -1.48 -14.59
C PRO A 244 -20.12 -1.96 -14.60
N LEU A 245 -19.93 -3.27 -14.77
CA LEU A 245 -18.59 -3.85 -14.68
C LEU A 245 -17.68 -3.30 -15.77
N CYS A 246 -18.16 -3.23 -17.01
CA CYS A 246 -17.34 -2.64 -18.06
C CYS A 246 -17.34 -1.11 -17.99
N GLY A 247 -18.45 -0.51 -17.58
CA GLY A 247 -18.64 0.92 -17.71
C GLY A 247 -17.72 1.74 -16.84
N GLN A 248 -17.74 3.05 -17.08
CA GLN A 248 -16.79 3.95 -16.41
C GLN A 248 -17.45 5.15 -15.75
N THR A 249 -18.58 5.62 -16.27
CA THR A 249 -19.21 6.83 -15.74
C THR A 249 -20.70 6.58 -15.56
N LEU A 250 -21.41 7.66 -15.17
CA LEU A 250 -22.84 7.59 -14.93
C LEU A 250 -23.64 7.31 -16.19
N CYS A 251 -23.05 7.55 -17.37
CA CYS A 251 -23.75 7.30 -18.63
C CYS A 251 -23.68 5.85 -19.07
N ASP A 252 -22.87 5.02 -18.41
CA ASP A 252 -22.88 3.59 -18.64
C ASP A 252 -23.92 2.87 -17.80
N ASN A 253 -24.50 3.56 -16.82
CA ASN A 253 -25.55 2.98 -15.99
C ASN A 253 -26.79 2.71 -16.82
N THR A 254 -27.39 1.53 -16.61
CA THR A 254 -28.54 1.14 -17.43
C THR A 254 -29.74 2.05 -17.19
N GLU A 255 -29.96 2.48 -15.94
CA GLU A 255 -31.08 3.37 -15.65
C GLU A 255 -30.87 4.74 -16.28
N VAL A 256 -29.66 5.29 -16.20
CA VAL A 256 -29.41 6.60 -16.78
C VAL A 256 -29.48 6.54 -18.30
N ILE A 257 -28.80 5.56 -18.90
CA ILE A 257 -28.73 5.50 -20.36
C ILE A 257 -30.08 5.11 -20.96
N ALA A 258 -30.94 4.45 -20.19
CA ALA A 258 -32.30 4.20 -20.68
C ALA A 258 -33.04 5.51 -20.93
N SER A 259 -32.77 6.53 -20.11
CA SER A 259 -33.45 7.82 -20.31
C SER A 259 -33.04 8.48 -21.62
N TYR A 260 -31.76 8.40 -21.96
CA TYR A 260 -31.31 8.93 -23.24
C TYR A 260 -31.74 8.06 -24.41
N ASN A 261 -32.00 6.78 -24.16
CA ASN A 261 -32.46 5.90 -25.25
C ASN A 261 -33.94 6.09 -25.56
N GLN A 262 -34.79 5.97 -24.55
CA GLN A 262 -36.24 6.02 -24.78
C GLN A 262 -36.69 7.43 -25.15
N LEU A 263 -36.26 8.43 -24.39
CA LEU A 263 -36.70 9.80 -24.62
C LEU A 263 -36.05 10.39 -25.86
N SER A 264 -36.83 11.13 -26.63
CA SER A 264 -36.29 11.93 -27.72
C SER A 264 -35.97 13.35 -27.31
N SER A 265 -36.42 13.78 -26.13
CA SER A 265 -36.13 15.11 -25.62
C SER A 265 -34.76 15.21 -24.97
N PHE A 266 -34.08 14.08 -24.77
CA PHE A 266 -32.72 14.08 -24.25
C PHE A 266 -31.67 14.10 -25.37
N ARG A 267 -32.11 14.13 -26.63
CA ARG A 267 -31.22 14.17 -27.77
C ARG A 267 -31.54 15.37 -28.66
N GLN A 268 -31.85 16.50 -28.02
CA GLN A 268 -32.11 17.72 -28.76
C GLN A 268 -30.82 18.23 -29.40
N PRO A 269 -30.93 19.07 -30.43
CA PRO A 269 -29.73 19.51 -31.15
C PRO A 269 -28.71 20.15 -30.23
N LYS A 270 -27.45 19.77 -30.42
CA LYS A 270 -26.33 20.27 -29.64
C LYS A 270 -25.20 20.67 -30.56
N VAL A 271 -24.66 21.87 -30.34
CA VAL A 271 -23.54 22.39 -31.11
C VAL A 271 -22.28 22.21 -30.28
N VAL A 272 -21.30 21.50 -30.82
CA VAL A 272 -20.07 21.19 -30.11
C VAL A 272 -18.90 21.75 -30.90
N ARG A 273 -18.06 22.55 -30.23
CA ARG A 273 -16.95 23.23 -30.88
C ARG A 273 -15.71 22.35 -30.90
N TYR A 274 -15.02 22.33 -32.04
CA TYR A 274 -13.76 21.63 -32.18
C TYR A 274 -12.75 22.53 -32.86
N ARG A 275 -11.50 22.44 -32.42
CA ARG A 275 -10.43 23.29 -32.91
C ARG A 275 -9.40 22.45 -33.65
N VAL A 276 -9.02 22.91 -34.84
CA VAL A 276 -8.04 22.22 -35.67
C VAL A 276 -6.70 22.91 -35.52
N VAL A 277 -5.69 22.16 -35.07
CA VAL A 277 -4.36 22.71 -34.79
C VAL A 277 -3.53 22.57 -36.06
N ASN A 278 -3.32 23.68 -36.75
CA ASN A 278 -2.61 23.71 -38.02
C ASN A 278 -1.26 24.40 -37.78
N LEU A 279 -0.20 23.61 -37.71
CA LEU A 279 1.14 24.16 -37.54
C LEU A 279 1.62 24.79 -38.84
N TYR A 280 2.52 25.76 -38.69
CA TYR A 280 3.04 26.51 -39.83
C TYR A 280 4.50 26.82 -39.61
N GLU A 281 5.20 27.09 -40.72
CA GLU A 281 6.51 27.69 -40.65
C GLU A 281 6.38 29.14 -40.16
N ASP A 282 7.53 29.74 -39.84
CA ASP A 282 7.51 31.11 -39.32
C ASP A 282 6.95 32.09 -40.34
N ASP A 283 7.15 31.82 -41.63
CA ASP A 283 6.64 32.68 -42.69
C ASP A 283 5.20 32.38 -43.06
N HIS A 284 4.50 31.60 -42.23
CA HIS A 284 3.08 31.26 -42.43
C HIS A 284 2.88 30.49 -43.74
N LYS A 285 3.82 29.59 -44.05
CA LYS A 285 3.73 28.74 -45.22
C LYS A 285 3.91 27.29 -44.80
N ASN A 286 3.71 26.39 -45.78
CA ASN A 286 3.82 24.94 -45.58
C ASN A 286 2.88 24.48 -44.47
N PRO A 287 1.56 24.54 -44.68
CA PRO A 287 0.63 24.11 -43.64
C PRO A 287 0.75 22.61 -43.38
N THR A 288 0.54 22.24 -42.11
CA THR A 288 0.45 20.82 -41.79
C THR A 288 -0.73 20.18 -42.51
N VAL A 289 -1.87 20.85 -42.52
CA VAL A 289 -3.04 20.44 -43.29
C VAL A 289 -3.50 21.64 -44.11
N THR A 290 -3.76 21.42 -45.39
CA THR A 290 -4.21 22.50 -46.25
C THR A 290 -5.61 22.96 -45.83
N ARG A 291 -5.93 24.21 -46.19
CA ARG A 291 -7.26 24.73 -45.92
C ARG A 291 -8.33 23.92 -46.64
N GLU A 292 -8.00 23.33 -47.79
CA GLU A 292 -8.92 22.42 -48.45
C GLU A 292 -9.20 21.20 -47.59
N GLN A 293 -8.18 20.67 -46.90
CA GLN A 293 -8.39 19.54 -46.01
C GLN A 293 -9.38 19.89 -44.91
N VAL A 294 -9.21 21.05 -44.27
CA VAL A 294 -10.09 21.43 -43.18
C VAL A 294 -11.50 21.63 -43.69
N ASP A 295 -11.66 22.34 -44.81
CA ASP A 295 -13.00 22.58 -45.34
C ASP A 295 -13.69 21.28 -45.73
N PHE A 296 -12.98 20.39 -46.43
CA PHE A 296 -13.58 19.14 -46.89
C PHE A 296 -13.93 18.23 -45.71
N GLN A 297 -12.99 18.07 -44.77
CA GLN A 297 -13.25 17.23 -43.61
C GLN A 297 -14.40 17.77 -42.77
N HIS A 298 -14.47 19.09 -42.61
CA HIS A 298 -15.57 19.67 -41.87
C HIS A 298 -16.90 19.41 -42.56
N HIS A 299 -16.93 19.51 -43.89
CA HIS A 299 -18.17 19.23 -44.60
C HIS A 299 -18.61 17.77 -44.41
N GLN A 300 -17.66 16.83 -44.52
CA GLN A 300 -18.00 15.42 -44.31
C GLN A 300 -18.47 15.17 -42.88
N LEU A 301 -17.81 15.80 -41.90
CA LEU A 301 -18.18 15.65 -40.50
C LEU A 301 -19.60 16.15 -40.27
N ALA A 302 -19.91 17.33 -40.81
CA ALA A 302 -21.25 17.89 -40.64
C ALA A 302 -22.29 16.97 -41.28
N GLU A 303 -22.00 16.42 -42.46
CA GLU A 303 -22.97 15.55 -43.10
C GLU A 303 -23.22 14.29 -42.28
N ALA A 304 -22.17 13.66 -41.77
CA ALA A 304 -22.37 12.43 -41.00
C ALA A 304 -23.12 12.70 -39.70
N PHE A 305 -22.82 13.81 -39.04
CA PHE A 305 -23.43 14.08 -37.73
C PHE A 305 -24.74 14.86 -37.81
N LYS A 306 -25.18 15.29 -38.99
CA LYS A 306 -26.39 16.10 -39.10
C LYS A 306 -27.62 15.33 -38.59
N GLN A 307 -27.74 14.06 -38.96
CA GLN A 307 -28.93 13.29 -38.64
C GLN A 307 -28.99 12.84 -37.17
N TYR A 308 -27.90 13.02 -36.41
CA TYR A 308 -27.83 12.53 -35.05
C TYR A 308 -27.85 13.66 -34.02
N ASN A 309 -28.33 14.84 -34.41
CA ASN A 309 -28.51 15.98 -33.50
C ASN A 309 -27.19 16.48 -32.92
N ILE A 310 -26.11 16.38 -33.68
CA ILE A 310 -24.82 16.93 -33.29
C ILE A 310 -24.27 17.72 -34.47
N SER A 311 -23.98 19.00 -34.25
CA SER A 311 -23.41 19.86 -35.28
C SER A 311 -22.13 20.50 -34.73
N TRP A 312 -21.06 20.43 -35.52
CA TRP A 312 -19.75 20.86 -35.08
C TRP A 312 -19.42 22.25 -35.60
N GLU A 313 -18.95 23.11 -34.72
CA GLU A 313 -18.50 24.45 -35.09
C GLU A 313 -16.98 24.45 -35.25
N LEU A 314 -16.52 24.89 -36.41
CA LEU A 314 -15.12 24.77 -36.77
C LEU A 314 -14.34 26.02 -36.38
N ASP A 315 -13.31 25.84 -35.57
CA ASP A 315 -12.31 26.87 -35.32
C ASP A 315 -10.96 26.33 -35.76
N VAL A 316 -10.24 27.09 -36.59
CA VAL A 316 -8.94 26.68 -37.09
C VAL A 316 -7.87 27.50 -36.37
N LEU A 317 -6.84 26.83 -35.89
CA LEU A 317 -5.76 27.45 -35.14
C LEU A 317 -4.48 27.38 -35.97
N GLU A 318 -3.95 28.54 -36.33
CA GLU A 318 -2.68 28.63 -37.06
C GLU A 318 -1.58 28.96 -36.06
N VAL A 319 -0.61 28.06 -35.94
CA VAL A 319 0.56 28.26 -35.10
C VAL A 319 1.77 28.32 -36.03
N SER A 320 2.42 29.48 -36.09
CA SER A 320 3.55 29.71 -36.98
C SER A 320 4.82 29.50 -36.20
N ASN A 321 5.33 28.26 -36.24
CA ASN A 321 6.48 27.86 -35.42
C ASN A 321 7.27 26.81 -36.20
N SER A 322 8.30 27.27 -36.92
CA SER A 322 9.13 26.34 -37.69
C SER A 322 9.85 25.35 -36.78
N SER A 323 10.35 25.85 -35.65
CA SER A 323 11.03 24.97 -34.69
C SER A 323 10.15 23.81 -34.25
N LEU A 324 8.83 23.96 -34.39
CA LEU A 324 7.89 22.87 -34.20
C LEU A 324 7.45 22.23 -35.52
N ARG A 325 7.28 23.03 -36.57
CA ARG A 325 6.76 22.52 -37.84
C ARG A 325 7.72 21.53 -38.48
N ARG A 326 9.02 21.82 -38.45
CA ARG A 326 9.97 21.02 -39.21
C ARG A 326 10.23 19.67 -38.57
N ARG A 327 10.09 19.57 -37.24
CA ARG A 327 10.34 18.31 -36.57
C ARG A 327 9.20 17.33 -36.83
N LEU A 328 9.54 16.04 -36.71
CA LEU A 328 8.56 14.98 -36.92
C LEU A 328 7.77 14.75 -35.65
N ILE A 329 6.45 14.95 -35.72
CA ILE A 329 5.56 14.66 -34.59
C ILE A 329 5.18 13.19 -34.64
N LEU A 330 5.28 12.54 -33.49
CA LEU A 330 5.06 11.11 -33.36
C LEU A 330 3.80 10.84 -32.55
N ALA A 331 3.07 9.80 -32.94
CA ALA A 331 1.91 9.32 -32.21
C ALA A 331 2.17 7.90 -31.75
N ASN A 332 1.60 7.54 -30.60
CA ASN A 332 1.70 6.23 -29.99
C ASN A 332 3.13 5.89 -29.59
N CYS A 333 4.09 6.78 -29.80
CA CYS A 333 5.48 6.53 -29.48
C CYS A 333 5.82 7.15 -28.13
N ASP A 334 6.69 6.46 -27.40
CA ASP A 334 7.23 6.94 -26.14
C ASP A 334 8.71 7.23 -26.30
N ILE A 335 9.12 8.44 -25.95
CA ILE A 335 10.51 8.84 -26.14
C ILE A 335 11.44 7.98 -25.29
N SER A 336 10.98 7.55 -24.11
CA SER A 336 11.80 6.72 -23.25
C SER A 336 12.18 5.39 -23.89
N LYS A 337 11.40 4.92 -24.86
CA LYS A 337 11.63 3.62 -25.48
C LYS A 337 12.62 3.68 -26.64
N ILE A 338 13.10 4.87 -27.00
CA ILE A 338 14.07 5.01 -28.09
C ILE A 338 15.47 4.87 -27.53
N GLY A 339 16.25 3.97 -28.12
CA GLY A 339 17.61 3.75 -27.66
C GLY A 339 17.74 2.81 -26.47
N ASP A 340 16.71 2.02 -26.18
CA ASP A 340 16.74 1.10 -25.05
C ASP A 340 17.27 -0.28 -25.43
N GLU A 341 17.82 -0.42 -26.64
CA GLU A 341 18.35 -1.68 -27.19
C GLU A 341 17.27 -2.73 -27.39
N ASN A 342 16.00 -2.36 -27.29
CA ASN A 342 14.88 -3.25 -27.57
C ASN A 342 14.09 -2.68 -28.73
N CYS A 343 13.86 -3.48 -29.76
CA CYS A 343 13.23 -2.99 -30.96
C CYS A 343 11.77 -2.62 -30.69
N ASP A 344 11.41 -1.38 -31.03
CA ASP A 344 10.06 -0.87 -30.86
C ASP A 344 9.51 -0.40 -32.21
N PRO A 345 8.72 -1.22 -32.89
CA PRO A 345 8.25 -0.83 -34.24
C PRO A 345 7.41 0.43 -34.27
N GLU A 346 6.63 0.71 -33.23
CA GLU A 346 5.81 1.91 -33.25
C GLU A 346 6.66 3.17 -33.25
N CYS A 347 7.80 3.16 -32.58
CA CYS A 347 8.82 4.21 -32.68
C CYS A 347 9.88 3.87 -33.71
N ASN A 348 9.49 3.54 -34.93
CA ASN A 348 10.45 3.02 -35.90
C ASN A 348 11.22 4.13 -36.61
N HIS A 349 10.60 4.64 -37.67
CA HIS A 349 10.79 5.94 -38.29
C HIS A 349 12.20 6.39 -38.70
N THR A 350 12.25 7.10 -39.83
CA THR A 350 13.52 7.54 -40.42
C THR A 350 14.24 8.57 -39.55
N LEU A 351 13.50 9.48 -38.93
CA LEU A 351 14.10 10.56 -38.15
C LEU A 351 14.30 10.19 -36.67
N THR A 352 13.89 8.99 -36.26
CA THR A 352 14.14 8.50 -34.91
C THR A 352 15.35 7.58 -34.84
N GLY A 353 16.10 7.45 -35.93
CA GLY A 353 17.20 6.51 -35.96
C GLY A 353 16.77 5.07 -35.85
N HIS A 354 15.62 4.72 -36.44
CA HIS A 354 15.09 3.37 -36.40
C HIS A 354 15.08 2.86 -34.96
N ASP A 355 14.24 3.51 -34.15
CA ASP A 355 14.16 3.27 -32.72
C ASP A 355 15.49 3.59 -32.04
N GLY A 356 16.23 4.55 -32.60
CA GLY A 356 17.54 4.87 -32.05
C GLY A 356 18.58 3.81 -32.29
N GLY A 357 18.32 2.88 -33.22
CA GLY A 357 19.23 1.80 -33.51
C GLY A 357 18.85 0.46 -32.93
N ASP A 358 17.82 0.41 -32.08
CA ASP A 358 17.35 -0.86 -31.55
C ASP A 358 16.81 -1.77 -32.66
N CYS A 359 16.44 -1.20 -33.80
CA CYS A 359 15.84 -1.96 -34.89
C CYS A 359 16.66 -1.84 -36.17
N ARG A 360 17.97 -1.65 -36.03
CA ARG A 360 18.86 -1.55 -37.19
C ARG A 360 20.22 -2.09 -36.79
N HIS A 361 20.54 -3.29 -37.26
CA HIS A 361 21.81 -3.94 -36.99
C HIS A 361 22.65 -4.01 -38.27
N LEU A 362 23.96 -3.97 -38.09
CA LEU A 362 24.89 -4.02 -39.21
C LEU A 362 26.25 -4.44 -38.66
N ARG A 363 27.26 -4.48 -39.54
CA ARG A 363 28.63 -4.81 -39.15
C ARG A 363 29.20 -3.61 -38.39
N HIS A 364 28.80 -3.51 -37.13
CA HIS A 364 29.18 -2.37 -36.30
C HIS A 364 30.69 -2.21 -36.10
N PRO A 365 31.49 -3.26 -35.85
CA PRO A 365 32.93 -3.04 -35.61
C PRO A 365 33.63 -2.29 -36.74
N ALA A 366 33.09 -2.30 -37.95
CA ALA A 366 33.70 -1.59 -39.08
C ALA A 366 33.48 -0.09 -39.03
N PHE A 367 33.03 0.47 -37.91
CA PHE A 367 32.79 1.92 -37.81
C PHE A 367 33.53 2.57 -36.66
N VAL A 368 34.56 1.91 -36.11
CA VAL A 368 35.35 2.52 -35.04
C VAL A 368 36.13 3.71 -35.56
N LYS A 369 36.61 3.65 -36.81
CA LYS A 369 37.45 4.72 -37.35
C LYS A 369 36.70 6.05 -37.40
N LYS A 370 35.40 6.01 -37.68
CA LYS A 370 34.62 7.23 -37.82
C LYS A 370 34.49 8.01 -36.52
N GLN A 371 34.80 7.38 -35.38
CA GLN A 371 34.72 8.06 -34.10
C GLN A 371 35.77 9.15 -34.00
N HIS A 372 35.48 10.15 -33.17
CA HIS A 372 36.37 11.27 -32.86
C HIS A 372 36.67 12.15 -34.07
N ASN A 373 35.95 11.98 -35.18
CA ASN A 373 36.26 12.72 -36.40
C ASN A 373 35.83 14.19 -36.33
N GLY A 374 34.98 14.56 -35.38
CA GLY A 374 34.54 15.93 -35.25
C GLY A 374 33.47 16.35 -36.23
N VAL A 375 33.01 15.45 -37.10
CA VAL A 375 32.00 15.74 -38.09
C VAL A 375 30.93 14.65 -38.02
N CYS A 376 29.67 15.05 -38.15
CA CYS A 376 28.57 14.10 -38.07
C CYS A 376 28.68 13.07 -39.19
N ASP A 377 28.42 11.73 -39.64
CA ASP A 377 28.55 11.05 -41.10
C ASP A 377 27.17 10.33 -41.28
N MET A 378 26.82 9.22 -40.56
CA MET A 378 25.59 8.45 -40.44
C MET A 378 25.75 7.26 -39.51
N ASP A 379 26.87 6.54 -39.62
CA ASP A 379 27.02 5.29 -38.90
C ASP A 379 27.14 5.49 -37.39
N CYS A 380 27.65 6.63 -36.95
CA CYS A 380 27.92 6.86 -35.53
C CYS A 380 26.74 7.43 -34.76
N ASN A 381 25.58 7.58 -35.39
CA ASN A 381 24.44 8.26 -34.79
C ASN A 381 23.50 7.29 -34.06
N TYR A 382 24.05 6.48 -33.16
CA TYR A 382 23.25 5.46 -32.49
C TYR A 382 23.68 5.38 -31.02
N GLU A 383 22.81 4.75 -30.22
CA GLU A 383 23.01 4.76 -28.77
C GLU A 383 24.22 3.93 -28.34
N ARG A 384 24.47 2.82 -29.05
CA ARG A 384 25.63 2.00 -28.70
C ARG A 384 26.94 2.65 -29.12
N PHE A 385 26.89 3.57 -30.08
CA PHE A 385 28.02 4.46 -30.36
C PHE A 385 27.82 5.82 -29.70
N ASN A 386 26.77 5.99 -28.90
CA ASN A 386 26.49 7.22 -28.17
C ASN A 386 26.36 8.43 -29.10
N PHE A 387 25.72 8.22 -30.25
CA PHE A 387 25.34 9.30 -31.15
C PHE A 387 26.53 10.22 -31.48
N ASP A 388 27.64 9.59 -31.86
CA ASP A 388 28.84 10.30 -32.29
C ASP A 388 29.33 11.30 -31.24
N GLY A 389 28.99 11.05 -29.98
CA GLY A 389 29.40 11.95 -28.91
C GLY A 389 28.85 13.35 -29.04
N GLY A 390 27.66 13.50 -29.62
CA GLY A 390 27.06 14.81 -29.74
C GLY A 390 27.52 15.64 -30.90
N GLU A 391 28.36 15.09 -31.79
CA GLU A 391 28.74 15.82 -33.00
C GLU A 391 27.53 16.02 -33.91
N CYS A 392 26.66 15.02 -34.02
CA CYS A 392 25.53 15.12 -34.93
C CYS A 392 24.43 16.02 -34.37
N CYS A 393 24.31 16.12 -33.06
CA CYS A 393 23.31 16.98 -32.45
C CYS A 393 23.78 18.42 -32.29
N ASP A 394 24.95 18.75 -32.78
CA ASP A 394 25.45 20.13 -32.78
C ASP A 394 24.90 20.89 -33.97
N PRO A 395 24.25 22.03 -33.74
CA PRO A 395 23.83 22.86 -34.88
C PRO A 395 24.98 23.42 -35.69
N GLU A 396 26.18 23.52 -35.13
CA GLU A 396 27.29 24.14 -35.85
C GLU A 396 27.90 23.19 -36.87
N ILE A 397 28.12 21.94 -36.49
CA ILE A 397 28.72 20.96 -37.40
C ILE A 397 27.79 20.69 -38.59
N THR A 398 26.50 20.51 -38.30
CA THR A 398 25.57 19.85 -39.21
C THR A 398 24.16 20.42 -39.06
N ASN A 399 23.15 19.64 -39.44
CA ASN A 399 21.75 20.08 -39.49
C ASN A 399 20.89 19.20 -38.59
N VAL A 400 20.44 19.74 -37.45
CA VAL A 400 19.78 18.92 -36.43
C VAL A 400 18.56 18.21 -36.98
N THR A 401 17.70 18.94 -37.69
CA THR A 401 16.40 18.40 -38.09
C THR A 401 16.51 17.09 -38.85
N GLN A 402 17.68 16.78 -39.40
CA GLN A 402 17.92 15.50 -40.04
C GLN A 402 19.16 14.79 -39.49
N THR A 403 19.75 15.26 -38.39
CA THR A 403 20.93 14.59 -37.85
C THR A 403 20.86 14.33 -36.35
N CYS A 404 20.10 15.14 -35.61
CA CYS A 404 20.05 15.01 -34.14
C CYS A 404 18.96 14.01 -33.77
N PHE A 405 19.34 12.73 -33.80
CA PHE A 405 18.41 11.63 -33.56
C PHE A 405 18.36 11.21 -32.09
N ASP A 406 19.21 11.78 -31.25
CA ASP A 406 19.31 11.37 -29.86
C ASP A 406 18.05 11.78 -29.10
N PRO A 407 17.54 10.91 -28.22
CA PRO A 407 16.34 11.26 -27.45
C PRO A 407 16.60 12.16 -26.25
N ASP A 408 17.85 12.50 -25.95
CA ASP A 408 18.14 13.35 -24.80
C ASP A 408 18.46 14.80 -25.20
N SER A 409 19.04 15.01 -26.36
CA SER A 409 19.40 16.36 -26.79
C SER A 409 18.13 17.19 -27.02
N PRO A 410 18.03 18.38 -26.43
CA PRO A 410 16.85 19.21 -26.66
C PRO A 410 16.64 19.60 -28.12
N HIS A 411 17.69 19.50 -28.95
CA HIS A 411 17.61 19.78 -30.38
C HIS A 411 17.28 18.54 -31.19
N ARG A 412 16.61 17.55 -30.60
CA ARG A 412 16.26 16.34 -31.34
C ARG A 412 15.28 16.64 -32.46
N ALA A 413 15.30 15.78 -33.46
CA ALA A 413 14.55 16.02 -34.70
C ALA A 413 13.10 15.58 -34.61
N TYR A 414 12.66 15.01 -33.50
CA TYR A 414 11.29 14.53 -33.38
C TYR A 414 10.72 14.90 -32.03
N LEU A 415 9.40 15.05 -31.99
CA LEU A 415 8.63 15.21 -30.78
C LEU A 415 7.52 14.16 -30.79
N ASP A 416 6.80 14.07 -29.69
CA ASP A 416 5.54 13.34 -29.65
C ASP A 416 4.41 14.30 -29.32
N VAL A 417 3.18 13.85 -29.56
CA VAL A 417 2.02 14.73 -29.38
C VAL A 417 1.89 15.18 -27.94
N ASN A 418 2.35 14.38 -26.97
CA ASN A 418 2.25 14.83 -25.59
C ASN A 418 3.10 16.07 -25.35
N GLU A 419 4.31 16.10 -25.91
CA GLU A 419 5.15 17.28 -25.78
C GLU A 419 4.61 18.44 -26.63
N LEU A 420 4.05 18.16 -27.80
CA LEU A 420 3.44 19.21 -28.60
C LEU A 420 2.25 19.84 -27.88
N LYS A 421 1.41 18.99 -27.29
CA LYS A 421 0.28 19.46 -26.48
C LYS A 421 0.77 20.30 -25.30
N ASN A 422 1.87 19.87 -24.67
CA ASN A 422 2.43 20.66 -23.57
C ASN A 422 2.91 22.03 -24.07
N ILE A 423 3.52 22.08 -25.24
CA ILE A 423 4.03 23.34 -25.76
C ILE A 423 2.90 24.31 -26.06
N LEU A 424 1.85 23.84 -26.73
CA LEU A 424 0.80 24.76 -27.17
C LEU A 424 -0.04 25.27 -26.02
N LYS A 425 -0.33 24.42 -25.03
CA LYS A 425 -1.14 24.79 -23.86
C LYS A 425 -2.51 25.34 -24.28
N LEU A 426 -3.16 24.63 -25.20
CA LEU A 426 -4.45 25.06 -25.69
C LEU A 426 -5.55 24.87 -24.64
N ASP A 427 -6.54 25.74 -24.69
CA ASP A 427 -7.69 25.62 -23.79
C ASP A 427 -8.55 24.45 -24.26
N GLY A 428 -8.38 23.30 -23.62
CA GLY A 428 -9.14 22.12 -23.97
C GLY A 428 -10.50 22.01 -23.32
N SER A 429 -10.86 22.94 -22.43
CA SER A 429 -12.13 22.88 -21.73
C SER A 429 -13.26 23.53 -22.49
N THR A 430 -12.99 24.15 -23.64
CA THR A 430 -14.02 24.80 -24.43
C THR A 430 -13.99 24.40 -25.91
N HIS A 431 -13.06 23.55 -26.31
CA HIS A 431 -12.97 23.08 -27.69
C HIS A 431 -12.51 21.64 -27.71
N LEU A 432 -12.77 20.97 -28.83
CA LEU A 432 -12.20 19.67 -29.10
C LEU A 432 -10.95 19.88 -29.94
N ASN A 433 -9.78 19.74 -29.32
CA ASN A 433 -8.52 20.00 -29.99
C ASN A 433 -8.18 18.86 -30.93
N ILE A 434 -7.92 19.19 -32.19
CA ILE A 434 -7.52 18.20 -33.19
C ILE A 434 -6.05 18.40 -33.52
N PHE A 435 -5.18 17.68 -32.82
CA PHE A 435 -3.76 17.74 -33.13
C PHE A 435 -3.43 16.78 -34.26
N PHE A 436 -2.24 16.96 -34.83
CA PHE A 436 -1.80 16.16 -35.96
C PHE A 436 -0.45 15.52 -35.67
N ALA A 437 -0.33 14.24 -36.03
CA ALA A 437 0.84 13.45 -35.69
C ALA A 437 1.17 12.58 -36.90
N LYS A 438 2.00 11.56 -36.69
CA LYS A 438 2.31 10.57 -37.73
C LYS A 438 2.11 9.19 -37.12
N SER A 439 0.88 8.69 -37.20
CA SER A 439 0.53 7.40 -36.63
C SER A 439 1.19 6.30 -37.46
N SER A 440 2.14 5.57 -36.86
CA SER A 440 2.87 4.56 -37.59
C SER A 440 2.03 3.31 -37.83
N GLU A 441 1.10 3.01 -36.94
CA GLU A 441 0.30 1.80 -37.08
C GLU A 441 -0.67 1.91 -38.25
N GLU A 442 -0.90 0.79 -38.93
CA GLU A 442 -1.93 0.71 -39.95
C GLU A 442 -3.30 0.43 -39.37
N GLU A 443 -3.40 0.28 -38.04
CA GLU A 443 -4.69 0.04 -37.39
C GLU A 443 -5.47 1.34 -37.23
N LEU A 444 -4.91 2.30 -36.50
CA LEU A 444 -5.56 3.55 -36.19
C LEU A 444 -4.78 4.72 -36.80
N ALA A 445 -5.48 5.83 -36.98
CA ALA A 445 -4.86 7.07 -37.41
C ALA A 445 -4.46 7.97 -36.25
N GLY A 446 -4.77 7.57 -35.02
CA GLY A 446 -4.41 8.37 -33.87
C GLY A 446 -5.03 7.81 -32.60
N VAL A 447 -4.91 8.59 -31.54
CA VAL A 447 -5.46 8.26 -30.24
C VAL A 447 -6.40 9.38 -29.80
N ALA A 448 -7.62 9.01 -29.46
CA ALA A 448 -8.62 9.96 -28.98
C ALA A 448 -8.82 9.77 -27.48
N THR A 449 -8.77 10.86 -26.73
CA THR A 449 -8.94 10.77 -25.28
C THR A 449 -10.37 10.42 -24.92
N TRP A 450 -10.52 9.52 -23.96
CA TRP A 450 -11.85 9.15 -23.50
C TRP A 450 -12.49 10.29 -22.70
N PRO A 451 -13.82 10.34 -22.67
CA PRO A 451 -14.48 11.34 -21.82
C PRO A 451 -14.20 11.18 -20.34
N TRP A 452 -13.76 10.00 -19.89
CA TRP A 452 -13.55 9.74 -18.47
C TRP A 452 -12.08 9.73 -18.09
N ASP A 453 -11.26 10.51 -18.79
CA ASP A 453 -9.86 10.69 -18.42
C ASP A 453 -9.67 12.01 -17.68
N LYS A 454 -8.48 12.17 -17.09
CA LYS A 454 -8.10 13.48 -16.58
C LYS A 454 -8.07 14.51 -17.69
N GLU A 455 -7.49 14.14 -18.82
CA GLU A 455 -7.18 15.08 -19.89
C GLU A 455 -8.36 15.36 -20.80
N ALA A 456 -9.54 14.83 -20.51
CA ALA A 456 -10.70 15.05 -21.38
C ALA A 456 -10.92 16.54 -21.63
N LEU A 457 -10.72 17.37 -20.61
CA LEU A 457 -10.92 18.81 -20.72
C LEU A 457 -9.67 19.63 -20.48
N MET A 458 -8.53 18.99 -20.21
CA MET A 458 -7.28 19.70 -20.00
C MET A 458 -6.60 19.97 -21.34
N HIS A 459 -5.43 20.62 -21.29
CA HIS A 459 -4.70 20.95 -22.50
C HIS A 459 -4.06 19.73 -23.14
N LEU A 460 -3.91 18.63 -22.39
CA LEU A 460 -3.29 17.42 -22.90
C LEU A 460 -4.26 16.48 -23.58
N GLY A 461 -5.54 16.82 -23.62
CA GLY A 461 -6.52 15.96 -24.27
C GLY A 461 -7.03 16.53 -25.58
N GLY A 462 -7.60 15.66 -26.38
CA GLY A 462 -8.06 16.02 -27.70
C GLY A 462 -8.00 14.81 -28.60
N ILE A 463 -7.75 15.08 -29.88
CA ILE A 463 -7.65 14.04 -30.90
C ILE A 463 -6.39 14.28 -31.71
N VAL A 464 -5.59 13.25 -31.89
CA VAL A 464 -4.43 13.30 -32.76
C VAL A 464 -4.77 12.52 -34.03
N LEU A 465 -4.48 13.11 -35.18
CA LEU A 465 -4.82 12.54 -36.47
C LEU A 465 -3.60 12.54 -37.37
N ASN A 466 -3.72 11.80 -38.46
CA ASN A 466 -2.70 11.78 -39.49
C ASN A 466 -3.07 12.79 -40.57
N PRO A 467 -2.25 13.81 -40.82
CA PRO A 467 -2.60 14.78 -41.88
C PRO A 467 -2.75 14.14 -43.25
N SER A 468 -2.06 13.02 -43.50
CA SER A 468 -2.25 12.31 -44.76
C SER A 468 -3.60 11.63 -44.83
N PHE A 469 -4.29 11.46 -43.69
CA PHE A 469 -5.60 10.82 -43.63
C PHE A 469 -6.68 11.78 -43.14
N TYR A 470 -6.55 13.06 -43.47
CA TYR A 470 -7.46 14.10 -42.99
C TYR A 470 -7.96 14.91 -44.17
N GLY A 471 -9.26 14.82 -44.46
CA GLY A 471 -9.81 15.54 -45.59
C GLY A 471 -9.44 14.97 -46.94
N MET A 472 -8.87 13.76 -46.98
CA MET A 472 -8.56 13.10 -48.23
C MET A 472 -9.72 12.25 -48.67
N PRO A 473 -10.18 12.39 -49.92
CA PRO A 473 -11.25 11.52 -50.42
C PRO A 473 -10.89 10.05 -50.24
N GLY A 474 -11.70 9.33 -49.47
CA GLY A 474 -11.43 7.96 -49.10
C GLY A 474 -10.88 7.79 -47.70
N HIS A 475 -10.34 8.86 -47.10
CA HIS A 475 -9.94 8.86 -45.69
C HIS A 475 -10.53 10.10 -45.03
N THR A 476 -11.79 10.02 -44.61
CA THR A 476 -12.40 11.10 -43.84
C THR A 476 -13.13 10.54 -42.63
N HIS A 477 -13.60 9.30 -42.74
CA HIS A 477 -14.32 8.66 -41.63
C HIS A 477 -13.38 8.02 -40.62
N THR A 478 -12.11 8.43 -40.62
CA THR A 478 -11.24 8.13 -39.49
C THR A 478 -11.33 9.19 -38.40
N MET A 479 -11.65 10.43 -38.77
CA MET A 479 -11.87 11.46 -37.76
C MET A 479 -13.21 11.24 -37.05
N ILE A 480 -14.23 10.80 -37.78
CA ILE A 480 -15.53 10.56 -37.15
C ILE A 480 -15.43 9.38 -36.18
N HIS A 481 -14.65 8.37 -36.54
CA HIS A 481 -14.33 7.29 -35.62
C HIS A 481 -13.67 7.82 -34.35
N GLN A 482 -12.66 8.67 -34.50
CA GLN A 482 -11.94 9.21 -33.34
C GLN A 482 -12.83 10.12 -32.52
N ILE A 483 -13.69 10.89 -33.16
CA ILE A 483 -14.64 11.75 -32.46
C ILE A 483 -15.60 10.91 -31.63
N GLY A 484 -16.08 9.82 -32.21
CA GLY A 484 -16.90 8.87 -31.45
C GLY A 484 -16.15 8.35 -30.23
N HIS A 485 -14.85 8.09 -30.38
CA HIS A 485 -14.06 7.70 -29.22
C HIS A 485 -14.03 8.80 -28.17
N SER A 486 -13.87 10.05 -28.60
CA SER A 486 -13.82 11.17 -27.65
C SER A 486 -15.18 11.48 -27.05
N LEU A 487 -16.26 10.90 -27.58
CA LEU A 487 -17.60 11.07 -27.02
C LEU A 487 -18.12 9.80 -26.36
N GLY A 488 -17.21 8.91 -25.93
CA GLY A 488 -17.58 7.78 -25.09
C GLY A 488 -17.95 6.50 -25.80
N LEU A 489 -17.90 6.46 -27.13
CA LEU A 489 -18.23 5.26 -27.86
C LEU A 489 -17.06 4.28 -27.85
N TYR A 490 -17.36 3.03 -27.49
CA TYR A 490 -16.37 1.97 -27.60
C TYR A 490 -16.41 1.37 -29.00
N HIS A 491 -15.34 0.64 -29.33
CA HIS A 491 -15.31 -0.10 -30.58
C HIS A 491 -16.35 -1.21 -30.55
N VAL A 492 -17.06 -1.37 -31.67
CA VAL A 492 -18.12 -2.37 -31.73
C VAL A 492 -17.57 -3.78 -31.55
N PHE A 493 -16.29 -3.98 -31.85
CA PHE A 493 -15.66 -5.28 -31.64
C PHE A 493 -15.08 -5.43 -30.24
N ARG A 494 -15.38 -4.51 -29.34
CA ARG A 494 -15.07 -4.73 -27.93
C ARG A 494 -15.93 -5.86 -27.39
N GLY A 495 -15.34 -6.68 -26.52
CA GLY A 495 -15.98 -7.86 -26.02
C GLY A 495 -15.54 -9.14 -26.69
N ILE A 496 -14.86 -9.05 -27.84
CA ILE A 496 -14.35 -10.22 -28.52
C ILE A 496 -12.86 -10.04 -28.80
N SER A 497 -12.50 -8.92 -29.42
CA SER A 497 -11.11 -8.66 -29.78
C SER A 497 -10.37 -7.79 -28.76
N GLU A 498 -11.09 -7.05 -27.92
CA GLU A 498 -10.45 -6.19 -26.92
C GLU A 498 -10.65 -6.70 -25.51
N ILE A 499 -11.15 -7.91 -25.33
CA ILE A 499 -11.27 -8.50 -24.00
C ILE A 499 -9.90 -8.94 -23.50
N GLN A 500 -9.79 -9.06 -22.18
CA GLN A 500 -8.56 -9.57 -21.59
C GLN A 500 -8.39 -11.06 -21.90
N SER A 501 -9.47 -11.83 -21.83
CA SER A 501 -9.43 -13.26 -22.09
C SER A 501 -10.85 -13.73 -22.38
N CYS A 502 -10.96 -15.00 -22.82
CA CYS A 502 -12.27 -15.58 -23.07
C CYS A 502 -13.11 -15.68 -21.81
N SER A 503 -12.48 -15.60 -20.63
CA SER A 503 -13.17 -15.62 -19.36
C SER A 503 -13.35 -14.22 -18.78
N ASP A 504 -13.25 -13.18 -19.61
CA ASP A 504 -13.47 -11.82 -19.15
C ASP A 504 -14.90 -11.70 -18.63
N PRO A 505 -15.11 -11.08 -17.46
CA PRO A 505 -16.41 -11.19 -16.79
C PRO A 505 -17.51 -10.40 -17.47
N CYS A 506 -17.19 -9.53 -18.42
CA CYS A 506 -18.22 -8.77 -19.12
C CYS A 506 -17.92 -8.75 -20.62
N MET A 507 -17.49 -9.90 -21.16
CA MET A 507 -17.37 -10.07 -22.60
C MET A 507 -18.75 -10.11 -23.24
N GLU A 508 -18.90 -9.45 -24.38
CA GLU A 508 -20.18 -9.34 -25.06
C GLU A 508 -20.46 -10.64 -25.81
N THR A 509 -21.09 -11.59 -25.10
CA THR A 509 -21.50 -12.83 -25.75
C THR A 509 -22.74 -12.60 -26.62
N GLU A 510 -23.65 -11.77 -26.15
CA GLU A 510 -24.87 -11.40 -26.86
C GLU A 510 -25.05 -9.90 -26.70
N PRO A 511 -25.76 -9.26 -27.61
CA PRO A 511 -25.98 -7.80 -27.49
C PRO A 511 -26.61 -7.46 -26.14
N SER A 512 -25.99 -6.50 -25.46
CA SER A 512 -26.42 -6.14 -24.11
C SER A 512 -25.97 -4.71 -23.81
N PHE A 513 -26.62 -4.13 -22.80
CA PHE A 513 -26.26 -2.80 -22.33
C PHE A 513 -25.14 -2.80 -21.29
N GLU A 514 -24.70 -3.97 -20.85
CA GLU A 514 -23.70 -4.06 -19.79
C GLU A 514 -22.41 -4.75 -20.21
N THR A 515 -22.30 -5.17 -21.47
CA THR A 515 -21.12 -5.90 -21.94
C THR A 515 -20.65 -5.36 -23.28
N GLY A 516 -19.34 -5.42 -23.51
CA GLY A 516 -18.79 -5.03 -24.79
C GLY A 516 -18.73 -3.52 -24.92
N ASP A 517 -19.27 -3.01 -26.03
CA ASP A 517 -19.33 -1.57 -26.26
C ASP A 517 -20.45 -0.90 -25.48
N LEU A 518 -21.15 -1.64 -24.63
CA LEU A 518 -22.28 -1.12 -23.86
C LEU A 518 -23.34 -0.51 -24.75
N CYS A 519 -23.48 -1.07 -25.96
CA CYS A 519 -24.52 -0.69 -26.91
C CYS A 519 -25.23 -1.95 -27.35
N ASN A 520 -26.49 -2.10 -26.98
CA ASN A 520 -27.23 -3.31 -27.31
C ASN A 520 -27.37 -3.48 -28.82
N ASP A 521 -27.81 -2.44 -29.51
CA ASP A 521 -28.15 -2.56 -30.93
C ASP A 521 -26.96 -2.83 -31.83
N THR A 522 -25.77 -3.03 -31.27
CA THR A 522 -24.57 -3.36 -32.03
C THR A 522 -24.20 -4.80 -31.73
N ASN A 523 -24.41 -5.68 -32.70
CA ASN A 523 -24.15 -7.10 -32.50
C ASN A 523 -22.65 -7.33 -32.27
N PRO A 524 -22.29 -8.39 -31.55
CA PRO A 524 -20.86 -8.70 -31.38
C PRO A 524 -20.20 -8.97 -32.73
N ALA A 525 -19.05 -8.35 -32.93
CA ALA A 525 -18.28 -8.46 -34.16
C ALA A 525 -16.81 -8.56 -33.82
N PRO A 526 -16.01 -9.22 -34.67
CA PRO A 526 -14.57 -9.29 -34.44
C PRO A 526 -13.82 -8.13 -35.10
N LYS A 527 -12.52 -8.08 -34.83
CA LYS A 527 -11.65 -7.08 -35.42
C LYS A 527 -11.45 -7.39 -36.90
N HIS A 528 -12.27 -6.80 -37.76
CA HIS A 528 -12.37 -7.17 -39.16
C HIS A 528 -12.32 -5.90 -40.01
N LYS A 529 -11.49 -5.94 -41.07
CA LYS A 529 -11.22 -4.75 -41.88
C LYS A 529 -12.16 -4.60 -43.07
N SER A 530 -12.70 -5.69 -43.60
CA SER A 530 -13.68 -5.63 -44.68
C SER A 530 -15.08 -5.68 -44.09
N CYS A 531 -16.01 -4.92 -44.69
CA CYS A 531 -17.34 -4.77 -44.11
C CYS A 531 -18.32 -5.84 -44.57
N GLY A 532 -17.83 -7.00 -44.99
CA GLY A 532 -18.67 -8.17 -45.07
C GLY A 532 -18.76 -8.85 -43.73
N ASP A 533 -19.75 -9.74 -43.60
CA ASP A 533 -19.87 -10.50 -42.37
C ASP A 533 -18.64 -11.38 -42.17
N PRO A 534 -18.09 -11.44 -40.97
CA PRO A 534 -16.86 -12.23 -40.76
C PRO A 534 -17.09 -13.71 -41.06
N GLY A 535 -16.08 -14.33 -41.65
CA GLY A 535 -16.14 -15.74 -41.97
C GLY A 535 -16.04 -16.61 -40.75
N PRO A 536 -16.42 -17.88 -40.90
CA PRO A 536 -16.28 -18.82 -39.77
C PRO A 536 -14.83 -19.01 -39.38
N GLY A 537 -14.60 -19.20 -38.09
CA GLY A 537 -13.26 -19.39 -37.58
C GLY A 537 -12.46 -18.12 -37.38
N ASN A 538 -13.07 -16.95 -37.58
CA ASN A 538 -12.38 -15.67 -37.40
C ASN A 538 -12.52 -15.14 -35.97
N ASP A 539 -12.71 -16.03 -34.99
CA ASP A 539 -12.93 -15.66 -33.61
C ASP A 539 -11.72 -16.05 -32.77
N THR A 540 -11.35 -15.18 -31.83
CA THR A 540 -10.25 -15.50 -30.92
C THR A 540 -10.59 -16.70 -30.05
N CYS A 541 -11.80 -16.74 -29.51
CA CYS A 541 -12.24 -17.88 -28.70
C CYS A 541 -12.86 -18.98 -29.55
N GLY A 542 -13.53 -18.63 -30.65
CA GLY A 542 -14.15 -19.62 -31.50
C GLY A 542 -15.38 -20.27 -30.90
N PHE A 543 -15.96 -19.68 -29.84
CA PHE A 543 -17.08 -20.30 -29.17
C PHE A 543 -18.38 -20.13 -29.95
N HIS A 544 -18.55 -19.02 -30.66
CA HIS A 544 -19.79 -18.76 -31.39
C HIS A 544 -19.48 -17.98 -32.66
N SER A 545 -20.34 -18.15 -33.65
CA SER A 545 -20.25 -17.40 -34.89
C SER A 545 -21.01 -16.09 -34.76
N PHE A 546 -20.66 -15.14 -35.63
CA PHE A 546 -21.20 -13.79 -35.57
C PHE A 546 -22.15 -13.54 -36.73
N PHE A 547 -23.33 -13.02 -36.43
CA PHE A 547 -24.36 -12.78 -37.43
C PHE A 547 -24.83 -11.33 -37.34
N ASN A 548 -25.05 -10.72 -38.50
CA ASN A 548 -25.53 -9.34 -38.60
C ASN A 548 -24.64 -8.39 -37.81
N THR A 549 -23.33 -8.53 -38.02
CA THR A 549 -22.38 -7.66 -37.35
C THR A 549 -22.51 -6.23 -37.86
N PRO A 550 -22.35 -5.23 -37.00
CA PRO A 550 -22.40 -3.84 -37.48
C PRO A 550 -21.14 -3.48 -38.26
N TYR A 551 -20.99 -4.07 -39.44
CA TYR A 551 -19.81 -3.83 -40.26
C TYR A 551 -19.76 -2.40 -40.80
N ASN A 552 -20.89 -1.73 -40.94
CA ASN A 552 -20.96 -0.40 -41.52
C ASN A 552 -21.05 0.69 -40.47
N ASN A 553 -20.85 0.35 -39.20
CA ASN A 553 -20.85 1.35 -38.15
C ASN A 553 -19.52 2.09 -38.11
N PHE A 554 -19.58 3.37 -37.75
CA PHE A 554 -18.37 4.20 -37.74
C PHE A 554 -17.32 3.65 -36.79
N MET A 555 -17.74 2.96 -35.74
CA MET A 555 -16.81 2.44 -34.74
C MET A 555 -16.27 1.07 -35.09
N SER A 556 -16.45 0.61 -36.33
CA SER A 556 -15.87 -0.64 -36.79
C SER A 556 -14.64 -0.34 -37.63
N TYR A 557 -13.79 -1.35 -37.77
CA TYR A 557 -12.53 -1.19 -38.51
C TYR A 557 -12.70 -1.30 -40.02
N ALA A 558 -13.91 -1.20 -40.52
CA ALA A 558 -14.11 -1.22 -41.96
C ALA A 558 -13.57 0.06 -42.60
N ASP A 559 -13.36 0.00 -43.91
CA ASP A 559 -12.84 1.14 -44.64
C ASP A 559 -13.87 2.27 -44.66
N ASP A 560 -13.40 3.46 -45.02
CA ASP A 560 -14.29 4.63 -45.08
C ASP A 560 -15.32 4.53 -46.21
N ASP A 561 -15.18 3.56 -47.11
CA ASP A 561 -16.17 3.42 -48.18
C ASP A 561 -17.47 2.76 -47.72
N CYS A 562 -17.49 2.19 -46.52
CA CYS A 562 -18.64 1.38 -46.11
C CYS A 562 -19.22 1.80 -44.76
N THR A 563 -18.39 2.33 -43.87
CA THR A 563 -18.88 2.83 -42.59
C THR A 563 -19.70 4.09 -42.81
N ASP A 564 -20.97 4.07 -42.38
CA ASP A 564 -21.86 5.18 -42.69
C ASP A 564 -22.75 5.67 -41.55
N SER A 565 -22.88 4.94 -40.44
CA SER A 565 -23.93 5.32 -39.49
C SER A 565 -23.53 4.93 -38.07
N PHE A 566 -24.12 5.67 -37.12
CA PHE A 566 -24.13 5.30 -35.71
C PHE A 566 -25.50 4.71 -35.38
N THR A 567 -25.50 3.59 -34.66
CA THR A 567 -26.75 3.00 -34.22
C THR A 567 -27.41 3.89 -33.17
N PRO A 568 -28.73 3.80 -33.01
CA PRO A 568 -29.43 4.70 -32.06
C PRO A 568 -28.90 4.62 -30.63
N ASN A 569 -28.42 3.47 -30.17
CA ASN A 569 -27.81 3.40 -28.84
C ASN A 569 -26.50 4.18 -28.78
N GLN A 570 -25.70 4.13 -29.85
CA GLN A 570 -24.46 4.91 -29.87
C GLN A 570 -24.74 6.41 -29.86
N VAL A 571 -25.79 6.84 -30.56
CA VAL A 571 -26.22 8.23 -30.49
C VAL A 571 -26.63 8.60 -29.07
N ALA A 572 -27.34 7.70 -28.38
CA ALA A 572 -27.68 7.96 -26.99
C ALA A 572 -26.43 8.12 -26.14
N ARG A 573 -25.41 7.27 -26.33
CA ARG A 573 -24.18 7.41 -25.57
C ARG A 573 -23.51 8.75 -25.83
N MET A 574 -23.45 9.16 -27.10
CA MET A 574 -22.81 10.44 -27.42
C MET A 574 -23.54 11.61 -26.76
N HIS A 575 -24.88 11.60 -26.80
CA HIS A 575 -25.61 12.72 -26.19
C HIS A 575 -25.49 12.70 -24.67
N CYS A 576 -25.46 11.52 -24.07
CA CYS A 576 -25.25 11.42 -22.63
C CYS A 576 -23.90 12.02 -22.24
N TYR A 577 -22.85 11.74 -23.02
CA TYR A 577 -21.56 12.33 -22.70
C TYR A 577 -21.43 13.78 -23.12
N LEU A 578 -22.32 14.28 -23.98
CA LEU A 578 -22.38 15.71 -24.23
C LEU A 578 -23.12 16.47 -23.15
N ASP A 579 -23.89 15.78 -22.31
CA ASP A 579 -24.43 16.43 -21.12
C ASP A 579 -23.59 16.19 -19.86
N LEU A 580 -22.88 15.06 -19.78
CA LEU A 580 -22.17 14.70 -18.56
C LEU A 580 -20.85 15.45 -18.43
N VAL A 581 -19.98 15.34 -19.43
CA VAL A 581 -18.63 15.88 -19.36
C VAL A 581 -18.48 17.13 -20.20
N TYR A 582 -19.06 17.14 -21.39
CA TYR A 582 -18.76 18.14 -22.42
C TYR A 582 -19.76 19.28 -22.43
N GLN A 583 -20.27 19.65 -21.26
CA GLN A 583 -21.10 20.85 -21.16
C GLN A 583 -20.31 22.11 -21.51
N GLY A 584 -18.99 22.10 -21.33
CA GLY A 584 -18.20 23.28 -21.62
C GLY A 584 -18.01 23.55 -23.10
N TRP A 585 -17.93 22.48 -23.91
CA TRP A 585 -17.70 22.65 -25.34
C TRP A 585 -18.85 23.39 -26.01
N GLN A 586 -20.08 23.01 -25.66
CA GLN A 586 -21.23 23.58 -26.33
C GLN A 586 -21.40 25.05 -25.94
N PRO A 587 -21.68 25.93 -26.91
CA PRO A 587 -21.98 27.32 -26.56
C PRO A 587 -23.36 27.50 -25.95
N SER A 588 -24.25 26.53 -26.14
CA SER A 588 -25.58 26.61 -25.54
C SER A 588 -25.48 26.49 -24.02
N ARG A 589 -26.27 27.31 -23.32
CA ARG A 589 -26.21 27.40 -21.87
C ARG A 589 -27.36 26.65 -21.19
N LYS A 590 -27.95 25.68 -21.86
CA LYS A 590 -29.00 24.88 -21.24
C LYS A 590 -28.39 23.96 -20.19
N PRO A 591 -28.83 24.04 -18.94
CA PRO A 591 -28.28 23.14 -17.91
C PRO A 591 -28.65 21.69 -18.19
N ALA A 592 -27.82 20.80 -17.67
CA ALA A 592 -28.04 19.38 -17.85
C ALA A 592 -29.34 18.96 -17.16
N PRO A 593 -30.07 18.02 -17.75
CA PRO A 593 -31.35 17.59 -17.16
C PRO A 593 -31.12 16.61 -16.02
N VAL A 594 -32.21 16.34 -15.30
CA VAL A 594 -32.21 15.25 -14.32
C VAL A 594 -32.42 13.95 -15.08
N ALA A 595 -31.45 13.03 -14.95
CA ALA A 595 -31.43 11.86 -15.80
C ALA A 595 -32.55 10.87 -15.46
N LEU A 596 -32.83 10.70 -14.17
CA LEU A 596 -33.74 9.66 -13.71
C LEU A 596 -35.05 10.28 -13.23
N ALA A 597 -36.13 9.52 -13.41
CA ALA A 597 -37.45 9.98 -13.02
C ALA A 597 -37.50 10.21 -11.51
N PRO A 598 -38.29 11.18 -11.05
CA PRO A 598 -38.40 11.44 -9.60
C PRO A 598 -38.94 10.22 -8.88
N GLN A 599 -38.10 9.63 -8.03
CA GLN A 599 -38.51 8.48 -7.25
C GLN A 599 -39.54 8.87 -6.21
N VAL A 600 -40.38 7.92 -5.83
CA VAL A 600 -41.42 8.13 -4.83
C VAL A 600 -40.90 7.61 -3.49
N LEU A 601 -40.83 8.49 -2.49
CA LEU A 601 -40.33 8.07 -1.18
C LEU A 601 -41.43 7.42 -0.36
N GLY A 602 -42.50 8.17 -0.07
CA GLY A 602 -43.59 7.65 0.73
C GLY A 602 -44.84 8.43 0.49
N HIS A 603 -45.97 7.83 0.84
CA HIS A 603 -47.27 8.41 0.61
C HIS A 603 -48.09 8.40 1.90
N THR A 604 -48.93 9.40 2.06
CA THR A 604 -49.83 9.51 3.20
C THR A 604 -51.27 9.45 2.70
N THR A 605 -52.21 9.71 3.61
CA THR A 605 -53.62 9.71 3.26
C THR A 605 -53.97 10.86 2.33
N ASP A 606 -53.14 11.91 2.25
CA ASP A 606 -53.45 13.07 1.43
C ASP A 606 -52.25 13.66 0.70
N SER A 607 -51.11 12.97 0.64
CA SER A 607 -49.92 13.59 0.08
C SER A 607 -49.03 12.52 -0.54
N VAL A 608 -48.07 12.98 -1.34
CA VAL A 608 -47.00 12.09 -1.81
C VAL A 608 -45.69 12.85 -1.81
N THR A 609 -44.59 12.16 -1.48
CA THR A 609 -43.28 12.77 -1.42
C THR A 609 -42.41 12.25 -2.56
N LEU A 610 -41.71 13.16 -3.23
CA LEU A 610 -40.87 12.85 -4.37
C LEU A 610 -39.47 13.37 -4.11
N GLU A 611 -38.48 12.51 -4.32
CA GLU A 611 -37.08 12.91 -4.34
C GLU A 611 -36.47 12.45 -5.65
N TRP A 612 -35.78 13.37 -6.32
CA TRP A 612 -35.15 13.09 -7.59
C TRP A 612 -33.64 13.26 -7.45
N PHE A 613 -32.94 12.72 -8.43
CA PHE A 613 -31.49 12.79 -8.44
C PHE A 613 -31.03 14.18 -8.88
N PRO A 614 -29.79 14.54 -8.56
CA PRO A 614 -29.22 15.79 -9.08
C PRO A 614 -29.10 15.73 -10.59
N PRO A 615 -28.90 16.86 -11.26
CA PRO A 615 -28.67 16.84 -12.71
C PRO A 615 -27.50 15.94 -13.05
N ILE A 616 -27.52 15.43 -14.28
CA ILE A 616 -26.61 14.34 -14.64
C ILE A 616 -25.16 14.80 -14.57
N ASP A 617 -24.87 16.04 -14.98
CA ASP A 617 -23.49 16.52 -14.94
C ASP A 617 -22.94 16.54 -13.51
N GLY A 618 -23.81 16.53 -12.51
CA GLY A 618 -23.41 16.43 -11.13
C GLY A 618 -23.17 17.74 -10.40
N HIS A 619 -23.27 18.86 -11.11
CA HIS A 619 -23.05 20.17 -10.49
C HIS A 619 -24.33 20.66 -9.84
N PHE A 620 -24.22 21.11 -8.59
CA PHE A 620 -25.36 21.61 -7.83
C PHE A 620 -25.49 23.13 -7.87
N PHE A 621 -24.54 23.83 -8.48
CA PHE A 621 -24.52 25.28 -8.45
C PHE A 621 -24.42 25.83 -9.87
N GLU A 622 -24.93 27.05 -10.03
CA GLU A 622 -24.96 27.70 -11.33
C GLU A 622 -23.55 27.87 -11.88
N ARG A 623 -23.39 27.54 -13.16
CA ARG A 623 -22.07 27.53 -13.79
C ARG A 623 -21.68 28.95 -14.20
N GLU A 624 -20.71 29.53 -13.49
CA GLU A 624 -20.18 30.84 -13.80
C GLU A 624 -18.72 30.69 -14.19
N LEU A 625 -18.33 31.30 -15.31
CA LEU A 625 -16.96 31.18 -15.79
C LEU A 625 -16.01 31.96 -14.89
N GLY A 626 -14.91 31.31 -14.52
CA GLY A 626 -13.89 31.92 -13.69
C GLY A 626 -14.07 31.71 -12.20
N SER A 627 -15.26 31.33 -11.76
CA SER A 627 -15.48 31.07 -10.34
C SER A 627 -15.02 29.67 -9.98
N ALA A 628 -14.89 29.44 -8.68
CA ALA A 628 -14.53 28.13 -8.14
C ALA A 628 -15.74 27.26 -7.86
N CYS A 629 -16.94 27.73 -8.17
CA CYS A 629 -18.15 27.04 -7.72
C CYS A 629 -18.50 25.83 -8.57
N HIS A 630 -17.81 25.60 -9.68
CA HIS A 630 -18.05 24.35 -10.40
C HIS A 630 -17.50 23.15 -9.64
N LEU A 631 -16.75 23.38 -8.57
CA LEU A 631 -16.25 22.32 -7.70
C LEU A 631 -17.09 22.11 -6.44
N CYS A 632 -17.92 23.08 -6.08
CA CYS A 632 -18.68 22.99 -4.84
C CYS A 632 -19.74 21.89 -4.92
N LEU A 633 -19.96 21.23 -3.79
CA LEU A 633 -20.98 20.21 -3.65
C LEU A 633 -22.15 20.75 -2.85
N GLU A 634 -23.17 19.91 -2.68
CA GLU A 634 -24.34 20.31 -1.92
C GLU A 634 -23.96 20.61 -0.47
N GLY A 635 -24.56 21.66 0.08
CA GLY A 635 -24.12 22.18 1.37
C GLY A 635 -22.96 23.13 1.28
N ARG A 636 -22.52 23.50 0.08
CA ARG A 636 -21.47 24.48 -0.14
C ARG A 636 -20.15 24.05 0.49
N ILE A 637 -19.77 22.80 0.24
CA ILE A 637 -18.44 22.31 0.57
C ILE A 637 -17.68 22.12 -0.74
N LEU A 638 -16.42 22.53 -0.73
CA LEU A 638 -15.59 22.54 -1.94
C LEU A 638 -14.67 21.33 -1.91
N VAL A 639 -14.78 20.50 -2.95
CA VAL A 639 -13.99 19.29 -3.07
C VAL A 639 -13.11 19.43 -4.31
N GLN A 640 -11.80 19.30 -4.13
CA GLN A 640 -10.88 19.49 -5.25
C GLN A 640 -9.79 18.43 -5.23
N TYR A 641 -9.21 18.21 -6.40
CA TYR A 641 -8.12 17.25 -6.55
C TYR A 641 -6.79 17.98 -6.67
N ALA A 642 -5.71 17.20 -6.63
CA ALA A 642 -4.36 17.77 -6.68
C ALA A 642 -4.12 18.41 -8.04
N SER A 643 -3.88 19.72 -8.03
CA SER A 643 -3.70 20.44 -9.28
C SER A 643 -2.25 20.45 -9.75
N ASN A 644 -1.30 20.61 -8.82
CA ASN A 644 0.06 20.97 -9.19
C ASN A 644 1.01 19.78 -9.34
N ALA A 645 1.30 19.11 -8.22
CA ALA A 645 2.26 18.00 -8.15
C ALA A 645 3.70 18.42 -8.49
N SER A 646 4.62 18.21 -7.56
CA SER A 646 6.06 18.37 -7.80
C SER A 646 6.81 17.52 -6.80
N SER A 647 7.93 16.94 -7.21
CA SER A 647 8.68 16.03 -6.37
C SER A 647 10.14 16.00 -6.80
N PRO A 648 11.10 16.13 -5.86
CA PRO A 648 12.49 16.38 -6.25
C PRO A 648 13.02 15.31 -7.20
N MET A 649 13.79 15.75 -8.19
CA MET A 649 14.37 14.82 -9.14
C MET A 649 15.39 13.95 -8.41
N PRO A 650 15.25 12.62 -8.49
CA PRO A 650 16.16 11.75 -7.73
C PRO A 650 17.60 11.88 -8.19
N CYS A 651 18.52 11.80 -7.22
CA CYS A 651 19.97 11.83 -7.44
C CYS A 651 20.40 13.07 -8.23
N SER A 652 19.66 14.17 -8.07
CA SER A 652 20.06 15.44 -8.66
C SER A 652 19.84 16.51 -7.60
N PRO A 653 20.80 17.41 -7.39
CA PRO A 653 20.54 18.57 -6.54
C PRO A 653 19.39 19.39 -7.12
N SER A 654 18.54 19.89 -6.22
CA SER A 654 17.28 20.52 -6.60
C SER A 654 16.48 19.55 -7.47
N GLY A 655 16.39 19.82 -8.76
CA GLY A 655 15.72 18.95 -9.71
C GLY A 655 14.24 19.24 -9.95
N HIS A 656 13.53 19.66 -8.90
CA HIS A 656 12.15 20.11 -9.01
C HIS A 656 11.23 19.00 -9.53
N TRP A 657 11.23 18.80 -10.85
CA TRP A 657 10.42 17.76 -11.51
C TRP A 657 8.92 17.99 -11.31
N SER A 658 8.09 17.34 -12.12
CA SER A 658 6.63 17.52 -12.04
C SER A 658 5.94 16.23 -12.46
N PRO A 659 5.52 15.40 -11.51
CA PRO A 659 4.82 14.15 -11.85
C PRO A 659 3.34 14.34 -12.14
N ARG A 660 3.02 14.64 -13.39
CA ARG A 660 1.65 14.97 -13.77
C ARG A 660 0.67 13.82 -13.59
N GLU A 661 1.14 12.59 -13.39
CA GLU A 661 0.23 11.46 -13.23
C GLU A 661 -0.48 11.45 -11.88
N ALA A 662 0.04 12.19 -10.90
CA ALA A 662 -0.57 12.25 -9.57
C ALA A 662 -1.48 13.48 -9.41
N GLU A 663 -1.86 14.10 -10.52
CA GLU A 663 -2.80 15.21 -10.51
C GLU A 663 -4.19 14.72 -10.90
N GLY A 664 -5.16 15.64 -10.87
CA GLY A 664 -6.50 15.33 -11.31
C GLY A 664 -7.16 14.23 -10.49
N HIS A 665 -8.33 13.83 -10.97
CA HIS A 665 -9.07 12.77 -10.31
C HIS A 665 -8.36 11.43 -10.51
N PRO A 666 -8.58 10.47 -9.60
CA PRO A 666 -7.90 9.18 -9.73
C PRO A 666 -8.28 8.48 -11.03
N ASP A 667 -7.31 7.79 -11.62
CA ASP A 667 -7.50 7.19 -12.93
C ASP A 667 -6.97 5.77 -13.04
N VAL A 668 -6.63 5.13 -11.92
CA VAL A 668 -6.12 3.75 -11.96
C VAL A 668 -7.29 2.81 -12.20
N GLU A 669 -7.21 2.00 -13.26
CA GLU A 669 -8.25 1.04 -13.55
C GLU A 669 -8.33 -0.04 -12.48
N GLN A 670 -7.19 -0.66 -12.17
CA GLN A 670 -7.13 -1.79 -11.25
C GLN A 670 -6.21 -1.44 -10.08
N PRO A 671 -6.75 -1.08 -8.92
CA PRO A 671 -5.90 -0.84 -7.75
C PRO A 671 -5.19 -2.12 -7.32
N CYS A 672 -4.12 -1.95 -6.57
CA CYS A 672 -3.24 -3.00 -6.07
C CYS A 672 -2.37 -3.60 -7.16
N LYS A 673 -2.36 -3.02 -8.35
CA LYS A 673 -1.50 -3.43 -9.45
C LYS A 673 -0.71 -2.23 -9.93
N SER A 674 0.54 -2.46 -10.29
CA SER A 674 1.39 -1.36 -10.77
C SER A 674 0.79 -0.75 -12.02
N SER A 675 0.66 0.57 -12.03
CA SER A 675 0.04 1.30 -13.13
C SER A 675 0.92 2.48 -13.51
N VAL A 676 0.75 2.93 -14.76
CA VAL A 676 1.50 4.06 -15.27
C VAL A 676 0.85 5.39 -14.92
N ARG A 677 -0.34 5.38 -14.32
CA ARG A 677 -1.08 6.60 -14.01
C ARG A 677 -0.87 7.07 -12.57
N THR A 678 0.30 6.79 -12.00
CA THR A 678 0.57 7.09 -10.60
C THR A 678 1.94 7.74 -10.47
N TRP A 679 2.18 8.30 -9.29
CA TRP A 679 3.51 8.77 -8.91
C TRP A 679 4.23 7.65 -8.18
N SER A 680 5.34 7.19 -8.74
CA SER A 680 6.15 6.15 -8.11
C SER A 680 7.58 6.65 -8.05
N PRO A 681 8.24 6.57 -6.88
CA PRO A 681 9.63 7.03 -6.79
C PRO A 681 10.54 6.38 -7.84
N ASN A 682 10.36 5.08 -8.08
CA ASN A 682 11.12 4.42 -9.15
C ASN A 682 10.80 5.01 -10.51
N SER A 683 9.55 5.43 -10.74
CA SER A 683 9.21 6.05 -12.01
C SER A 683 9.85 7.43 -12.17
N ALA A 684 10.43 7.99 -11.11
CA ALA A 684 11.00 9.32 -11.20
C ALA A 684 12.28 9.37 -12.01
N VAL A 685 12.89 8.23 -12.32
CA VAL A 685 14.22 8.19 -12.88
C VAL A 685 14.15 7.95 -14.38
N ASN A 686 15.25 8.29 -15.06
CA ASN A 686 15.43 7.88 -16.45
C ASN A 686 15.41 6.36 -16.52
N PRO A 687 14.61 5.77 -17.40
CA PRO A 687 14.61 4.30 -17.53
C PRO A 687 15.96 3.73 -17.94
N HIS A 688 16.87 4.55 -18.48
CA HIS A 688 18.25 4.13 -18.75
C HIS A 688 19.16 4.36 -17.54
N THR A 689 18.60 4.38 -16.34
CA THR A 689 19.34 4.70 -15.14
C THR A 689 18.85 3.83 -14.00
N VAL A 690 19.79 3.36 -13.18
CA VAL A 690 19.43 2.54 -12.02
C VAL A 690 18.66 3.40 -11.02
N PRO A 691 17.46 3.00 -10.61
CA PRO A 691 16.69 3.81 -9.66
C PRO A 691 17.38 3.87 -8.31
N PRO A 692 17.54 5.06 -7.73
CA PRO A 692 18.12 5.17 -6.40
C PRO A 692 17.20 4.58 -5.35
N ALA A 693 17.73 4.51 -4.13
CA ALA A 693 16.91 4.19 -2.97
C ALA A 693 16.46 5.48 -2.30
N CYS A 694 15.25 5.45 -1.75
CA CYS A 694 14.74 6.63 -1.09
C CYS A 694 15.64 6.99 0.10
N PRO A 695 15.88 8.28 0.33
CA PRO A 695 16.80 8.67 1.41
C PRO A 695 16.31 8.16 2.76
N GLU A 696 17.26 7.92 3.64
CA GLU A 696 16.95 7.32 4.94
C GLU A 696 16.15 8.32 5.79
N PRO A 697 15.80 7.97 7.05
CA PRO A 697 14.39 8.06 7.44
C PRO A 697 13.80 9.46 7.41
N GLN A 698 13.63 9.96 6.21
CA GLN A 698 12.66 10.97 5.84
C GLN A 698 11.82 10.53 4.65
N GLY A 699 12.43 9.84 3.70
CA GLY A 699 11.72 9.24 2.58
C GLY A 699 11.59 10.18 1.40
N CYS A 700 11.40 9.58 0.23
CA CYS A 700 11.01 10.35 -0.95
C CYS A 700 9.65 10.98 -0.69
N TYR A 701 9.46 12.22 -1.15
CA TYR A 701 8.21 12.90 -0.90
C TYR A 701 7.61 13.40 -2.21
N LEU A 702 6.28 13.40 -2.23
CA LEU A 702 5.50 13.91 -3.36
C LEU A 702 4.69 15.11 -2.88
N GLU A 703 5.00 16.29 -3.41
CA GLU A 703 4.24 17.48 -3.05
C GLU A 703 3.08 17.66 -4.02
N LEU A 704 1.88 17.77 -3.48
CA LEU A 704 0.66 18.02 -4.24
C LEU A 704 0.08 19.34 -3.77
N GLU A 705 -0.10 20.28 -4.69
CA GLU A 705 -0.74 21.54 -4.35
C GLU A 705 -2.17 21.55 -4.88
N PHE A 706 -3.03 22.26 -4.18
CA PHE A 706 -4.44 22.37 -4.53
C PHE A 706 -4.74 23.78 -5.01
N LEU A 707 -5.61 23.87 -6.02
CA LEU A 707 -5.83 25.14 -6.72
C LEU A 707 -6.41 26.19 -5.80
N TYR A 708 -7.31 25.81 -4.91
CA TYR A 708 -7.99 26.76 -4.01
C TYR A 708 -7.60 26.47 -2.58
N PRO A 709 -6.62 27.19 -2.03
CA PRO A 709 -6.28 27.01 -0.61
C PRO A 709 -7.47 27.34 0.28
N LEU A 710 -7.69 26.49 1.28
CA LEU A 710 -8.88 26.60 2.10
C LEU A 710 -8.72 25.71 3.32
N VAL A 711 -9.53 25.99 4.34
CA VAL A 711 -9.52 25.25 5.60
C VAL A 711 -9.97 23.82 5.34
N PRO A 712 -9.07 22.85 5.36
CA PRO A 712 -9.46 21.48 5.00
C PRO A 712 -10.34 20.86 6.07
N GLU A 713 -11.14 19.89 5.65
CA GLU A 713 -11.93 19.08 6.55
C GLU A 713 -11.63 17.59 6.45
N SER A 714 -11.31 17.10 5.26
CA SER A 714 -10.83 15.73 5.16
C SER A 714 -9.95 15.58 3.92
N LEU A 715 -8.93 14.74 4.06
CA LEU A 715 -7.95 14.51 3.01
C LEU A 715 -8.06 13.06 2.54
N THR A 716 -8.22 12.87 1.24
CA THR A 716 -8.31 11.54 0.65
C THR A 716 -7.15 11.34 -0.31
N ILE A 717 -6.45 10.22 -0.15
CA ILE A 717 -5.29 9.89 -0.99
C ILE A 717 -5.49 8.47 -1.52
N TRP A 718 -5.29 8.29 -2.83
CA TRP A 718 -5.52 7.00 -3.48
C TRP A 718 -4.19 6.28 -3.70
N VAL A 719 -3.71 5.63 -2.65
CA VAL A 719 -2.46 4.88 -2.74
C VAL A 719 -2.75 3.57 -3.48
N THR A 720 -2.44 3.55 -4.78
CA THR A 720 -2.84 2.42 -5.61
C THR A 720 -2.02 1.17 -5.30
N PHE A 721 -0.71 1.30 -5.19
CA PHE A 721 0.19 0.16 -5.04
C PHE A 721 1.09 0.35 -3.83
N VAL A 722 1.28 -0.73 -3.08
CA VAL A 722 2.20 -0.75 -1.95
C VAL A 722 2.95 -2.07 -1.97
N SER A 723 4.28 -2.01 -1.82
CA SER A 723 5.06 -3.23 -1.67
C SER A 723 4.68 -3.93 -0.36
N THR A 724 4.61 -5.26 -0.43
CA THR A 724 3.85 -6.04 0.55
C THR A 724 4.62 -6.36 1.84
N ASP A 725 5.91 -6.02 1.94
CA ASP A 725 6.73 -6.68 2.95
C ASP A 725 6.61 -6.05 4.34
N TRP A 726 6.96 -4.77 4.49
CA TRP A 726 7.33 -4.27 5.81
C TRP A 726 6.12 -3.83 6.64
N ASP A 727 6.12 -4.28 7.91
CA ASP A 727 5.37 -3.78 9.06
C ASP A 727 3.98 -3.21 8.79
N SER A 728 3.58 -2.25 9.62
CA SER A 728 2.28 -1.59 9.55
C SER A 728 2.40 -0.09 9.34
N SER A 729 3.57 0.39 8.92
CA SER A 729 3.70 1.80 8.57
C SER A 729 2.93 2.16 7.32
N GLY A 730 2.44 1.17 6.57
CA GLY A 730 1.66 1.41 5.38
C GLY A 730 2.41 2.09 4.26
N ALA A 731 3.73 2.12 4.32
CA ALA A 731 4.61 2.70 3.31
C ALA A 731 4.41 4.19 3.13
N VAL A 732 3.49 4.81 3.87
CA VAL A 732 3.32 6.25 3.88
C VAL A 732 3.95 6.73 5.19
N ASN A 733 5.24 7.08 5.12
CA ASN A 733 6.00 7.38 6.31
C ASN A 733 5.45 8.62 7.02
N ASP A 734 5.02 9.62 6.26
CA ASP A 734 4.57 10.86 6.85
C ASP A 734 3.75 11.63 5.82
N ILE A 735 2.83 12.45 6.33
CA ILE A 735 2.03 13.35 5.51
C ILE A 735 2.04 14.72 6.18
N LYS A 736 2.42 15.74 5.43
CA LYS A 736 2.51 17.10 5.95
C LYS A 736 1.57 18.00 5.17
N LEU A 737 0.79 18.79 5.89
CA LEU A 737 -0.13 19.77 5.33
C LEU A 737 0.60 21.10 5.25
N LEU A 738 0.91 21.52 4.03
CA LEU A 738 1.50 22.82 3.75
C LEU A 738 0.45 23.90 4.00
N ALA A 739 0.57 24.59 5.14
CA ALA A 739 -0.31 25.69 5.47
C ALA A 739 0.04 26.91 4.64
N VAL A 740 -0.96 27.78 4.45
CA VAL A 740 -0.76 28.97 3.65
C VAL A 740 0.21 29.93 4.31
N SER A 741 0.07 30.14 5.63
CA SER A 741 0.92 31.09 6.34
C SER A 741 2.39 30.68 6.36
N GLY A 742 2.70 29.42 6.04
CA GLY A 742 4.06 28.94 6.06
C GLY A 742 4.32 27.78 7.00
N LYS A 743 3.35 27.42 7.84
CA LYS A 743 3.47 26.26 8.71
C LYS A 743 3.41 24.99 7.88
N ASN A 744 3.60 23.85 8.56
CA ASN A 744 3.42 22.55 7.90
C ASN A 744 3.08 21.51 8.98
N ILE A 745 1.80 21.19 9.08
CA ILE A 745 1.36 20.26 10.10
C ILE A 745 1.69 18.84 9.66
N SER A 746 2.41 18.09 10.50
CA SER A 746 2.70 16.71 10.18
C SER A 746 1.60 15.81 10.75
N LEU A 747 1.06 14.93 9.91
CA LEU A 747 -0.02 14.04 10.31
C LEU A 747 0.47 12.67 10.76
N GLY A 748 1.77 12.41 10.71
CA GLY A 748 2.30 11.15 11.15
C GLY A 748 2.03 10.03 10.18
N PRO A 749 2.67 8.87 10.39
CA PRO A 749 2.50 7.76 9.46
C PRO A 749 1.06 7.28 9.41
N GLN A 750 0.61 6.91 8.21
CA GLN A 750 -0.74 6.42 7.98
C GLN A 750 -0.69 4.99 7.50
N ASN A 751 -1.64 4.18 7.97
CA ASN A 751 -1.85 2.85 7.42
C ASN A 751 -2.72 2.95 6.18
N VAL A 752 -2.32 2.26 5.12
CA VAL A 752 -3.06 2.31 3.86
C VAL A 752 -3.39 0.90 3.41
N PHE A 753 -4.50 0.77 2.70
CA PHE A 753 -4.82 -0.40 1.91
C PHE A 753 -4.60 -0.07 0.45
N CYS A 754 -4.29 -1.09 -0.35
CA CYS A 754 -4.00 -0.82 -1.76
C CYS A 754 -5.25 -0.48 -2.57
N ASP A 755 -6.44 -0.90 -2.12
CA ASP A 755 -7.66 -0.67 -2.90
C ASP A 755 -8.71 0.14 -2.16
N VAL A 756 -8.37 0.77 -1.04
CA VAL A 756 -9.27 1.63 -0.30
C VAL A 756 -8.60 2.98 -0.11
N PRO A 757 -9.19 4.08 -0.59
CA PRO A 757 -8.50 5.39 -0.52
C PRO A 757 -8.28 5.83 0.91
N LEU A 758 -7.01 5.99 1.28
CA LEU A 758 -6.62 6.49 2.59
C LEU A 758 -7.33 7.80 2.91
N THR A 759 -8.25 7.74 3.87
CA THR A 759 -9.01 8.90 4.32
C THR A 759 -8.46 9.37 5.66
N ILE A 760 -8.32 10.69 5.80
CA ILE A 760 -7.86 11.31 7.02
C ILE A 760 -8.81 12.45 7.34
N ARG A 761 -9.11 12.65 8.61
CA ARG A 761 -9.91 13.79 9.04
C ARG A 761 -9.00 14.83 9.68
N LEU A 762 -9.20 16.09 9.29
CA LEU A 762 -8.31 17.18 9.69
C LEU A 762 -9.05 18.17 10.58
N TRP A 763 -9.78 17.66 11.57
CA TRP A 763 -10.49 18.52 12.50
C TRP A 763 -9.55 19.42 13.30
N ASP A 764 -8.28 19.03 13.43
CA ASP A 764 -7.32 19.79 14.21
C ASP A 764 -6.68 20.93 13.43
N VAL A 765 -6.84 20.97 12.11
CA VAL A 765 -6.21 21.99 11.28
C VAL A 765 -7.12 23.20 11.20
N GLY A 766 -6.64 24.32 11.74
CA GLY A 766 -7.40 25.55 11.77
C GLY A 766 -6.98 26.61 10.77
N GLU A 767 -5.97 26.35 9.96
CA GLU A 767 -5.44 27.32 9.00
C GLU A 767 -5.63 26.82 7.58
N GLU A 768 -5.70 27.77 6.64
CA GLU A 768 -5.87 27.42 5.23
C GLU A 768 -4.71 26.57 4.75
N VAL A 769 -5.04 25.41 4.20
CA VAL A 769 -4.05 24.46 3.68
C VAL A 769 -4.07 24.54 2.17
N TYR A 770 -2.88 24.71 1.56
CA TYR A 770 -2.81 24.81 0.11
C TYR A 770 -2.19 23.58 -0.55
N GLY A 771 -1.67 22.65 0.22
CA GLY A 771 -1.04 21.48 -0.36
C GLY A 771 -0.62 20.51 0.71
N ILE A 772 -0.17 19.33 0.24
CA ILE A 772 0.30 18.27 1.10
C ILE A 772 1.62 17.75 0.55
N GLN A 773 2.34 17.01 1.40
CA GLN A 773 3.58 16.35 1.02
C GLN A 773 3.53 14.92 1.55
N ILE A 774 3.34 13.97 0.64
CA ILE A 774 3.22 12.57 1.01
C ILE A 774 4.63 11.98 1.00
N TYR A 775 5.18 11.77 2.18
CA TYR A 775 6.47 11.10 2.32
C TYR A 775 6.28 9.59 2.31
N THR A 776 7.32 8.90 1.85
CA THR A 776 7.27 7.45 1.76
C THR A 776 8.71 6.92 1.76
N LEU A 777 8.93 5.87 2.52
CA LEU A 777 10.16 5.09 2.44
C LEU A 777 10.09 4.01 1.39
N ASP A 778 8.94 3.89 0.72
CA ASP A 778 8.74 2.87 -0.30
C ASP A 778 9.29 3.36 -1.63
N GLU A 779 10.09 2.52 -2.28
CA GLU A 779 10.55 2.79 -3.63
C GLU A 779 9.59 2.26 -4.69
N HIS A 780 8.51 1.60 -4.28
CA HIS A 780 7.52 1.07 -5.20
C HIS A 780 6.11 1.60 -4.94
N LEU A 781 5.93 2.44 -3.93
CA LEU A 781 4.61 2.99 -3.63
C LEU A 781 4.14 3.89 -4.78
N GLU A 782 2.83 3.89 -5.01
CA GLU A 782 2.23 4.62 -6.11
C GLU A 782 1.02 5.39 -5.60
N ILE A 783 1.05 6.71 -5.76
CA ILE A 783 -0.05 7.57 -5.36
C ILE A 783 -0.82 7.96 -6.62
N ASP A 784 -2.11 7.65 -6.63
CA ASP A 784 -2.92 7.83 -7.83
C ASP A 784 -3.42 9.27 -7.96
N ALA A 785 -3.85 9.87 -6.86
CA ALA A 785 -4.37 11.23 -6.82
C ALA A 785 -4.67 11.56 -5.36
N ALA A 786 -4.91 12.83 -5.11
CA ALA A 786 -5.33 13.31 -3.80
C ALA A 786 -6.67 14.03 -3.92
N MET A 787 -7.15 14.50 -2.77
CA MET A 787 -8.43 15.19 -2.72
C MET A 787 -8.58 15.92 -1.39
N LEU A 788 -8.90 17.21 -1.46
CA LEU A 788 -9.22 18.02 -0.29
C LEU A 788 -10.71 18.27 -0.26
N THR A 789 -11.34 17.91 0.86
CA THR A 789 -12.72 18.23 1.14
C THR A 789 -12.76 19.34 2.18
N SER A 790 -13.40 20.45 1.80
CA SER A 790 -13.54 21.63 2.64
C SER A 790 -14.57 21.38 3.75
N THR A 791 -14.58 22.29 4.71
CA THR A 791 -15.63 22.31 5.71
C THR A 791 -16.92 22.85 5.09
N ALA A 792 -18.03 22.63 5.80
CA ALA A 792 -19.31 23.15 5.34
C ALA A 792 -19.28 24.67 5.32
N ASP A 793 -19.95 25.25 4.33
CA ASP A 793 -20.01 26.70 4.13
C ASP A 793 -18.61 27.29 3.99
N THR A 794 -17.81 26.67 3.13
CA THR A 794 -16.47 27.17 2.86
C THR A 794 -16.57 28.54 2.20
N PRO A 795 -15.58 29.41 2.41
CA PRO A 795 -15.71 30.80 1.92
C PRO A 795 -15.96 30.92 0.43
N LEU A 796 -15.33 30.09 -0.39
CA LEU A 796 -15.41 30.27 -1.84
C LEU A 796 -16.78 29.93 -2.39
N CYS A 797 -17.51 29.01 -1.76
CA CYS A 797 -18.78 28.53 -2.27
C CYS A 797 -19.98 29.33 -1.77
N LEU A 798 -19.77 30.32 -0.90
CA LEU A 798 -20.89 31.04 -0.32
C LEU A 798 -21.64 31.87 -1.37
N GLN A 799 -20.91 32.58 -2.22
CA GLN A 799 -21.53 33.59 -3.07
C GLN A 799 -22.31 32.98 -4.23
N CYS A 800 -21.82 31.87 -4.78
CA CYS A 800 -22.38 31.36 -6.02
C CYS A 800 -23.78 30.81 -5.84
N LYS A 801 -24.63 31.08 -6.82
CA LYS A 801 -26.03 30.70 -6.74
C LYS A 801 -26.21 29.18 -6.91
N PRO A 802 -27.25 28.62 -6.30
CA PRO A 802 -27.54 27.19 -6.49
C PRO A 802 -28.52 26.93 -7.62
N LEU A 803 -28.42 25.72 -8.16
CA LEU A 803 -29.42 25.27 -9.13
C LEU A 803 -30.78 25.13 -8.46
N LYS A 804 -31.83 25.41 -9.23
CA LYS A 804 -33.19 25.36 -8.69
C LYS A 804 -34.05 24.45 -9.53
N TYR A 805 -34.78 23.55 -8.90
CA TYR A 805 -35.61 22.59 -9.62
C TYR A 805 -37.06 23.05 -9.63
N LYS A 806 -37.75 22.81 -10.75
CA LYS A 806 -39.15 23.14 -10.92
C LYS A 806 -39.92 21.87 -11.26
N VAL A 807 -40.97 21.59 -10.51
CA VAL A 807 -41.70 20.33 -10.66
C VAL A 807 -42.97 20.59 -11.44
N VAL A 808 -43.20 19.78 -12.48
CA VAL A 808 -44.38 19.90 -13.32
C VAL A 808 -45.12 18.56 -13.30
N ARG A 809 -46.43 18.62 -13.07
CA ARG A 809 -47.28 17.45 -12.97
C ARG A 809 -48.32 17.45 -14.08
N ASP A 810 -48.68 16.26 -14.51
CA ASP A 810 -49.80 16.02 -15.41
C ASP A 810 -50.83 15.16 -14.69
N PRO A 811 -52.03 15.70 -14.37
CA PRO A 811 -52.55 17.04 -14.67
C PRO A 811 -51.79 18.16 -13.96
N PRO A 812 -51.84 19.39 -14.49
CA PRO A 812 -51.09 20.48 -13.87
C PRO A 812 -51.58 20.78 -12.46
N LEU A 813 -50.68 21.32 -11.64
CA LEU A 813 -50.99 21.66 -10.27
C LEU A 813 -52.18 22.62 -10.22
N GLN A 814 -53.16 22.31 -9.36
CA GLN A 814 -54.43 23.03 -9.38
C GLN A 814 -54.25 24.51 -9.05
N MET A 815 -53.60 24.81 -7.92
CA MET A 815 -53.20 26.17 -7.63
C MET A 815 -52.15 26.61 -8.63
N ASP A 816 -52.11 27.92 -8.93
CA ASP A 816 -51.26 28.43 -10.00
C ASP A 816 -49.80 28.47 -9.55
N VAL A 817 -49.30 27.30 -9.16
CA VAL A 817 -47.94 27.21 -8.63
C VAL A 817 -46.96 27.65 -9.71
N ALA A 818 -46.08 28.58 -9.34
CA ALA A 818 -44.91 28.89 -10.15
C ALA A 818 -43.78 27.91 -9.89
N SER A 819 -44.12 26.70 -9.44
CA SER A 819 -43.25 25.66 -8.91
C SER A 819 -42.56 26.11 -7.64
N ILE A 820 -42.82 27.33 -7.15
CA ILE A 820 -42.17 28.00 -6.02
C ILE A 820 -40.66 27.79 -6.06
N LEU A 821 -40.15 27.32 -7.21
CA LEU A 821 -38.79 26.83 -7.37
C LEU A 821 -38.50 25.77 -6.31
N HIS A 822 -37.26 25.32 -6.22
CA HIS A 822 -36.89 24.31 -5.23
C HIS A 822 -35.38 24.30 -5.10
N LEU A 823 -34.93 23.85 -3.94
CA LEU A 823 -33.50 23.67 -3.71
C LEU A 823 -33.15 22.35 -3.04
N ASN A 824 -34.10 21.65 -2.44
CA ASN A 824 -33.82 20.48 -1.61
C ASN A 824 -33.98 19.16 -2.36
N ARG A 825 -34.39 19.18 -3.63
CA ARG A 825 -34.71 17.95 -4.37
C ARG A 825 -35.75 17.12 -3.62
N LYS A 826 -36.75 17.79 -3.06
CA LYS A 826 -37.82 17.11 -2.35
C LYS A 826 -39.11 17.89 -2.54
N PHE A 827 -40.15 17.21 -3.01
CA PHE A 827 -41.43 17.83 -3.29
C PHE A 827 -42.54 17.05 -2.59
N VAL A 828 -43.34 17.75 -1.80
CA VAL A 828 -44.47 17.15 -1.10
C VAL A 828 -45.74 17.64 -1.77
N ASP A 829 -46.41 16.76 -2.50
CA ASP A 829 -47.65 17.08 -3.19
C ASP A 829 -48.81 16.94 -2.21
N MET A 830 -49.50 18.06 -1.97
CA MET A 830 -50.68 18.12 -1.11
C MET A 830 -51.98 17.88 -1.85
N ASP A 831 -52.07 18.32 -3.11
CA ASP A 831 -53.31 18.21 -3.88
C ASP A 831 -53.32 16.87 -4.59
N LEU A 832 -54.06 15.91 -4.04
CA LEU A 832 -54.18 14.58 -4.61
C LEU A 832 -55.59 14.05 -4.41
N ASN A 833 -56.03 13.20 -5.33
CA ASN A 833 -57.31 12.52 -5.25
C ASN A 833 -57.06 11.02 -5.30
N LEU A 834 -57.74 10.28 -4.42
CA LEU A 834 -57.52 8.85 -4.31
C LEU A 834 -57.90 8.16 -5.61
N GLY A 835 -57.02 7.26 -6.08
CA GLY A 835 -57.26 6.50 -7.28
C GLY A 835 -56.93 7.22 -8.57
N SER A 836 -56.63 8.52 -8.53
CA SER A 836 -56.31 9.26 -9.73
C SER A 836 -54.84 9.07 -10.10
N VAL A 837 -54.60 9.03 -11.40
CA VAL A 837 -53.26 8.84 -11.95
C VAL A 837 -52.56 10.20 -12.02
N TYR A 838 -51.28 10.24 -11.62
CA TYR A 838 -50.52 11.47 -11.68
C TYR A 838 -49.16 11.19 -12.31
N GLN A 839 -48.66 12.15 -13.08
CA GLN A 839 -47.32 12.06 -13.66
C GLN A 839 -46.51 13.25 -13.20
N TYR A 840 -45.25 13.01 -12.83
CA TYR A 840 -44.37 14.07 -12.35
C TYR A 840 -43.07 14.05 -13.11
N TRP A 841 -42.58 15.24 -13.48
CA TRP A 841 -41.22 15.37 -13.95
C TRP A 841 -40.66 16.69 -13.46
N VAL A 842 -39.33 16.77 -13.42
CA VAL A 842 -38.64 17.93 -12.86
C VAL A 842 -37.81 18.58 -13.97
N ILE A 843 -37.75 19.90 -13.93
CA ILE A 843 -37.08 20.73 -14.92
C ILE A 843 -36.08 21.58 -14.17
N THR A 844 -34.82 21.45 -14.52
CA THR A 844 -33.76 22.16 -13.82
C THR A 844 -33.65 23.59 -14.36
N ILE A 845 -33.93 24.57 -13.51
CA ILE A 845 -33.80 25.98 -13.81
C ILE A 845 -32.47 26.46 -13.22
N SER A 846 -31.57 26.87 -14.10
CA SER A 846 -30.28 27.45 -13.75
C SER A 846 -30.36 28.94 -14.11
N GLY A 847 -30.82 29.74 -13.15
CA GLY A 847 -31.07 31.14 -13.44
C GLY A 847 -32.44 31.34 -14.03
N THR A 848 -32.51 31.47 -15.35
CA THR A 848 -33.78 31.58 -16.06
C THR A 848 -33.90 30.61 -17.23
N GLU A 849 -32.89 29.77 -17.48
CA GLU A 849 -32.90 28.85 -18.61
C GLU A 849 -33.22 27.46 -18.11
N GLU A 850 -34.38 26.96 -18.51
CA GLU A 850 -34.85 25.66 -18.06
C GLU A 850 -34.22 24.54 -18.87
N SER A 851 -33.94 23.42 -18.21
CA SER A 851 -33.41 22.25 -18.89
C SER A 851 -34.54 21.48 -19.56
N GLU A 852 -34.16 20.39 -20.23
CA GLU A 852 -35.16 19.48 -20.78
C GLU A 852 -35.85 18.72 -19.66
N PRO A 853 -37.13 18.38 -19.84
CA PRO A 853 -37.84 17.66 -18.78
C PRO A 853 -37.20 16.32 -18.47
N SER A 854 -37.13 16.02 -17.17
CA SER A 854 -36.67 14.71 -16.75
C SER A 854 -37.71 13.66 -17.12
N PRO A 855 -37.32 12.38 -17.18
CA PRO A 855 -38.32 11.33 -17.42
C PRO A 855 -39.40 11.35 -16.34
N ALA A 856 -40.63 11.09 -16.76
CA ALA A 856 -41.75 11.18 -15.85
C ALA A 856 -41.86 9.94 -14.97
N VAL A 857 -42.44 10.14 -13.79
CA VAL A 857 -42.82 9.05 -12.91
C VAL A 857 -44.34 9.06 -12.80
N THR A 858 -44.94 7.88 -12.85
CA THR A 858 -46.39 7.73 -12.81
C THR A 858 -46.78 7.12 -11.48
N TYR A 859 -47.40 7.93 -10.63
CA TYR A 859 -47.87 7.50 -9.32
C TYR A 859 -49.39 7.54 -9.29
N ILE A 860 -50.00 6.39 -9.03
CA ILE A 860 -51.45 6.28 -8.93
C ILE A 860 -51.78 6.36 -7.44
N HIS A 861 -52.30 7.51 -7.02
CA HIS A 861 -52.50 7.73 -5.59
C HIS A 861 -53.46 6.69 -5.01
N GLY A 862 -53.07 6.11 -3.88
CA GLY A 862 -53.80 5.03 -3.28
C GLY A 862 -53.38 3.65 -3.73
N SER A 863 -52.59 3.55 -4.79
CA SER A 863 -52.09 2.28 -5.28
C SER A 863 -50.63 2.10 -4.88
N GLY A 864 -50.05 0.96 -5.28
CA GLY A 864 -48.67 0.68 -4.94
C GLY A 864 -47.69 1.40 -5.85
N TYR A 865 -46.43 1.29 -5.48
CA TYR A 865 -45.32 1.89 -6.23
C TYR A 865 -44.04 1.19 -5.81
N CYS A 866 -42.91 1.69 -6.30
CA CYS A 866 -41.61 1.14 -5.96
C CYS A 866 -41.06 1.84 -4.73
N GLY A 867 -40.91 1.10 -3.64
CA GLY A 867 -40.48 1.65 -2.38
C GLY A 867 -41.58 1.79 -1.33
N ASP A 868 -42.66 1.04 -1.44
CA ASP A 868 -43.75 1.08 -0.47
C ASP A 868 -43.73 -0.12 0.48
N GLY A 869 -42.81 -1.06 0.29
CA GLY A 869 -42.74 -2.24 1.12
C GLY A 869 -43.55 -3.42 0.66
N ILE A 870 -44.31 -3.27 -0.42
CA ILE A 870 -45.15 -4.34 -0.96
C ILE A 870 -44.62 -4.71 -2.34
N ILE A 871 -44.41 -6.00 -2.57
CA ILE A 871 -43.84 -6.49 -3.82
C ILE A 871 -45.01 -6.67 -4.80
N GLN A 872 -45.27 -5.63 -5.58
CA GLN A 872 -46.23 -5.71 -6.68
C GLN A 872 -45.50 -6.34 -7.86
N LYS A 873 -45.62 -7.66 -8.00
CA LYS A 873 -44.89 -8.37 -9.03
C LYS A 873 -45.27 -7.90 -10.43
N ASP A 874 -46.50 -7.43 -10.61
CA ASP A 874 -46.94 -6.98 -11.92
C ASP A 874 -46.16 -5.76 -12.39
N GLN A 875 -45.84 -4.85 -11.47
CA GLN A 875 -45.06 -3.67 -11.84
C GLN A 875 -43.62 -4.02 -12.21
N GLY A 876 -43.17 -5.24 -11.96
CA GLY A 876 -41.81 -5.64 -12.22
C GLY A 876 -40.88 -5.62 -11.04
N GLU A 877 -41.42 -5.47 -9.83
CA GLU A 877 -40.59 -5.42 -8.62
C GLU A 877 -40.15 -6.83 -8.26
N GLN A 878 -38.87 -7.12 -8.45
CA GLN A 878 -38.32 -8.39 -7.97
C GLN A 878 -38.16 -8.39 -6.46
N CYS A 879 -38.04 -7.21 -5.86
CA CYS A 879 -37.96 -7.07 -4.42
C CYS A 879 -38.47 -5.68 -4.06
N ASP A 880 -38.73 -5.48 -2.78
CA ASP A 880 -39.17 -4.17 -2.28
C ASP A 880 -38.91 -4.14 -0.78
N ASP A 881 -38.09 -3.18 -0.33
CA ASP A 881 -37.73 -3.11 1.08
C ASP A 881 -38.12 -1.79 1.72
N MET A 882 -39.12 -1.10 1.17
CA MET A 882 -39.66 0.12 1.77
C MET A 882 -38.56 1.15 2.03
N ASN A 883 -37.64 1.25 1.08
CA ASN A 883 -36.40 1.96 1.34
C ASN A 883 -35.72 2.29 0.01
N LYS A 884 -34.99 3.40 -0.01
CA LYS A 884 -34.39 3.90 -1.25
C LYS A 884 -32.87 3.96 -1.16
N ILE A 885 -32.25 2.89 -0.66
CA ILE A 885 -30.80 2.81 -0.52
C ILE A 885 -30.32 1.58 -1.27
N ASN A 886 -29.31 1.77 -2.11
CA ASN A 886 -28.67 0.64 -2.75
C ASN A 886 -27.67 -0.02 -1.81
N GLY A 887 -27.30 -1.26 -2.14
CA GLY A 887 -26.35 -2.00 -1.36
C GLY A 887 -26.92 -2.78 -0.20
N ASP A 888 -28.21 -2.62 0.11
CA ASP A 888 -28.87 -3.43 1.11
C ASP A 888 -29.48 -4.70 0.54
N GLY A 889 -29.11 -5.07 -0.68
CA GLY A 889 -29.62 -6.27 -1.31
C GLY A 889 -30.71 -5.99 -2.32
N CYS A 890 -31.61 -5.07 -2.00
CA CYS A 890 -32.70 -4.67 -2.88
C CYS A 890 -32.38 -3.28 -3.43
N SER A 891 -32.21 -3.20 -4.75
CA SER A 891 -31.72 -1.98 -5.35
C SER A 891 -32.73 -0.84 -5.19
N LEU A 892 -32.31 0.36 -5.60
CA LEU A 892 -33.15 1.54 -5.49
C LEU A 892 -34.41 1.38 -6.32
N PHE A 893 -34.31 0.72 -7.47
CA PHE A 893 -35.41 0.59 -8.42
C PHE A 893 -36.18 -0.71 -8.26
N CYS A 894 -36.28 -1.20 -7.02
CA CYS A 894 -37.04 -2.40 -6.69
C CYS A 894 -36.59 -3.60 -7.53
N ARG A 895 -35.29 -3.87 -7.50
CA ARG A 895 -34.72 -5.00 -8.20
C ARG A 895 -33.65 -5.64 -7.32
N GLN A 896 -33.67 -6.97 -7.26
CA GLN A 896 -32.69 -7.69 -6.46
C GLN A 896 -31.27 -7.38 -6.94
N GLU A 897 -30.37 -7.22 -5.99
CA GLU A 897 -28.97 -7.04 -6.33
C GLU A 897 -28.29 -8.38 -6.55
N VAL A 898 -27.16 -8.35 -7.24
CA VAL A 898 -26.43 -9.57 -7.54
C VAL A 898 -25.89 -10.18 -6.26
N SER A 899 -26.04 -11.50 -6.13
CA SER A 899 -25.61 -12.31 -4.99
C SER A 899 -26.40 -12.04 -3.73
N PHE A 900 -27.54 -11.36 -3.83
CA PHE A 900 -28.45 -11.15 -2.70
C PHE A 900 -29.81 -11.73 -3.05
N ASN A 901 -30.36 -12.53 -2.15
CA ASN A 901 -31.70 -13.07 -2.30
C ASN A 901 -32.59 -12.48 -1.22
N CYS A 902 -33.81 -12.08 -1.59
CA CYS A 902 -34.70 -11.36 -0.69
C CYS A 902 -35.96 -12.17 -0.45
N ILE A 903 -36.31 -12.34 0.82
CA ILE A 903 -37.50 -13.09 1.24
C ILE A 903 -38.43 -12.14 1.97
N ASP A 904 -39.59 -12.67 2.38
CA ASP A 904 -40.55 -11.92 3.18
C ASP A 904 -41.06 -10.68 2.45
N GLU A 905 -41.90 -9.89 3.12
CA GLU A 905 -42.52 -8.70 2.55
C GLU A 905 -42.88 -7.72 3.66
N PRO A 906 -42.19 -6.56 3.77
CA PRO A 906 -41.14 -6.02 2.89
C PRO A 906 -39.87 -6.87 2.90
N SER A 907 -39.08 -6.78 1.82
CA SER A 907 -38.04 -7.76 1.59
C SER A 907 -36.93 -7.69 2.64
N ARG A 908 -36.51 -8.87 3.09
CA ARG A 908 -35.32 -9.07 3.91
C ARG A 908 -34.33 -9.81 3.03
N CYS A 909 -33.26 -9.12 2.65
CA CYS A 909 -32.28 -9.66 1.73
C CYS A 909 -31.09 -10.21 2.50
N TYR A 910 -30.57 -11.33 2.03
CA TYR A 910 -29.40 -11.97 2.61
C TYR A 910 -28.43 -12.38 1.50
N PHE A 911 -27.15 -12.38 1.86
CA PHE A 911 -26.10 -12.79 0.94
C PHE A 911 -26.00 -14.32 0.98
N HIS A 912 -26.42 -14.97 -0.10
CA HIS A 912 -26.59 -16.41 -0.08
C HIS A 912 -25.36 -17.19 -0.51
N ASP A 913 -24.44 -16.59 -1.27
CA ASP A 913 -23.28 -17.32 -1.76
C ASP A 913 -22.29 -17.57 -0.62
N GLY A 914 -22.62 -18.48 0.29
CA GLY A 914 -21.75 -18.75 1.42
C GLY A 914 -22.38 -18.43 2.75
N ASP A 915 -23.69 -18.62 2.87
CA ASP A 915 -24.40 -18.41 4.13
C ASP A 915 -24.47 -19.69 4.97
N GLY A 916 -23.74 -20.73 4.59
CA GLY A 916 -23.73 -21.97 5.33
C GLY A 916 -24.86 -22.92 5.02
N VAL A 917 -25.79 -22.54 4.14
CA VAL A 917 -26.91 -23.38 3.77
C VAL A 917 -27.02 -23.37 2.24
N CYS A 918 -26.96 -24.55 1.64
CA CYS A 918 -27.24 -24.69 0.22
C CYS A 918 -28.74 -24.68 -0.03
N GLU A 919 -29.15 -24.08 -1.15
CA GLU A 919 -30.56 -24.02 -1.52
C GLU A 919 -30.72 -24.54 -2.94
N GLU A 920 -31.97 -24.50 -3.42
CA GLU A 920 -32.29 -25.10 -4.71
C GLU A 920 -31.65 -24.34 -5.86
N PHE A 921 -31.80 -23.01 -5.89
CA PHE A 921 -31.26 -22.23 -6.99
C PHE A 921 -29.76 -21.98 -6.85
N GLU A 922 -29.16 -22.39 -5.74
CA GLU A 922 -27.71 -22.29 -5.55
C GLU A 922 -26.96 -23.49 -6.12
N GLN A 923 -27.65 -24.59 -6.43
CA GLN A 923 -26.96 -25.82 -6.82
C GLN A 923 -26.19 -25.65 -8.12
N LYS A 924 -26.79 -24.99 -9.11
CA LYS A 924 -26.16 -24.88 -10.43
C LYS A 924 -25.04 -23.86 -10.47
N THR A 925 -24.96 -22.96 -9.49
CA THR A 925 -24.02 -21.86 -9.54
C THR A 925 -23.09 -21.78 -8.33
N SER A 926 -23.59 -22.05 -7.14
CA SER A 926 -22.81 -21.88 -5.92
C SER A 926 -22.12 -23.19 -5.56
N ILE A 927 -20.80 -23.23 -5.73
CA ILE A 927 -20.00 -24.35 -5.30
C ILE A 927 -19.58 -24.23 -3.83
N LYS A 928 -19.56 -23.00 -3.29
CA LYS A 928 -19.14 -22.80 -1.91
C LYS A 928 -20.08 -23.50 -0.94
N ASP A 929 -21.40 -23.43 -1.19
CA ASP A 929 -22.39 -24.08 -0.35
C ASP A 929 -22.79 -25.46 -0.86
N CYS A 930 -23.21 -25.55 -2.12
CA CYS A 930 -23.77 -26.78 -2.66
C CYS A 930 -22.71 -27.74 -3.21
N GLY A 931 -21.45 -27.32 -3.30
CA GLY A 931 -20.42 -28.17 -3.85
C GLY A 931 -20.41 -28.19 -5.36
N VAL A 932 -19.52 -29.01 -5.91
CA VAL A 932 -19.37 -29.10 -7.36
C VAL A 932 -20.62 -29.76 -7.94
N TYR A 933 -21.17 -29.14 -8.98
CA TYR A 933 -22.39 -29.63 -9.61
C TYR A 933 -22.08 -30.84 -10.49
N ARG B 1 23.82 -2.40 -20.49
CA ARG B 1 22.88 -3.44 -20.89
C ARG B 1 22.43 -4.26 -19.70
N LEU B 2 22.55 -3.67 -18.51
CA LEU B 2 22.14 -4.35 -17.29
C LEU B 2 20.64 -4.63 -17.33
N SER B 3 20.27 -5.91 -17.22
CA SER B 3 18.87 -6.30 -17.33
C SER B 3 18.04 -5.66 -16.23
N LEU B 4 16.81 -5.26 -16.59
CA LEU B 4 15.95 -4.59 -15.62
C LEU B 4 15.59 -5.51 -14.46
N GLN B 5 15.27 -6.77 -14.75
CA GLN B 5 15.00 -7.73 -13.68
C GLN B 5 16.25 -7.99 -12.85
N ASN B 6 17.40 -8.09 -13.52
CA ASN B 6 18.68 -8.22 -12.83
C ASN B 6 18.93 -7.04 -11.91
N THR B 7 18.67 -5.82 -12.41
CA THR B 7 18.82 -4.63 -11.59
C THR B 7 17.88 -4.65 -10.39
N ALA B 8 16.63 -5.07 -10.60
CA ALA B 8 15.67 -5.11 -9.50
C ALA B 8 16.14 -6.07 -8.40
N GLU B 9 16.59 -7.26 -8.78
CA GLU B 9 17.03 -8.23 -7.78
C GLU B 9 18.29 -7.74 -7.06
N ILE B 10 19.22 -7.09 -7.77
CA ILE B 10 20.42 -6.58 -7.09
C ILE B 10 20.05 -5.46 -6.12
N GLN B 11 19.13 -4.58 -6.52
CA GLN B 11 18.72 -3.49 -5.64
C GLN B 11 18.07 -4.03 -4.38
N HIS B 12 17.23 -5.05 -4.50
CA HIS B 12 16.65 -5.64 -3.30
C HIS B 12 17.69 -6.39 -2.47
N CYS B 13 18.72 -6.93 -3.13
CA CYS B 13 19.81 -7.56 -2.40
C CYS B 13 20.50 -6.58 -1.48
N LEU B 14 20.90 -5.42 -2.02
CA LEU B 14 21.81 -4.54 -1.30
C LEU B 14 21.19 -4.01 -0.01
N VAL B 15 19.92 -3.61 -0.04
CA VAL B 15 19.28 -3.09 1.16
C VAL B 15 19.13 -4.17 2.23
N ASN B 16 19.17 -5.44 1.84
CA ASN B 16 18.99 -6.56 2.76
C ASN B 16 20.31 -7.15 3.24
N ALA B 17 21.28 -7.32 2.35
CA ALA B 17 22.55 -7.90 2.74
C ALA B 17 23.32 -6.97 3.66
N GLY B 18 23.92 -7.54 4.70
CA GLY B 18 24.65 -6.73 5.67
C GLY B 18 25.95 -6.19 5.11
N ASP B 19 26.43 -5.13 5.76
CA ASP B 19 27.72 -4.52 5.42
C ASP B 19 28.85 -5.52 5.62
N VAL B 20 28.94 -6.09 6.82
CA VAL B 20 30.08 -6.91 7.19
C VAL B 20 30.07 -8.21 6.39
N GLY B 21 31.26 -8.74 6.14
CA GLY B 21 31.35 -9.92 5.30
C GLY B 21 31.20 -9.52 3.84
N CYS B 22 30.71 -10.46 3.04
CA CYS B 22 30.49 -10.17 1.61
C CYS B 22 29.19 -10.77 1.13
N GLY B 23 28.14 -10.69 1.93
CA GLY B 23 26.81 -10.89 1.39
C GLY B 23 26.47 -9.88 0.33
N VAL B 24 27.02 -8.67 0.46
CA VAL B 24 26.78 -7.61 -0.53
C VAL B 24 27.35 -8.01 -1.90
N PHE B 25 28.62 -8.44 -1.92
CA PHE B 25 29.23 -8.83 -3.18
C PHE B 25 28.62 -10.08 -3.76
N GLU B 26 27.89 -10.86 -2.96
CA GLU B 26 27.46 -12.18 -3.40
C GLU B 26 26.50 -12.11 -4.58
N CYS B 27 25.44 -11.30 -4.46
CA CYS B 27 24.46 -11.20 -5.54
C CYS B 27 24.68 -9.97 -6.42
N PHE B 28 25.76 -9.22 -6.20
CA PHE B 28 26.21 -8.38 -7.30
C PHE B 28 26.89 -9.19 -8.39
N GLU B 29 27.22 -10.44 -8.09
CA GLU B 29 27.65 -11.39 -9.10
C GLU B 29 26.47 -11.74 -10.00
N ASN B 30 26.74 -12.62 -10.97
CA ASN B 30 25.76 -13.06 -11.97
C ASN B 30 25.01 -11.90 -12.60
N ASN B 31 25.61 -10.71 -12.59
CA ASN B 31 25.02 -9.55 -13.23
C ASN B 31 25.11 -9.69 -14.75
N SER B 32 24.18 -9.04 -15.45
CA SER B 32 24.13 -9.12 -16.90
C SER B 32 25.38 -8.56 -17.56
N CYS B 33 26.07 -7.64 -16.91
CA CYS B 33 27.27 -7.02 -17.47
C CYS B 33 28.53 -7.85 -17.23
N GLU B 34 28.38 -9.10 -16.83
CA GLU B 34 29.47 -10.09 -16.73
C GLU B 34 30.53 -9.70 -15.70
N ILE B 35 30.32 -8.63 -14.93
CA ILE B 35 31.32 -8.22 -13.96
C ILE B 35 31.39 -9.30 -12.87
N ARG B 36 32.45 -10.10 -12.89
CA ARG B 36 32.69 -11.13 -11.89
C ARG B 36 34.01 -10.86 -11.18
N GLY B 37 34.14 -11.41 -9.98
CA GLY B 37 35.38 -11.37 -9.24
C GLY B 37 35.30 -10.65 -7.90
N LEU B 38 34.29 -9.81 -7.69
CA LEU B 38 34.15 -9.16 -6.39
C LEU B 38 33.95 -10.17 -5.28
N HIS B 39 33.04 -11.12 -5.49
CA HIS B 39 32.82 -12.19 -4.52
C HIS B 39 34.05 -13.07 -4.36
N GLY B 40 34.75 -13.33 -5.46
CA GLY B 40 36.01 -14.05 -5.38
C GLY B 40 37.05 -13.30 -4.57
N ILE B 41 37.09 -11.97 -4.72
CA ILE B 41 37.99 -11.17 -3.89
C ILE B 41 37.64 -11.34 -2.43
N CYS B 42 36.35 -11.34 -2.11
CA CYS B 42 35.92 -11.59 -0.74
C CYS B 42 36.45 -12.91 -0.22
N MET B 43 36.19 -14.00 -0.96
CA MET B 43 36.53 -15.33 -0.44
C MET B 43 38.04 -15.51 -0.36
N THR B 44 38.76 -15.08 -1.40
CA THR B 44 40.22 -15.13 -1.37
C THR B 44 40.77 -14.40 -0.15
N PHE B 45 40.33 -13.16 0.05
CA PHE B 45 40.84 -12.37 1.17
C PHE B 45 40.44 -12.98 2.50
N LEU B 46 39.18 -13.39 2.66
CA LEU B 46 38.72 -13.90 3.95
C LEU B 46 39.42 -15.20 4.30
N HIS B 47 39.51 -16.13 3.35
CA HIS B 47 40.19 -17.40 3.61
C HIS B 47 41.65 -17.18 3.93
N ASN B 48 42.34 -16.33 3.16
CA ASN B 48 43.75 -16.12 3.41
C ASN B 48 44.02 -15.05 4.46
N ALA B 49 42.98 -14.52 5.09
CA ALA B 49 43.16 -13.52 6.13
C ALA B 49 43.83 -14.08 7.36
N GLY B 50 43.66 -15.38 7.63
CA GLY B 50 44.35 -16.00 8.75
C GLY B 50 45.85 -15.90 8.66
N LYS B 51 46.40 -15.76 7.46
CA LYS B 51 47.83 -15.65 7.25
C LYS B 51 48.35 -14.22 7.35
N PHE B 52 47.45 -13.23 7.42
CA PHE B 52 47.86 -11.85 7.55
C PHE B 52 48.24 -11.53 9.00
N ASP B 53 49.07 -10.49 9.15
CA ASP B 53 49.52 -10.06 10.46
C ASP B 53 48.48 -9.12 11.07
N ALA B 54 48.85 -8.44 12.16
CA ALA B 54 47.91 -7.53 12.82
C ALA B 54 47.47 -6.40 11.88
N GLN B 55 48.44 -5.77 11.23
CA GLN B 55 48.12 -4.70 10.28
C GLN B 55 47.29 -5.24 9.11
N GLY B 56 47.62 -6.43 8.63
CA GLY B 56 46.86 -7.02 7.54
C GLY B 56 45.42 -7.32 7.92
N LYS B 57 45.21 -7.83 9.13
CA LYS B 57 43.84 -8.03 9.61
C LYS B 57 43.09 -6.72 9.74
N SER B 58 43.76 -5.62 10.11
CA SER B 58 43.10 -4.32 10.05
C SER B 58 42.67 -3.96 8.62
N PHE B 59 43.58 -4.14 7.66
CA PHE B 59 43.27 -3.80 6.28
C PHE B 59 42.08 -4.60 5.77
N ILE B 60 42.03 -5.88 6.10
CA ILE B 60 40.92 -6.69 5.62
C ILE B 60 39.63 -6.34 6.33
N LYS B 61 39.71 -5.90 7.59
CA LYS B 61 38.51 -5.40 8.27
C LYS B 61 37.91 -4.23 7.53
N ASP B 62 38.74 -3.27 7.13
CA ASP B 62 38.22 -1.97 6.71
C ASP B 62 38.12 -1.77 5.20
N ALA B 63 38.94 -2.44 4.40
CA ALA B 63 38.82 -2.34 2.94
C ALA B 63 37.59 -3.08 2.43
N LEU B 64 37.33 -4.28 2.95
CA LEU B 64 36.09 -4.98 2.61
C LEU B 64 34.87 -4.19 3.05
N LYS B 65 34.94 -3.51 4.19
CA LYS B 65 33.85 -2.65 4.62
C LYS B 65 33.66 -1.48 3.67
N CYS B 66 34.75 -0.82 3.25
CA CYS B 66 34.63 0.28 2.30
C CYS B 66 33.97 -0.19 1.02
N LYS B 67 34.42 -1.31 0.46
CA LYS B 67 33.86 -1.76 -0.79
C LYS B 67 32.39 -2.15 -0.65
N ALA B 68 32.03 -2.83 0.45
CA ALA B 68 30.61 -3.16 0.65
C ALA B 68 29.75 -1.91 0.74
N HIS B 69 30.14 -0.96 1.60
CA HIS B 69 29.37 0.27 1.78
C HIS B 69 29.30 1.09 0.49
N ALA B 70 30.44 1.25 -0.17
CA ALA B 70 30.51 2.07 -1.37
C ALA B 70 29.75 1.43 -2.53
N LEU B 71 29.78 0.10 -2.65
CA LEU B 71 28.97 -0.53 -3.67
C LEU B 71 27.48 -0.44 -3.32
N ARG B 72 27.15 -0.32 -2.04
CA ARG B 72 25.76 -0.06 -1.71
C ARG B 72 25.32 1.37 -2.03
N HIS B 73 26.26 2.31 -2.18
CA HIS B 73 25.85 3.68 -2.52
C HIS B 73 26.15 4.11 -3.96
N ARG B 74 27.36 3.88 -4.45
CA ARG B 74 27.72 4.20 -5.83
C ARG B 74 26.83 3.48 -6.83
N PHE B 75 26.22 2.35 -6.44
CA PHE B 75 25.20 1.72 -7.23
C PHE B 75 23.87 2.43 -7.00
N GLY B 76 23.89 3.75 -7.18
CA GLY B 76 22.70 4.56 -6.98
C GLY B 76 22.01 4.80 -8.30
N CYS B 77 22.20 5.97 -8.89
CA CYS B 77 21.66 6.26 -10.22
C CYS B 77 22.77 6.24 -11.28
N ILE B 78 23.73 5.33 -11.11
CA ILE B 78 24.71 5.09 -12.15
C ILE B 78 24.01 4.58 -13.40
N SER B 79 24.59 4.88 -14.55
CA SER B 79 23.98 4.51 -15.82
C SER B 79 23.78 3.01 -15.93
N ARG B 80 22.61 2.62 -16.47
CA ARG B 80 22.30 1.20 -16.64
C ARG B 80 23.21 0.51 -17.66
N LYS B 81 23.92 1.28 -18.48
CA LYS B 81 24.79 0.68 -19.49
C LYS B 81 26.03 0.07 -18.84
N CYS B 82 26.51 -1.02 -19.43
CA CYS B 82 27.61 -1.78 -18.84
C CYS B 82 28.90 -0.97 -18.66
N PRO B 83 29.39 -0.22 -19.66
CA PRO B 83 30.68 0.48 -19.46
C PRO B 83 30.70 1.36 -18.22
N ALA B 84 29.58 2.02 -17.91
CA ALA B 84 29.49 2.81 -16.68
C ALA B 84 29.65 1.92 -15.45
N ILE B 85 29.05 0.74 -15.45
CA ILE B 85 29.14 -0.15 -14.29
C ILE B 85 30.56 -0.63 -14.10
N ARG B 86 31.24 -1.01 -15.18
CA ARG B 86 32.62 -1.44 -15.07
C ARG B 86 33.49 -0.32 -14.50
N GLU B 87 33.26 0.92 -14.94
CA GLU B 87 34.00 2.03 -14.36
C GLU B 87 33.68 2.24 -12.88
N MET B 88 32.41 2.10 -12.49
CA MET B 88 32.04 2.28 -11.09
C MET B 88 32.75 1.26 -10.19
N VAL B 89 32.76 -0.01 -10.62
CA VAL B 89 33.43 -1.06 -9.87
C VAL B 89 34.94 -0.80 -9.78
N SER B 90 35.54 -0.41 -10.92
CA SER B 90 36.97 -0.12 -10.94
C SER B 90 37.32 1.02 -9.98
N GLN B 91 36.51 2.08 -9.96
CA GLN B 91 36.80 3.17 -9.05
C GLN B 91 36.59 2.78 -7.60
N LEU B 92 35.65 1.87 -7.32
CA LEU B 92 35.56 1.31 -5.98
C LEU B 92 36.90 0.71 -5.55
N GLN B 93 37.45 -0.16 -6.40
CA GLN B 93 38.73 -0.78 -6.04
C GLN B 93 39.78 0.27 -5.72
N ARG B 94 39.98 1.21 -6.65
CA ARG B 94 41.06 2.18 -6.48
C ARG B 94 40.86 3.00 -5.20
N GLU B 95 39.68 3.59 -5.03
CA GLU B 95 39.48 4.49 -3.90
C GLU B 95 39.51 3.76 -2.57
N CYS B 96 38.84 2.61 -2.46
CA CYS B 96 38.83 1.89 -1.19
C CYS B 96 40.23 1.45 -0.80
N TYR B 97 40.95 0.79 -1.71
CA TYR B 97 42.27 0.29 -1.34
C TYR B 97 43.23 1.42 -1.01
N LEU B 98 43.25 2.46 -1.84
CA LEU B 98 44.19 3.55 -1.61
C LEU B 98 43.89 4.29 -0.31
N LYS B 99 42.61 4.53 -0.03
CA LYS B 99 42.25 5.24 1.20
C LYS B 99 42.73 4.49 2.44
N HIS B 100 42.79 3.16 2.37
CA HIS B 100 43.14 2.32 3.51
C HIS B 100 44.57 1.82 3.45
N ASP B 101 45.42 2.42 2.60
CA ASP B 101 46.84 2.09 2.57
C ASP B 101 47.05 0.60 2.25
N LEU B 102 46.70 0.26 1.00
CA LEU B 102 47.00 -1.09 0.52
C LEU B 102 48.51 -1.35 0.47
N CYS B 103 49.29 -0.31 0.15
CA CYS B 103 50.70 -0.52 -0.16
C CYS B 103 51.47 -1.09 1.04
N ALA B 104 51.36 -0.45 2.20
CA ALA B 104 52.13 -0.88 3.36
C ALA B 104 51.70 -2.25 3.87
N ALA B 105 50.39 -2.51 3.89
CA ALA B 105 49.90 -3.82 4.32
C ALA B 105 50.42 -4.92 3.40
N ALA B 106 50.36 -4.69 2.09
CA ALA B 106 50.91 -5.65 1.15
C ALA B 106 52.41 -5.82 1.35
N GLN B 107 53.11 -4.75 1.67
CA GLN B 107 54.55 -4.85 1.92
C GLN B 107 54.83 -5.72 3.15
N GLU B 108 53.96 -5.65 4.15
CA GLU B 108 54.12 -6.55 5.30
C GLU B 108 53.85 -8.00 4.93
N ASN B 109 52.96 -8.25 3.96
CA ASN B 109 52.59 -9.64 3.67
C ASN B 109 52.78 -10.00 2.19
N THR B 110 53.90 -9.59 1.60
CA THR B 110 54.22 -9.92 0.22
C THR B 110 54.07 -11.41 -0.08
N ARG B 111 54.62 -12.27 0.80
CA ARG B 111 54.54 -13.71 0.56
C ARG B 111 53.10 -14.19 0.51
N VAL B 112 52.21 -13.56 1.29
CA VAL B 112 50.80 -13.95 1.29
C VAL B 112 50.14 -13.50 0.00
N ILE B 113 50.35 -12.24 -0.39
CA ILE B 113 49.66 -11.72 -1.56
C ILE B 113 50.04 -12.51 -2.80
N VAL B 114 51.30 -12.92 -2.89
CA VAL B 114 51.73 -13.73 -4.02
C VAL B 114 50.91 -15.03 -4.10
N GLU B 115 50.66 -15.65 -2.95
CA GLU B 115 49.84 -16.87 -2.95
C GLU B 115 48.40 -16.57 -3.36
N MET B 116 47.83 -15.47 -2.87
CA MET B 116 46.44 -15.15 -3.19
C MET B 116 46.25 -14.94 -4.69
N ILE B 117 47.17 -14.21 -5.33
CA ILE B 117 47.00 -13.89 -6.74
C ILE B 117 47.25 -15.12 -7.58
N HIS B 118 46.33 -15.40 -8.49
CA HIS B 118 46.46 -16.47 -9.47
C HIS B 118 46.42 -15.88 -10.87
N PHE B 119 47.27 -16.39 -11.75
CA PHE B 119 47.22 -15.95 -13.15
C PHE B 119 45.86 -16.28 -13.77
N LYS B 120 45.36 -17.48 -13.53
CA LYS B 120 44.04 -17.88 -14.02
C LYS B 120 42.97 -16.93 -13.49
N ASP B 121 42.92 -16.77 -12.17
CA ASP B 121 41.97 -15.84 -11.56
C ASP B 121 42.18 -14.42 -12.05
N LEU B 122 43.42 -14.07 -12.40
CA LEU B 122 43.68 -12.74 -12.96
C LEU B 122 42.95 -12.55 -14.28
N LEU B 123 43.01 -13.54 -15.16
CA LEU B 123 42.35 -13.36 -16.45
C LEU B 123 40.83 -13.43 -16.35
N LEU B 124 40.29 -14.26 -15.46
CA LEU B 124 38.83 -14.42 -15.47
C LEU B 124 38.11 -13.19 -14.93
N HIS B 125 38.71 -12.46 -14.00
CA HIS B 125 38.01 -11.42 -13.24
C HIS B 125 38.75 -10.09 -13.36
N GLU B 126 38.05 -9.07 -13.87
CA GLU B 126 38.63 -7.73 -13.99
C GLU B 126 39.00 -7.10 -12.65
N PRO B 127 38.19 -7.20 -11.59
CA PRO B 127 38.62 -6.62 -10.30
C PRO B 127 39.98 -7.12 -9.84
N TYR B 128 40.32 -8.37 -10.15
CA TYR B 128 41.65 -8.87 -9.84
C TYR B 128 42.72 -8.09 -10.60
N VAL B 129 42.44 -7.74 -11.86
CA VAL B 129 43.38 -6.97 -12.64
C VAL B 129 43.63 -5.62 -11.99
N ASP B 130 42.57 -4.96 -11.54
CA ASP B 130 42.78 -3.69 -10.84
C ASP B 130 43.56 -3.88 -9.54
N LEU B 131 43.33 -4.98 -8.83
CA LEU B 131 44.08 -5.24 -7.60
C LEU B 131 45.59 -5.34 -7.86
N VAL B 132 45.97 -6.19 -8.83
CA VAL B 132 47.39 -6.37 -9.09
C VAL B 132 48.01 -5.08 -9.63
N ASN B 133 47.26 -4.34 -10.45
CA ASN B 133 47.79 -3.07 -10.95
C ASN B 133 48.07 -2.10 -9.81
N LEU B 134 47.17 -2.02 -8.83
CA LEU B 134 47.42 -1.15 -7.70
C LEU B 134 48.61 -1.65 -6.87
N LEU B 135 48.82 -2.96 -6.81
CA LEU B 135 50.00 -3.47 -6.12
C LEU B 135 51.29 -3.08 -6.83
N LEU B 136 51.28 -3.02 -8.17
CA LEU B 136 52.51 -2.71 -8.91
C LEU B 136 53.07 -1.34 -8.55
N THR B 137 52.19 -0.41 -8.14
CA THR B 137 52.62 0.91 -7.67
C THR B 137 52.64 1.00 -6.15
N CYS B 138 52.97 -0.10 -5.47
CA CYS B 138 53.01 -0.17 -4.02
C CYS B 138 54.35 -0.71 -3.54
N GLY B 139 55.44 -0.23 -4.13
CA GLY B 139 56.76 -0.67 -3.73
C GLY B 139 57.47 -1.51 -4.77
N GLU B 140 58.74 -1.18 -5.02
CA GLU B 140 59.52 -1.90 -6.03
C GLU B 140 59.73 -3.36 -5.63
N GLU B 141 60.01 -3.63 -4.35
CA GLU B 141 60.24 -5.00 -3.92
C GLU B 141 59.00 -5.86 -4.10
N VAL B 142 57.83 -5.32 -3.75
CA VAL B 142 56.59 -6.06 -3.93
C VAL B 142 56.29 -6.27 -5.41
N LYS B 143 56.46 -5.21 -6.21
CA LYS B 143 56.21 -5.32 -7.65
C LYS B 143 57.10 -6.38 -8.27
N GLU B 144 58.36 -6.44 -7.83
CA GLU B 144 59.27 -7.48 -8.28
C GLU B 144 58.74 -8.87 -7.90
N ALA B 145 58.28 -9.03 -6.65
CA ALA B 145 57.75 -10.32 -6.23
C ALA B 145 56.57 -10.75 -7.09
N ILE B 146 55.64 -9.82 -7.35
CA ILE B 146 54.47 -10.13 -8.16
C ILE B 146 54.91 -10.54 -9.57
N THR B 147 55.87 -9.81 -10.14
CA THR B 147 56.32 -10.15 -11.49
C THR B 147 56.89 -11.57 -11.54
N HIS B 148 57.70 -11.94 -10.54
CA HIS B 148 58.22 -13.31 -10.51
C HIS B 148 57.08 -14.32 -10.57
N SER B 149 56.10 -14.18 -9.67
CA SER B 149 55.04 -15.18 -9.60
C SER B 149 54.22 -15.21 -10.89
N VAL B 150 53.86 -14.04 -11.42
CA VAL B 150 52.95 -14.01 -12.55
C VAL B 150 53.61 -14.64 -13.77
N GLN B 151 54.90 -14.37 -13.99
CA GLN B 151 55.53 -14.98 -15.16
C GLN B 151 55.65 -16.48 -15.01
N VAL B 152 55.97 -16.98 -13.82
CA VAL B 152 56.11 -18.44 -13.70
C VAL B 152 54.76 -19.13 -13.91
N GLN B 153 53.70 -18.59 -13.30
CA GLN B 153 52.38 -19.20 -13.47
C GLN B 153 51.91 -19.13 -14.91
N CYS B 154 52.11 -17.99 -15.57
CA CYS B 154 51.74 -17.85 -16.97
C CYS B 154 52.55 -18.80 -17.84
N GLU B 155 53.84 -18.96 -17.55
CA GLU B 155 54.67 -19.86 -18.33
C GLU B 155 54.18 -21.30 -18.21
N GLN B 156 53.86 -21.73 -16.98
CA GLN B 156 53.37 -23.10 -16.82
C GLN B 156 52.04 -23.30 -17.53
N ASN B 157 51.12 -22.34 -17.41
CA ASN B 157 49.79 -22.54 -17.99
C ASN B 157 49.75 -22.38 -19.50
N TRP B 158 50.66 -21.58 -20.08
CA TRP B 158 50.61 -21.27 -21.50
C TRP B 158 51.76 -21.84 -22.32
N GLY B 159 52.74 -22.50 -21.70
CA GLY B 159 53.85 -23.03 -22.48
C GLY B 159 54.63 -21.94 -23.17
N SER B 160 54.98 -22.19 -24.44
CA SER B 160 55.81 -21.28 -25.21
C SER B 160 55.12 -19.95 -25.49
N LEU B 161 53.78 -19.90 -25.43
CA LEU B 161 53.07 -18.67 -25.70
C LEU B 161 53.42 -17.58 -24.71
N CYS B 162 53.58 -17.94 -23.42
CA CYS B 162 53.93 -16.95 -22.42
C CYS B 162 55.31 -16.36 -22.70
N SER B 163 56.27 -17.20 -23.06
CA SER B 163 57.61 -16.69 -23.40
C SER B 163 57.56 -15.81 -24.64
N ILE B 164 56.70 -16.15 -25.60
CA ILE B 164 56.54 -15.30 -26.79
C ILE B 164 56.02 -13.93 -26.38
N LEU B 165 55.00 -13.89 -25.53
CA LEU B 165 54.46 -12.61 -25.10
C LEU B 165 55.39 -11.86 -24.16
N SER B 166 56.19 -12.59 -23.38
CA SER B 166 57.17 -11.97 -22.47
C SER B 166 58.43 -11.67 -23.27
N PHE B 167 58.39 -10.56 -23.99
CA PHE B 167 59.48 -10.16 -24.88
C PHE B 167 60.77 -9.88 -24.11
N PRO C 1201 -22.25 -42.16 19.50
CA PRO C 1201 -22.31 -40.97 20.36
C PRO C 1201 -21.17 -39.99 20.09
N VAL C 1202 -21.41 -38.71 20.39
CA VAL C 1202 -20.44 -37.67 20.08
C VAL C 1202 -19.25 -37.76 21.02
N ASP C 1203 -18.05 -37.58 20.48
CA ASP C 1203 -16.81 -37.66 21.25
C ASP C 1203 -16.36 -36.27 21.66
N CYS C 1204 -16.33 -36.01 22.96
CA CYS C 1204 -15.76 -34.78 23.48
C CYS C 1204 -14.24 -34.84 23.59
N SER C 1205 -13.65 -36.00 23.29
CA SER C 1205 -12.21 -36.23 23.34
C SER C 1205 -11.67 -36.09 24.76
N ILE C 1206 -10.41 -36.46 24.96
CA ILE C 1206 -9.81 -36.32 26.29
C ILE C 1206 -9.72 -34.84 26.65
N PRO C 1207 -10.24 -34.43 27.80
CA PRO C 1207 -10.22 -33.00 28.14
C PRO C 1207 -8.81 -32.51 28.34
N ASP C 1208 -8.46 -31.41 27.66
CA ASP C 1208 -7.13 -30.84 27.74
C ASP C 1208 -7.06 -29.84 28.88
N HIS C 1209 -5.92 -29.16 29.00
CA HIS C 1209 -5.76 -28.11 30.00
C HIS C 1209 -6.69 -26.93 29.75
N HIS C 1210 -7.33 -26.86 28.58
CA HIS C 1210 -8.21 -25.75 28.26
C HIS C 1210 -9.55 -25.83 28.98
N GLN C 1211 -10.04 -27.04 29.26
CA GLN C 1211 -11.32 -27.16 29.96
C GLN C 1211 -11.24 -26.55 31.34
N VAL C 1212 -10.23 -26.95 32.12
CA VAL C 1212 -9.90 -26.33 33.39
C VAL C 1212 -8.40 -26.13 33.42
N TYR C 1213 -7.96 -24.93 33.79
CA TYR C 1213 -6.54 -24.64 33.87
C TYR C 1213 -5.95 -25.15 35.17
N ALA C 1214 -4.73 -25.70 35.08
CA ALA C 1214 -3.98 -26.18 36.23
C ALA C 1214 -4.74 -27.29 36.97
N ALA C 1215 -5.08 -28.33 36.22
CA ALA C 1215 -5.77 -29.47 36.83
C ALA C 1215 -5.51 -30.71 35.97
N SER C 1216 -5.69 -31.87 36.60
CA SER C 1216 -5.61 -33.13 35.89
C SER C 1216 -6.96 -33.82 35.91
N PHE C 1217 -7.24 -34.54 34.83
CA PHE C 1217 -8.56 -35.09 34.54
C PHE C 1217 -8.54 -36.60 34.58
N SER C 1218 -9.53 -37.19 35.27
CA SER C 1218 -9.72 -38.62 35.26
C SER C 1218 -11.06 -38.92 34.60
N CYS C 1219 -11.06 -39.88 33.67
CA CYS C 1219 -12.22 -40.22 32.85
C CYS C 1219 -12.51 -41.71 32.96
N PRO C 1220 -13.03 -42.15 34.11
CA PRO C 1220 -13.38 -43.57 34.26
C PRO C 1220 -14.46 -44.03 33.29
N GLU C 1221 -15.41 -43.16 32.95
CA GLU C 1221 -16.51 -43.51 32.07
C GLU C 1221 -16.21 -43.21 30.61
N GLY C 1222 -15.02 -42.71 30.30
CA GLY C 1222 -14.68 -42.36 28.94
C GLY C 1222 -14.96 -40.92 28.61
N THR C 1223 -14.89 -40.62 27.32
CA THR C 1223 -15.17 -39.27 26.83
C THR C 1223 -16.27 -39.27 25.78
N THR C 1224 -17.35 -39.99 26.04
CA THR C 1224 -18.49 -40.04 25.14
C THR C 1224 -19.69 -39.33 25.77
N PHE C 1225 -20.74 -39.14 24.96
CA PHE C 1225 -21.91 -38.41 25.42
C PHE C 1225 -22.47 -39.03 26.70
N GLY C 1226 -22.71 -38.19 27.70
CA GLY C 1226 -23.13 -38.65 29.00
C GLY C 1226 -22.00 -38.97 29.95
N SER C 1227 -20.75 -38.99 29.49
CA SER C 1227 -19.64 -39.24 30.38
C SER C 1227 -19.45 -38.07 31.34
N GLN C 1228 -18.76 -38.35 32.44
CA GLN C 1228 -18.43 -37.33 33.42
C GLN C 1228 -17.01 -37.55 33.89
N CYS C 1229 -16.14 -36.61 33.58
CA CYS C 1229 -14.74 -36.69 33.99
C CYS C 1229 -14.51 -35.77 35.18
N SER C 1230 -13.88 -36.31 36.22
CA SER C 1230 -13.67 -35.55 37.43
C SER C 1230 -12.27 -34.97 37.45
N PHE C 1231 -12.15 -33.70 37.84
CA PHE C 1231 -10.87 -33.01 37.79
C PHE C 1231 -10.38 -32.71 39.20
N GLN C 1232 -9.08 -32.86 39.39
CA GLN C 1232 -8.43 -32.47 40.63
C GLN C 1232 -7.46 -31.34 40.34
N CYS C 1233 -7.53 -30.29 41.15
CA CYS C 1233 -6.62 -29.17 41.02
C CYS C 1233 -5.23 -29.58 41.50
N ARG C 1234 -4.24 -29.38 40.64
CA ARG C 1234 -2.88 -29.74 41.00
C ARG C 1234 -2.33 -28.78 42.05
N HIS C 1235 -1.34 -29.27 42.80
CA HIS C 1235 -0.73 -28.44 43.83
C HIS C 1235 -0.06 -27.23 43.19
N PRO C 1236 -0.20 -26.03 43.79
CA PRO C 1236 -0.97 -25.71 44.99
C PRO C 1236 -2.36 -25.15 44.69
N ALA C 1237 -2.86 -25.30 43.47
CA ALA C 1237 -4.16 -24.75 43.11
C ALA C 1237 -5.26 -25.35 43.98
N GLN C 1238 -6.13 -24.49 44.51
CA GLN C 1238 -7.19 -24.91 45.40
C GLN C 1238 -8.52 -24.87 44.68
N LEU C 1239 -9.29 -25.95 44.81
CA LEU C 1239 -10.61 -26.02 44.19
C LEU C 1239 -11.57 -25.05 44.87
N LYS C 1240 -12.37 -24.36 44.06
CA LYS C 1240 -13.36 -23.42 44.58
C LYS C 1240 -14.68 -23.70 43.87
N GLY C 1241 -15.63 -24.28 44.59
CA GLY C 1241 -16.95 -24.57 44.07
C GLY C 1241 -17.63 -25.70 44.82
N ASN C 1242 -18.51 -26.40 44.11
CA ASN C 1242 -19.26 -27.52 44.67
C ASN C 1242 -19.25 -28.77 43.81
N ASN C 1243 -18.88 -28.68 42.53
CA ASN C 1243 -18.77 -29.82 41.64
C ASN C 1243 -17.42 -29.77 40.93
N SER C 1244 -16.90 -30.94 40.58
CA SER C 1244 -15.70 -31.02 39.76
C SER C 1244 -15.89 -32.01 38.62
N LEU C 1245 -17.12 -32.15 38.14
CA LEU C 1245 -17.45 -33.08 37.07
C LEU C 1245 -17.75 -32.30 35.80
N LEU C 1246 -17.10 -32.71 34.70
CA LEU C 1246 -17.40 -32.17 33.38
C LEU C 1246 -18.17 -33.23 32.61
N THR C 1247 -19.39 -32.87 32.19
CA THR C 1247 -20.20 -33.74 31.36
C THR C 1247 -19.87 -33.51 29.89
N CYS C 1248 -19.87 -34.59 29.11
CA CYS C 1248 -19.74 -34.50 27.66
C CYS C 1248 -21.12 -34.25 27.08
N MET C 1249 -21.35 -33.05 26.56
CA MET C 1249 -22.67 -32.61 26.14
C MET C 1249 -22.93 -32.94 24.68
N GLU C 1250 -24.20 -32.79 24.28
CA GLU C 1250 -24.64 -33.23 22.97
C GLU C 1250 -23.97 -32.45 21.84
N ASP C 1251 -23.59 -31.21 22.07
CA ASP C 1251 -23.00 -30.41 21.00
C ASP C 1251 -21.60 -30.88 20.62
N GLY C 1252 -21.00 -31.77 21.40
CA GLY C 1252 -19.64 -32.23 21.15
C GLY C 1252 -18.57 -31.52 21.93
N LEU C 1253 -18.93 -30.72 22.93
CA LEU C 1253 -17.98 -29.97 23.73
C LEU C 1253 -18.24 -30.24 25.20
N TRP C 1254 -17.17 -30.34 25.98
CA TRP C 1254 -17.31 -30.59 27.41
C TRP C 1254 -18.10 -29.47 28.06
N SER C 1255 -18.91 -29.84 29.05
CA SER C 1255 -19.78 -28.88 29.71
C SER C 1255 -18.94 -27.82 30.44
N PHE C 1256 -19.63 -26.78 30.90
CA PHE C 1256 -18.99 -25.77 31.73
C PHE C 1256 -18.58 -26.38 33.07
N PRO C 1257 -17.40 -26.05 33.58
CA PRO C 1257 -17.04 -26.47 34.95
C PRO C 1257 -17.74 -25.61 35.98
N GLU C 1258 -18.34 -26.27 36.98
CA GLU C 1258 -19.03 -25.57 38.05
C GLU C 1258 -18.08 -24.98 39.08
N ALA C 1259 -16.81 -25.36 39.06
CA ALA C 1259 -15.84 -24.87 40.01
C ALA C 1259 -14.55 -24.54 39.27
N LEU C 1260 -13.71 -23.73 39.90
CA LEU C 1260 -12.47 -23.32 39.28
C LEU C 1260 -11.29 -23.61 40.19
N CYS C 1261 -10.15 -23.92 39.58
CA CYS C 1261 -8.91 -24.18 40.30
C CYS C 1261 -8.20 -22.84 40.50
N GLU C 1262 -8.45 -22.21 41.64
CA GLU C 1262 -7.84 -20.93 41.93
C GLU C 1262 -6.36 -21.10 42.23
N LEU C 1263 -5.54 -20.27 41.60
CA LEU C 1263 -4.11 -20.25 41.86
C LEU C 1263 -3.80 -19.30 43.00
N MET C 1264 -2.98 -19.76 43.95
CA MET C 1264 -2.72 -18.99 45.15
C MET C 1264 -1.36 -19.37 45.71
N CYS C 1265 -0.76 -18.44 46.45
CA CYS C 1265 0.53 -18.64 47.09
C CYS C 1265 0.34 -18.66 48.60
N LEU C 1266 0.97 -19.64 49.25
CA LEU C 1266 0.90 -19.78 50.71
C LEU C 1266 1.81 -18.74 51.37
N ALA C 1267 2.01 -18.88 52.67
CA ALA C 1267 2.85 -17.94 53.40
C ALA C 1267 4.26 -17.94 52.83
N PRO C 1268 4.81 -16.78 52.48
CA PRO C 1268 6.15 -16.76 51.90
C PRO C 1268 7.18 -17.21 52.90
N PRO C 1269 8.26 -17.85 52.44
CA PRO C 1269 9.31 -18.28 53.36
C PRO C 1269 10.01 -17.08 53.99
N PRO C 1270 10.51 -17.23 55.21
CA PRO C 1270 11.22 -16.10 55.85
C PRO C 1270 12.59 -15.86 55.24
N VAL C 1271 12.74 -14.73 54.58
CA VAL C 1271 14.02 -14.38 53.96
C VAL C 1271 15.06 -14.13 55.06
N PRO C 1272 16.26 -14.71 54.96
CA PRO C 1272 17.27 -14.50 56.00
C PRO C 1272 17.63 -13.03 56.16
N ASN C 1273 17.81 -12.61 57.41
CA ASN C 1273 18.23 -11.26 57.75
C ASN C 1273 17.27 -10.20 57.20
N ALA C 1274 15.99 -10.55 57.07
CA ALA C 1274 14.97 -9.64 56.59
C ALA C 1274 13.71 -9.78 57.43
N ASP C 1275 12.98 -8.68 57.58
CA ASP C 1275 11.77 -8.60 58.39
C ASP C 1275 10.60 -8.25 57.50
N LEU C 1276 9.54 -9.05 57.57
CA LEU C 1276 8.36 -8.79 56.76
C LEU C 1276 7.68 -7.50 57.23
N GLN C 1277 7.33 -6.64 56.28
CA GLN C 1277 6.71 -5.37 56.59
C GLN C 1277 5.20 -5.38 56.42
N THR C 1278 4.67 -6.21 55.53
CA THR C 1278 3.24 -6.33 55.30
C THR C 1278 2.67 -7.38 56.23
N ALA C 1279 1.75 -6.97 57.12
CA ALA C 1279 1.16 -7.91 58.07
C ALA C 1279 0.31 -8.95 57.36
N ARG C 1280 -0.44 -8.55 56.33
CA ARG C 1280 -1.30 -9.48 55.62
C ARG C 1280 -0.51 -10.63 55.00
N CYS C 1281 0.79 -10.45 54.76
CA CYS C 1281 1.61 -11.51 54.19
C CYS C 1281 1.86 -12.64 55.18
N ARG C 1282 1.61 -12.42 56.48
CA ARG C 1282 1.78 -13.49 57.44
C ARG C 1282 0.74 -14.60 57.28
N GLU C 1283 -0.32 -14.35 56.51
CA GLU C 1283 -1.36 -15.35 56.28
C GLU C 1283 -0.87 -16.40 55.28
N ASN C 1284 -1.75 -17.37 55.00
CA ASN C 1284 -1.52 -18.38 53.99
C ASN C 1284 -2.49 -18.22 52.83
N LYS C 1285 -2.81 -16.98 52.48
CA LYS C 1285 -3.77 -16.68 51.42
C LYS C 1285 -3.25 -15.50 50.62
N HIS C 1286 -2.58 -15.78 49.50
CA HIS C 1286 -2.06 -14.74 48.62
C HIS C 1286 -2.33 -15.15 47.19
N LYS C 1287 -3.07 -14.33 46.46
CA LYS C 1287 -3.37 -14.60 45.06
C LYS C 1287 -2.15 -14.29 44.19
N VAL C 1288 -2.23 -14.71 42.93
CA VAL C 1288 -1.15 -14.47 41.99
C VAL C 1288 -0.97 -12.97 41.79
N GLY C 1289 0.28 -12.52 41.85
CA GLY C 1289 0.59 -11.12 41.71
C GLY C 1289 0.66 -10.32 43.00
N SER C 1290 0.34 -10.94 44.13
CA SER C 1290 0.40 -10.24 45.41
C SER C 1290 1.85 -9.91 45.76
N PHE C 1291 2.04 -8.71 46.31
CA PHE C 1291 3.35 -8.23 46.70
C PHE C 1291 3.54 -8.29 48.20
N CYS C 1292 4.73 -8.68 48.64
CA CYS C 1292 5.12 -8.69 50.04
C CYS C 1292 6.43 -7.92 50.19
N LYS C 1293 6.44 -6.95 51.09
CA LYS C 1293 7.60 -6.09 51.30
C LYS C 1293 8.41 -6.61 52.48
N TYR C 1294 9.73 -6.68 52.29
CA TYR C 1294 10.68 -7.08 53.32
C TYR C 1294 11.66 -5.94 53.55
N LYS C 1295 12.08 -5.78 54.80
CA LYS C 1295 13.09 -4.78 55.18
C LYS C 1295 14.29 -5.51 55.74
N CYS C 1296 15.45 -5.28 55.16
CA CYS C 1296 16.66 -5.95 55.65
C CYS C 1296 16.96 -5.52 57.08
N LYS C 1297 17.47 -6.46 57.87
CA LYS C 1297 17.84 -6.15 59.24
C LYS C 1297 19.03 -5.20 59.25
N PRO C 1298 19.20 -4.43 60.34
CA PRO C 1298 20.32 -3.48 60.39
C PRO C 1298 21.65 -4.18 60.19
N GLY C 1299 22.53 -3.51 59.44
CA GLY C 1299 23.77 -4.13 59.02
C GLY C 1299 23.67 -4.96 57.76
N TYR C 1300 22.53 -4.95 57.09
CA TYR C 1300 22.32 -5.72 55.87
C TYR C 1300 21.62 -4.85 54.82
N HIS C 1301 21.83 -5.21 53.56
CA HIS C 1301 21.21 -4.48 52.46
C HIS C 1301 20.94 -5.45 51.31
N VAL C 1302 20.02 -5.05 50.44
CA VAL C 1302 19.66 -5.87 49.28
C VAL C 1302 20.82 -5.91 48.31
N PRO C 1303 21.19 -7.06 47.75
CA PRO C 1303 22.20 -7.09 46.69
C PRO C 1303 21.71 -6.37 45.45
N GLY C 1304 22.67 -5.80 44.71
CA GLY C 1304 22.36 -5.05 43.51
C GLY C 1304 22.06 -3.59 43.75
N SER C 1305 21.97 -3.15 45.00
CA SER C 1305 21.74 -1.74 45.30
C SER C 1305 22.99 -0.93 44.99
N SER C 1306 22.78 0.28 44.48
CA SER C 1306 23.90 1.15 44.15
C SER C 1306 24.62 1.61 45.42
N ARG C 1307 25.89 1.96 45.25
CA ARG C 1307 26.67 2.47 46.38
C ARG C 1307 26.09 3.78 46.91
N LYS C 1308 25.62 4.65 46.00
CA LYS C 1308 25.07 5.93 46.41
C LYS C 1308 23.80 5.78 47.23
N SER C 1309 23.05 4.69 47.01
CA SER C 1309 21.77 4.49 47.72
C SER C 1309 21.62 3.00 47.99
N LYS C 1310 21.99 2.58 49.20
CA LYS C 1310 21.84 1.18 49.62
C LYS C 1310 20.41 0.94 50.05
N LYS C 1311 19.67 0.17 49.27
CA LYS C 1311 18.27 -0.13 49.57
C LYS C 1311 18.21 -1.24 50.61
N ARG C 1312 17.69 -0.91 51.80
CA ARG C 1312 17.49 -1.88 52.86
C ARG C 1312 16.13 -2.56 52.81
N ALA C 1313 15.30 -2.22 51.82
CA ALA C 1313 13.98 -2.81 51.66
C ALA C 1313 13.78 -3.26 50.22
N PHE C 1314 13.00 -4.32 50.06
CA PHE C 1314 12.70 -4.86 48.75
C PHE C 1314 11.31 -5.50 48.80
N LYS C 1315 10.87 -6.03 47.66
CA LYS C 1315 9.56 -6.67 47.57
C LYS C 1315 9.68 -7.95 46.76
N THR C 1316 8.73 -8.85 46.99
CA THR C 1316 8.61 -10.09 46.24
C THR C 1316 7.16 -10.27 45.81
N GLN C 1317 6.96 -11.02 44.72
CA GLN C 1317 5.64 -11.20 44.15
C GLN C 1317 5.30 -12.67 44.05
N CYS C 1318 4.04 -13.00 44.33
CA CYS C 1318 3.52 -14.35 44.16
C CYS C 1318 3.44 -14.65 42.66
N THR C 1319 4.38 -15.45 42.16
CA THR C 1319 4.41 -15.76 40.75
C THR C 1319 3.33 -16.80 40.41
N GLN C 1320 3.16 -17.03 39.11
CA GLN C 1320 2.01 -17.78 38.63
C GLN C 1320 2.03 -19.24 39.04
N ASP C 1321 3.22 -19.85 39.15
CA ASP C 1321 3.30 -21.27 39.47
C ASP C 1321 3.08 -21.57 40.95
N GLY C 1322 2.66 -20.58 41.75
CA GLY C 1322 2.37 -20.78 43.15
C GLY C 1322 3.54 -20.53 44.09
N SER C 1323 4.73 -20.28 43.57
CA SER C 1323 5.90 -20.01 44.40
C SER C 1323 6.05 -18.51 44.63
N TRP C 1324 7.18 -18.11 45.19
CA TRP C 1324 7.47 -16.71 45.47
C TRP C 1324 8.76 -16.30 44.76
N GLN C 1325 8.79 -15.06 44.26
CA GLN C 1325 10.00 -14.53 43.66
C GLN C 1325 11.08 -14.34 44.71
N GLU C 1326 12.31 -14.68 44.35
CA GLU C 1326 13.41 -14.67 45.30
C GLU C 1326 13.90 -13.25 45.57
N GLY C 1327 14.30 -13.03 46.82
CA GLY C 1327 14.91 -11.78 47.25
C GLY C 1327 15.76 -12.00 48.47
N ALA C 1328 16.89 -11.29 48.56
CA ALA C 1328 17.86 -11.52 49.62
C ALA C 1328 18.32 -10.19 50.22
N CYS C 1329 19.07 -10.30 51.31
CA CYS C 1329 19.62 -9.15 52.02
C CYS C 1329 21.09 -9.45 52.31
N VAL C 1330 21.99 -8.90 51.49
CA VAL C 1330 23.46 -9.08 51.70
C VAL C 1330 23.95 -8.03 52.71
N PRO C 1331 24.74 -8.42 53.74
CA PRO C 1331 25.22 -7.46 54.74
C PRO C 1331 26.04 -6.34 54.09
N GLY C 1395 61.98 1.24 53.43
CA GLY C 1395 63.32 1.38 52.88
C GLY C 1395 63.36 1.34 51.37
N GLN C 1396 63.76 0.20 50.81
CA GLN C 1396 63.85 0.00 49.38
C GLN C 1396 63.26 -1.36 49.04
N CYS C 1397 63.49 -1.83 47.82
CA CYS C 1397 63.03 -3.14 47.39
C CYS C 1397 64.06 -3.74 46.44
N SER C 1398 64.09 -5.07 46.41
CA SER C 1398 65.03 -5.77 45.54
C SER C 1398 64.67 -5.56 44.07
N VAL C 1399 65.70 -5.53 43.23
CA VAL C 1399 65.47 -5.41 41.79
C VAL C 1399 64.72 -6.65 41.31
N PRO C 1400 63.63 -6.50 40.55
CA PRO C 1400 62.88 -7.69 40.10
C PRO C 1400 63.66 -8.51 39.08
N ASN C 1401 64.65 -9.27 39.57
CA ASN C 1401 65.47 -10.09 38.69
C ASN C 1401 64.65 -11.18 38.02
N GLU C 1402 63.75 -11.82 38.77
CA GLU C 1402 62.92 -12.90 38.24
C GLU C 1402 61.69 -12.27 37.57
N LEU C 1403 61.80 -12.05 36.26
CA LEU C 1403 60.74 -11.44 35.48
C LEU C 1403 60.52 -12.24 34.21
N ASN C 1404 59.32 -12.13 33.67
CA ASN C 1404 59.01 -12.78 32.40
C ASN C 1404 59.74 -12.08 31.26
N SER C 1405 60.02 -12.84 30.20
CA SER C 1405 60.69 -12.28 29.03
C SER C 1405 59.85 -11.19 28.37
N ASN C 1406 58.54 -11.42 28.25
CA ASN C 1406 57.63 -10.44 27.68
C ASN C 1406 57.24 -9.35 28.65
N LEU C 1407 57.48 -9.55 29.96
CA LEU C 1407 57.08 -8.59 30.97
C LEU C 1407 58.22 -7.62 31.28
N LYS C 1408 57.86 -6.36 31.48
CA LYS C 1408 58.78 -5.27 31.75
C LYS C 1408 58.22 -4.45 32.91
N LEU C 1409 59.10 -3.98 33.78
CA LEU C 1409 58.69 -3.19 34.93
C LEU C 1409 59.34 -1.82 34.84
N GLN C 1410 58.53 -0.77 34.97
CA GLN C 1410 59.04 0.61 34.96
C GLN C 1410 58.86 1.21 36.34
N CYS C 1411 59.95 1.70 36.92
CA CYS C 1411 59.97 2.22 38.29
C CYS C 1411 60.53 3.64 38.29
N PRO C 1412 59.67 4.64 38.11
CA PRO C 1412 60.15 6.03 38.18
C PRO C 1412 60.54 6.48 39.57
N ASP C 1413 59.90 5.94 40.61
CA ASP C 1413 60.13 6.35 41.99
C ASP C 1413 61.11 5.44 42.72
N GLY C 1414 61.99 4.76 41.97
CA GLY C 1414 62.91 3.84 42.61
C GLY C 1414 62.19 2.60 43.11
N TYR C 1415 62.74 2.01 44.17
CA TYR C 1415 62.20 0.79 44.77
C TYR C 1415 61.77 0.98 46.21
N ALA C 1416 61.51 2.22 46.63
CA ALA C 1416 61.13 2.47 48.01
C ALA C 1416 59.83 1.73 48.36
N ILE C 1417 59.73 1.30 49.61
CA ILE C 1417 58.54 0.57 50.06
C ILE C 1417 57.32 1.46 49.89
N GLY C 1418 56.34 0.97 49.14
CA GLY C 1418 55.15 1.73 48.80
C GLY C 1418 55.16 2.31 47.40
N SER C 1419 56.32 2.38 46.76
CA SER C 1419 56.39 2.86 45.39
C SER C 1419 55.71 1.87 44.46
N GLU C 1420 55.08 2.41 43.41
CA GLU C 1420 54.30 1.63 42.46
C GLU C 1420 55.06 1.58 41.14
N CYS C 1421 55.36 0.36 40.69
CA CYS C 1421 56.03 0.15 39.42
C CYS C 1421 55.02 -0.36 38.40
N ALA C 1422 55.01 0.27 37.22
CA ALA C 1422 54.06 -0.07 36.19
C ALA C 1422 54.48 -1.35 35.48
N THR C 1423 53.55 -2.30 35.37
CA THR C 1423 53.76 -3.56 34.66
C THR C 1423 53.36 -3.37 33.21
N SER C 1424 54.29 -3.61 32.30
CA SER C 1424 54.07 -3.46 30.87
C SER C 1424 54.50 -4.73 30.17
N CYS C 1425 53.98 -4.95 28.97
CA CYS C 1425 54.32 -6.15 28.20
C CYS C 1425 55.02 -5.77 26.91
N LEU C 1426 55.85 -6.68 26.40
CA LEU C 1426 56.52 -6.44 25.14
C LEU C 1426 55.52 -6.28 24.00
N ASP C 1427 54.47 -7.11 24.00
CA ASP C 1427 53.39 -6.97 23.04
C ASP C 1427 52.43 -5.88 23.52
N HIS C 1428 52.19 -4.88 22.66
CA HIS C 1428 51.26 -3.82 23.01
C HIS C 1428 49.81 -4.29 23.06
N ASN C 1429 49.52 -5.48 22.52
CA ASN C 1429 48.21 -6.11 22.64
C ASN C 1429 48.27 -7.31 23.58
N SER C 1430 49.05 -7.19 24.64
CA SER C 1430 49.13 -8.19 25.70
C SER C 1430 48.97 -7.50 27.04
N GLU C 1431 48.27 -8.16 27.95
CA GLU C 1431 48.00 -7.60 29.27
C GLU C 1431 48.75 -8.38 30.34
N SER C 1432 49.33 -7.64 31.28
CA SER C 1432 50.01 -8.22 32.43
C SER C 1432 48.97 -8.60 33.48
N ILE C 1433 48.82 -9.90 33.73
CA ILE C 1433 47.79 -10.42 34.61
C ILE C 1433 48.36 -11.56 35.43
N ILE C 1434 47.57 -11.98 36.42
CA ILE C 1434 47.86 -13.13 37.26
C ILE C 1434 46.68 -14.08 37.18
N LEU C 1435 46.93 -15.30 36.73
CA LEU C 1435 45.89 -16.31 36.56
C LEU C 1435 45.69 -17.09 37.86
N PRO C 1436 44.55 -17.77 37.99
CA PRO C 1436 44.36 -18.65 39.16
C PRO C 1436 45.40 -19.76 39.19
N MET C 1437 45.68 -20.23 40.39
CA MET C 1437 46.76 -21.19 40.60
C MET C 1437 46.56 -22.47 39.81
N ASN C 1438 45.32 -22.83 39.50
CA ASN C 1438 45.02 -24.03 38.73
C ASN C 1438 45.08 -23.81 37.23
N VAL C 1439 45.34 -22.58 36.78
CA VAL C 1439 45.31 -22.24 35.36
C VAL C 1439 46.58 -21.50 35.00
N THR C 1440 47.35 -22.03 34.05
CA THR C 1440 48.54 -21.37 33.55
C THR C 1440 48.16 -20.53 32.32
N VAL C 1441 49.18 -20.09 31.57
CA VAL C 1441 48.96 -19.21 30.43
C VAL C 1441 48.06 -19.89 29.39
N ARG C 1442 48.33 -21.16 29.09
CA ARG C 1442 47.58 -21.88 28.07
C ARG C 1442 46.42 -22.69 28.62
N ASP C 1443 46.13 -22.58 29.92
CA ASP C 1443 45.05 -23.34 30.55
C ASP C 1443 43.79 -22.53 30.76
N ILE C 1444 43.69 -21.34 30.17
CA ILE C 1444 42.59 -20.43 30.46
C ILE C 1444 41.29 -20.97 29.89
N PRO C 1445 40.27 -21.19 30.71
CA PRO C 1445 38.96 -21.58 30.19
C PRO C 1445 38.23 -20.38 29.62
N HIS C 1446 37.20 -20.67 28.82
CA HIS C 1446 36.41 -19.61 28.22
C HIS C 1446 35.63 -18.80 29.24
N TRP C 1447 35.33 -19.38 30.40
CA TRP C 1447 34.49 -18.74 31.40
C TRP C 1447 35.27 -17.94 32.44
N LEU C 1448 36.60 -18.01 32.42
CA LEU C 1448 37.42 -17.35 33.43
C LEU C 1448 37.87 -15.99 32.93
N ASN C 1449 37.68 -14.97 33.76
CA ASN C 1449 38.21 -13.63 33.49
C ASN C 1449 39.35 -13.35 34.46
N PRO C 1450 40.61 -13.46 34.02
CA PRO C 1450 41.73 -13.18 34.91
C PRO C 1450 41.67 -11.79 35.51
N THR C 1451 42.49 -11.60 36.54
CA THR C 1451 42.59 -10.32 37.24
C THR C 1451 43.59 -9.44 36.52
N ARG C 1452 43.14 -8.26 36.07
CA ARG C 1452 44.05 -7.30 35.45
C ARG C 1452 44.97 -6.69 36.50
N VAL C 1453 46.26 -6.64 36.19
CA VAL C 1453 47.26 -6.06 37.07
C VAL C 1453 47.95 -4.91 36.34
N GLU C 1454 47.99 -3.75 36.97
CA GLU C 1454 48.59 -2.56 36.39
C GLU C 1454 49.87 -2.13 37.08
N ARG C 1455 49.91 -2.13 38.41
CA ARG C 1455 51.07 -1.69 39.15
C ARG C 1455 51.37 -2.67 40.27
N VAL C 1456 52.63 -2.70 40.70
CA VAL C 1456 53.07 -3.54 41.80
C VAL C 1456 53.67 -2.65 42.88
N VAL C 1457 53.41 -3.02 44.14
CA VAL C 1457 53.84 -2.26 45.31
C VAL C 1457 54.66 -3.17 46.21
N CYS C 1458 55.84 -2.70 46.60
CA CYS C 1458 56.66 -3.43 47.56
C CYS C 1458 56.24 -3.06 48.98
N THR C 1459 55.90 -4.07 49.77
CA THR C 1459 55.37 -3.84 51.11
C THR C 1459 56.51 -3.64 52.10
N ALA C 1460 56.14 -3.47 53.37
CA ALA C 1460 57.12 -3.29 54.44
C ALA C 1460 57.95 -4.53 54.69
N GLY C 1461 57.58 -5.68 54.13
CA GLY C 1461 58.30 -6.91 54.28
C GLY C 1461 59.43 -7.11 53.30
N LEU C 1462 59.84 -6.05 52.60
CA LEU C 1462 60.94 -6.08 51.63
C LEU C 1462 60.63 -6.98 50.44
N LYS C 1463 59.35 -7.20 50.14
CA LYS C 1463 58.93 -8.09 49.07
C LYS C 1463 57.97 -7.38 48.13
N TRP C 1464 58.10 -7.68 46.84
CA TRP C 1464 57.18 -7.12 45.85
C TRP C 1464 55.81 -7.76 45.97
N TYR C 1465 54.76 -6.94 45.91
CA TYR C 1465 53.40 -7.46 45.97
C TYR C 1465 52.52 -6.78 44.92
N PRO C 1466 51.92 -7.54 44.00
CA PRO C 1466 52.05 -9.00 43.82
C PRO C 1466 53.42 -9.38 43.28
N HIS C 1467 53.87 -10.60 43.51
CA HIS C 1467 55.20 -11.00 43.10
C HIS C 1467 55.32 -11.00 41.57
N PRO C 1468 56.44 -10.53 41.02
CA PRO C 1468 56.58 -10.52 39.55
C PRO C 1468 56.50 -11.90 38.93
N ALA C 1469 56.93 -12.94 39.63
CA ALA C 1469 56.90 -14.29 39.09
C ALA C 1469 55.47 -14.78 38.83
N LEU C 1470 54.49 -14.23 39.54
CA LEU C 1470 53.10 -14.62 39.34
C LEU C 1470 52.43 -13.90 38.19
N ILE C 1471 53.09 -12.90 37.60
CA ILE C 1471 52.52 -12.09 36.52
C ILE C 1471 53.06 -12.61 35.21
N HIS C 1472 52.16 -13.00 34.31
CA HIS C 1472 52.54 -13.44 32.98
C HIS C 1472 51.76 -12.66 31.94
N CYS C 1473 52.45 -12.18 30.92
CA CYS C 1473 51.83 -11.35 29.89
C CYS C 1473 51.00 -12.23 28.97
N VAL C 1474 49.69 -12.26 29.20
CA VAL C 1474 48.81 -13.07 28.38
C VAL C 1474 48.28 -12.21 27.24
N LYS C 1475 48.15 -12.82 26.06
CA LYS C 1475 47.76 -12.10 24.87
C LYS C 1475 46.43 -11.39 25.07
N GLY C 1476 46.45 -10.06 25.04
CA GLY C 1476 45.22 -9.30 25.07
C GLY C 1476 44.50 -9.35 23.73
N CYS C 1477 43.19 -9.20 23.78
CA CYS C 1477 42.38 -9.32 22.58
C CYS C 1477 42.57 -8.12 21.65
N GLU C 1478 42.44 -8.38 20.36
CA GLU C 1478 42.64 -7.37 19.34
C GLU C 1478 41.48 -6.37 19.34
N PRO C 1479 41.68 -5.18 18.75
CA PRO C 1479 40.62 -4.16 18.73
C PRO C 1479 39.39 -4.57 17.92
N PHE C 1480 39.37 -5.79 17.40
CA PHE C 1480 38.24 -6.25 16.59
C PHE C 1480 36.98 -6.49 17.41
N MET C 1481 36.94 -6.09 18.68
CA MET C 1481 35.72 -6.24 19.47
C MET C 1481 34.61 -5.38 18.89
N GLY C 1482 33.42 -5.97 18.76
CA GLY C 1482 32.25 -5.22 18.35
C GLY C 1482 32.22 -4.76 16.91
N ASP C 1483 32.94 -5.45 16.01
CA ASP C 1483 32.94 -5.10 14.60
C ASP C 1483 32.11 -6.05 13.75
N ASN C 1484 31.19 -6.80 14.38
CA ASN C 1484 30.35 -7.81 13.76
C ASN C 1484 31.13 -8.99 13.21
N TYR C 1485 32.45 -9.04 13.42
CA TYR C 1485 33.29 -10.15 12.99
C TYR C 1485 33.64 -10.99 14.19
N CYS C 1486 33.04 -12.17 14.29
CA CYS C 1486 33.33 -13.10 15.39
C CYS C 1486 34.69 -13.74 15.14
N ASP C 1487 35.72 -13.22 15.80
CA ASP C 1487 37.06 -13.79 15.73
C ASP C 1487 37.37 -14.55 17.01
N ALA C 1488 38.05 -15.68 16.85
CA ALA C 1488 38.23 -16.62 17.96
C ALA C 1488 39.03 -16.00 19.11
N ILE C 1489 40.05 -15.20 18.78
CA ILE C 1489 40.95 -14.68 19.82
C ILE C 1489 40.19 -13.82 20.82
N ASN C 1490 39.32 -12.94 20.34
CA ASN C 1490 38.57 -12.08 21.25
C ASN C 1490 37.36 -12.78 21.85
N ASN C 1491 37.04 -14.00 21.42
CA ASN C 1491 35.88 -14.72 21.93
C ASN C 1491 36.25 -15.40 23.25
N ARG C 1492 36.35 -14.58 24.29
CA ARG C 1492 36.65 -15.10 25.62
C ARG C 1492 36.11 -14.11 26.66
N ALA C 1493 35.90 -14.63 27.87
CA ALA C 1493 35.31 -13.83 28.94
C ALA C 1493 36.24 -12.70 29.40
N PHE C 1494 37.53 -12.77 29.03
CA PHE C 1494 38.45 -11.71 29.43
C PHE C 1494 38.01 -10.35 28.89
N CYS C 1495 37.52 -10.30 27.65
CA CYS C 1495 37.01 -9.06 27.06
C CYS C 1495 35.71 -9.34 26.31
N ASN C 1496 34.60 -9.21 27.03
CA ASN C 1496 33.26 -9.01 26.47
C ASN C 1496 32.89 -10.04 25.41
N TYR C 1497 33.59 -11.18 25.39
CA TYR C 1497 33.40 -12.19 24.34
C TYR C 1497 33.36 -11.52 22.97
N ASP C 1498 34.48 -10.87 22.62
CA ASP C 1498 34.61 -10.19 21.33
C ASP C 1498 33.52 -9.16 21.13
N GLY C 1499 33.08 -8.53 22.23
CA GLY C 1499 32.03 -7.53 22.15
C GLY C 1499 30.72 -8.07 21.61
N GLY C 1500 30.40 -9.33 21.91
CA GLY C 1500 29.12 -9.88 21.49
C GLY C 1500 29.02 -10.26 20.04
N ASP C 1501 30.12 -10.21 19.29
CA ASP C 1501 30.08 -10.57 17.88
C ASP C 1501 29.74 -12.05 17.70
N CYS C 1502 30.29 -12.91 18.55
CA CYS C 1502 30.19 -14.35 18.33
C CYS C 1502 28.82 -14.93 18.69
N CYS C 1503 28.03 -14.24 19.50
CA CYS C 1503 26.71 -14.72 19.89
C CYS C 1503 25.64 -13.95 19.14
N THR C 1504 24.67 -14.67 18.59
CA THR C 1504 23.73 -14.08 17.63
C THR C 1504 22.91 -12.98 18.26
N SER C 1505 22.39 -13.20 19.47
CA SER C 1505 21.53 -12.20 20.11
C SER C 1505 22.31 -10.93 20.43
N THR C 1506 23.57 -11.07 20.85
CA THR C 1506 24.35 -9.91 21.27
C THR C 1506 24.80 -9.06 20.10
N VAL C 1507 25.08 -9.67 18.95
CA VAL C 1507 25.62 -8.92 17.82
C VAL C 1507 24.55 -8.04 17.22
N LYS C 1508 24.97 -6.91 16.63
CA LYS C 1508 24.03 -5.95 16.08
C LYS C 1508 23.42 -6.45 14.77
N THR C 1509 24.23 -7.06 13.91
CA THR C 1509 23.76 -7.50 12.60
C THR C 1509 22.90 -8.76 12.68
N LYS C 1510 22.80 -9.39 13.85
CA LYS C 1510 21.98 -10.58 14.06
C LYS C 1510 22.41 -11.75 13.18
N LYS C 1511 23.59 -11.67 12.58
CA LYS C 1511 24.17 -12.78 11.84
C LYS C 1511 25.63 -12.92 12.24
N VAL C 1512 26.12 -14.15 12.23
CA VAL C 1512 27.45 -14.47 12.71
C VAL C 1512 28.30 -14.87 11.51
N THR C 1513 29.30 -14.04 11.20
CA THR C 1513 30.24 -14.31 10.11
C THR C 1513 31.64 -14.40 10.71
N PRO C 1514 32.12 -15.60 11.04
CA PRO C 1514 33.42 -15.72 11.70
C PRO C 1514 34.56 -15.21 10.82
N PHE C 1515 35.54 -14.58 11.46
CA PHE C 1515 36.74 -14.13 10.78
C PHE C 1515 37.95 -14.88 11.31
N PRO C 1516 38.73 -15.55 10.46
CA PRO C 1516 38.50 -15.74 9.02
C PRO C 1516 37.37 -16.74 8.80
N MET C 1517 36.99 -17.00 7.55
CA MET C 1517 35.92 -17.95 7.29
C MET C 1517 36.23 -19.33 7.83
N SER C 1518 37.51 -19.72 7.81
CA SER C 1518 37.90 -21.07 8.21
C SER C 1518 37.60 -21.37 9.67
N CYS C 1519 37.41 -20.34 10.50
CA CYS C 1519 37.06 -20.56 11.88
C CYS C 1519 35.74 -21.32 11.98
N ASP C 1520 35.71 -22.37 12.79
CA ASP C 1520 34.55 -23.24 12.88
C ASP C 1520 33.46 -22.57 13.70
N LEU C 1521 32.24 -22.53 13.15
CA LEU C 1521 31.09 -22.04 13.91
C LEU C 1521 30.72 -22.99 15.05
N GLN C 1522 31.14 -24.26 14.97
CA GLN C 1522 30.97 -25.22 16.05
C GLN C 1522 32.21 -25.33 16.92
N GLY C 1523 33.23 -24.51 16.68
CA GLY C 1523 34.46 -24.58 17.45
C GLY C 1523 34.77 -23.34 18.25
N ASP C 1524 35.92 -22.72 17.97
CA ASP C 1524 36.34 -21.56 18.73
C ASP C 1524 35.39 -20.37 18.52
N CYS C 1525 34.89 -20.20 17.31
CA CYS C 1525 34.00 -19.09 16.98
C CYS C 1525 32.56 -19.36 17.39
N ALA C 1526 32.28 -20.47 18.06
CA ALA C 1526 30.94 -20.73 18.57
C ALA C 1526 30.59 -19.72 19.66
N CYS C 1527 29.29 -19.44 19.79
CA CYS C 1527 28.82 -18.54 20.82
C CYS C 1527 29.21 -19.05 22.21
N ARG C 1528 30.12 -18.34 22.88
CA ARG C 1528 30.62 -18.76 24.17
C ARG C 1528 30.09 -17.92 25.32
N ASP C 1529 29.43 -16.80 25.05
CA ASP C 1529 28.90 -15.96 26.11
C ASP C 1529 27.73 -16.68 26.78
N PRO C 1530 27.78 -16.93 28.09
CA PRO C 1530 26.67 -17.62 28.76
C PRO C 1530 25.42 -16.77 28.91
N GLN C 1531 25.50 -15.47 28.67
CA GLN C 1531 24.35 -14.58 28.77
C GLN C 1531 23.54 -14.50 27.49
N ALA C 1532 23.92 -15.23 26.45
CA ALA C 1532 23.16 -15.24 25.22
C ALA C 1532 21.82 -15.96 25.41
N GLN C 1533 20.81 -15.50 24.68
CA GLN C 1533 19.49 -16.12 24.75
C GLN C 1533 19.53 -17.59 24.34
N GLU C 1534 20.46 -17.96 23.47
CA GLU C 1534 20.62 -19.37 23.12
C GLU C 1534 21.13 -20.18 24.32
N HIS C 1535 21.87 -19.54 25.23
CA HIS C 1535 22.31 -20.19 26.46
C HIS C 1535 21.29 -20.09 27.58
N SER C 1536 20.22 -19.33 27.39
CA SER C 1536 19.19 -19.19 28.42
C SER C 1536 18.10 -20.24 28.25
C1 NAG D . 3.82 23.85 -8.37
C2 NAG D . 3.92 25.32 -8.71
C3 NAG D . 5.37 25.75 -8.81
C4 NAG D . 6.14 25.36 -7.55
C5 NAG D . 5.95 23.87 -7.27
C6 NAG D . 6.57 23.43 -5.96
C7 NAG D . 1.95 26.07 -9.97
C8 NAG D . 1.37 26.29 -11.34
N2 NAG D . 3.20 25.60 -9.94
O3 NAG D . 5.44 27.17 -8.97
O4 NAG D . 7.52 25.61 -7.72
O5 NAG D . 4.54 23.59 -7.15
O6 NAG D . 5.85 23.91 -4.84
O7 NAG D . 1.33 26.35 -8.94
C1 NAG E . 20.32 22.67 -43.40
C2 NAG E . 21.50 23.01 -44.30
C3 NAG E . 21.27 24.35 -45.00
C4 NAG E . 19.93 24.35 -45.72
C5 NAG E . 18.81 23.94 -44.76
C6 NAG E . 17.47 23.79 -45.43
C7 NAG E . 23.55 21.98 -43.43
C8 NAG E . 24.79 22.19 -42.60
N2 NAG E . 22.74 23.04 -43.54
O3 NAG E . 22.32 24.61 -45.93
O4 NAG E . 19.64 25.65 -46.24
O5 NAG E . 19.12 22.66 -44.18
O6 NAG E . 17.07 25.02 -46.03
O7 NAG E . 23.32 20.92 -43.99
C1 NAG F . 12.56 0.90 -38.89
C2 NAG F . 12.19 -0.55 -38.69
C3 NAG F . 13.17 -1.44 -39.46
C4 NAG F . 13.18 -0.98 -40.92
C5 NAG F . 13.38 0.54 -41.01
C6 NAG F . 13.26 1.09 -42.42
C7 NAG F . 11.25 -1.39 -36.53
C8 NAG F . 10.20 -2.14 -37.31
N2 NAG F . 12.22 -0.77 -37.25
O3 NAG F . 12.75 -2.80 -39.43
O4 NAG F . 14.20 -1.65 -41.68
O5 NAG F . 12.41 1.23 -40.22
O6 NAG F . 11.88 1.27 -42.74
O7 NAG F . 11.29 -1.44 -35.30
C1 NAG G . 8.07 27.36 -30.94
C2 NAG G . 8.48 28.69 -30.38
C3 NAG G . 9.81 28.57 -29.63
C4 NAG G . 9.70 27.47 -28.59
C5 NAG G . 9.19 26.18 -29.24
C6 NAG G . 8.96 25.04 -28.25
C7 NAG G . 9.31 29.62 -32.52
C8 NAG G . 9.24 30.78 -33.47
N2 NAG G . 8.56 29.72 -31.42
O3 NAG G . 10.14 29.80 -29.00
O4 NAG G . 10.97 27.21 -27.99
O5 NAG G . 7.94 26.41 -29.90
O6 NAG G . 9.05 23.78 -28.90
O7 NAG G . 10.10 28.68 -32.71
C1 NAG H . -33.08 14.54 -32.77
C2 NAG H . -33.65 13.20 -32.30
C3 NAG H . -35.16 13.15 -32.54
C4 NAG H . -35.85 14.36 -31.93
C5 NAG H . -35.20 15.64 -32.45
C6 NAG H . -35.76 16.88 -31.80
C7 NAG H . -31.81 11.58 -32.53
C8 NAG H . -31.28 10.43 -33.31
N2 NAG H . -32.99 12.08 -32.93
O3 NAG H . -35.68 11.95 -31.97
O4 NAG H . -37.23 14.36 -32.27
O5 NAG H . -33.79 15.63 -32.16
O6 NAG H . -35.21 18.07 -32.37
O7 NAG H . -31.21 12.06 -31.57
C1 NAG I . -31.57 -5.47 -27.46
C2 NAG I . -33.04 -5.11 -27.29
C3 NAG I . -33.92 -6.29 -27.72
C4 NAG I . -33.55 -6.77 -29.11
C5 NAG I . -32.06 -7.08 -29.15
C6 NAG I . -31.56 -7.49 -30.53
C7 NAG I . -33.17 -3.49 -25.45
C8 NAG I . -33.51 -3.29 -24.00
N2 NAG I . -33.32 -4.74 -25.91
O3 NAG I . -35.29 -5.87 -27.71
O4 NAG I . -34.28 -7.95 -29.44
O5 NAG I . -31.32 -5.91 -28.80
O6 NAG I . -30.17 -7.76 -30.52
O7 NAG I . -32.81 -2.58 -26.18
C1 NAG J . 7.94 21.36 8.75
C2 NAG J . 8.90 22.24 7.97
C3 NAG J . 10.29 22.21 8.60
C4 NAG J . 10.18 22.57 10.08
C5 NAG J . 9.12 21.70 10.77
C6 NAG J . 8.86 22.07 12.21
C7 NAG J . 9.26 20.66 6.11
C8 NAG J . 9.22 20.50 4.62
N2 NAG J . 8.93 21.87 6.57
O3 NAG J . 11.15 23.13 7.94
O4 NAG J . 11.43 22.39 10.74
O5 NAG J . 7.87 21.81 10.09
O6 NAG J . 7.91 21.19 12.80
O7 NAG J . 9.68 19.76 6.84
ZN ZN K . -10.28 3.45 -32.41
CA CA L . 13.49 0.85 -28.42
CA CA M . -22.78 -4.27 -28.55
CA CA N . 29.67 10.25 -36.99
CA CA O . -3.52 9.69 -11.57
CA CA P . -43.74 -1.88 -4.40
CA CA Q . -32.80 -0.91 -0.56
CA CA R . -26.68 -20.30 0.16
C1 NAG S . -23.51 -28.59 46.94
C2 NAG S . -24.95 -28.14 46.87
C3 NAG S . -25.77 -28.81 47.98
C4 NAG S . -25.56 -30.32 47.96
C5 NAG S . -24.06 -30.64 47.97
C6 NAG S . -23.73 -32.11 47.89
C7 NAG S . -25.23 -25.89 45.93
C8 NAG S . -25.28 -24.43 46.23
N2 NAG S . -25.03 -26.70 46.98
O3 NAG S . -27.15 -28.52 47.79
O4 NAG S . -26.17 -30.93 49.10
O5 NAG S . -23.44 -30.00 46.85
O6 NAG S . -22.33 -32.32 47.99
O7 NAG S . -25.46 -26.35 44.80
CA CA T . 35.47 -9.21 16.55
#